data_1JOB
# 
_entry.id   1JOB 
# 
_audit_conform.dict_name       mmcif_pdbx.dic 
_audit_conform.dict_version    5.376 
_audit_conform.dict_location   http://mmcif.pdb.org/dictionaries/ascii/mmcif_pdbx.dic 
# 
loop_
_database_2.database_id 
_database_2.database_code 
_database_2.pdbx_database_accession 
_database_2.pdbx_DOI 
PDB   1JOB         pdb_00001job 10.2210/pdb1job/pdb 
RCSB  RCSB014000   ?            ?                   
WWPDB D_1000014000 ?            ?                   
# 
loop_
_pdbx_database_related.db_name 
_pdbx_database_related.db_id 
_pdbx_database_related.details 
_pdbx_database_related.content_type 
PDB 1F35 'Crystal Structure of Murine Olfactory Marker Protein at 2.3 Angstroms'     unspecified 
PDB 1JOD 'Crystal Structure of Murine Olfactory Marker Protein in spacegroup P43212' unspecified 
# 
_pdbx_database_status.status_code                     REL 
_pdbx_database_status.entry_id                        1JOB 
_pdbx_database_status.recvd_initial_deposition_date   2001-07-27 
_pdbx_database_status.deposit_site                    RCSB 
_pdbx_database_status.process_site                    RCSB 
_pdbx_database_status.status_code_sf                  REL 
_pdbx_database_status.SG_entry                        . 
_pdbx_database_status.pdb_format_compatible           Y 
_pdbx_database_status.status_code_mr                  ? 
_pdbx_database_status.status_code_cs                  ? 
_pdbx_database_status.methods_development_category    ? 
_pdbx_database_status.status_code_nmr_data            ? 
# 
loop_
_audit_author.name 
_audit_author.pdbx_ordinal 
'Smith, P.'  1 
'Hunt, J.F.' 2 
# 
_citation.id                        primary 
_citation.title                     'The crystal structure of the olfactory marker protein at 2.3 A resolution.' 
_citation.journal_abbrev            J.Mol.Biol. 
_citation.journal_volume            319 
_citation.page_first                807 
_citation.page_last                 821 
_citation.year                      2002 
_citation.journal_id_ASTM           JMOBAK 
_citation.country                   UK 
_citation.journal_id_ISSN           0022-2836 
_citation.journal_id_CSD            0070 
_citation.book_publisher            ? 
_citation.pdbx_database_id_PubMed   12054872 
_citation.pdbx_database_id_DOI      '10.1016/S0022-2836(02)00242-5' 
# 
loop_
_citation_author.citation_id 
_citation_author.name 
_citation_author.ordinal 
_citation_author.identifier_ORCID 
primary 'Smith, P.C.'   1 ? 
primary 'Firestein, S.' 2 ? 
primary 'Hunt, J.F.'    3 ? 
# 
_cell.entry_id           1JOB 
_cell.length_a           86.327 
_cell.length_b           86.327 
_cell.length_c           71.574 
_cell.angle_alpha        90.00 
_cell.angle_beta         90.00 
_cell.angle_gamma        120.00 
_cell.Z_PDB              6 
_cell.pdbx_unique_axis   ? 
# 
_symmetry.entry_id                         1JOB 
_symmetry.space_group_name_H-M             'P 31 2 1' 
_symmetry.pdbx_full_space_group_name_H-M   ? 
_symmetry.cell_setting                     ? 
_symmetry.Int_Tables_number                152 
# 
loop_
_entity.id 
_entity.type 
_entity.src_method 
_entity.pdbx_description 
_entity.formula_weight 
_entity.pdbx_number_of_molecules 
_entity.pdbx_ec 
_entity.pdbx_mutation 
_entity.pdbx_fragment 
_entity.details 
1 polymer     man 'Olfactory Marker Protein' 18757.301 1   ? ? ? ? 
2 non-polymer syn 'ZINC ION'                 65.409    6   ? ? ? ? 
3 water       nat water                      18.015    158 ? ? ? ? 
# 
_entity_poly.entity_id                      1 
_entity_poly.type                           'polypeptide(L)' 
_entity_poly.nstd_linkage                   no 
_entity_poly.nstd_monomer                   no 
_entity_poly.pdbx_seq_one_letter_code       
;AEDGPQKQQLEMPLVLDQDLTQQMRLRVESLKQRGEKKQDGEKLIRPAESVYRLDFIQQQKLQFDHWNVVLDKPGKVTIT
GTSQNWTPDLTNLMTRQLLDPAAIFWRKEDSDAMDWNEADALEFGERLSDLAKIRKVMYFLITFGEGVEPANLKASVVFN
QL
;
_entity_poly.pdbx_seq_one_letter_code_can   
;AEDGPQKQQLEMPLVLDQDLTQQMRLRVESLKQRGEKKQDGEKLIRPAESVYRLDFIQQQKLQFDHWNVVLDKPGKVTIT
GTSQNWTPDLTNLMTRQLLDPAAIFWRKEDSDAMDWNEADALEFGERLSDLAKIRKVMYFLITFGEGVEPANLKASVVFN
QL
;
_entity_poly.pdbx_strand_id                 A 
_entity_poly.pdbx_target_identifier         ? 
# 
loop_
_entity_poly_seq.entity_id 
_entity_poly_seq.num 
_entity_poly_seq.mon_id 
_entity_poly_seq.hetero 
1 1   ALA n 
1 2   GLU n 
1 3   ASP n 
1 4   GLY n 
1 5   PRO n 
1 6   GLN n 
1 7   LYS n 
1 8   GLN n 
1 9   GLN n 
1 10  LEU n 
1 11  GLU n 
1 12  MET n 
1 13  PRO n 
1 14  LEU n 
1 15  VAL n 
1 16  LEU n 
1 17  ASP n 
1 18  GLN n 
1 19  ASP n 
1 20  LEU n 
1 21  THR n 
1 22  GLN n 
1 23  GLN n 
1 24  MET n 
1 25  ARG n 
1 26  LEU n 
1 27  ARG n 
1 28  VAL n 
1 29  GLU n 
1 30  SER n 
1 31  LEU n 
1 32  LYS n 
1 33  GLN n 
1 34  ARG n 
1 35  GLY n 
1 36  GLU n 
1 37  LYS n 
1 38  LYS n 
1 39  GLN n 
1 40  ASP n 
1 41  GLY n 
1 42  GLU n 
1 43  LYS n 
1 44  LEU n 
1 45  ILE n 
1 46  ARG n 
1 47  PRO n 
1 48  ALA n 
1 49  GLU n 
1 50  SER n 
1 51  VAL n 
1 52  TYR n 
1 53  ARG n 
1 54  LEU n 
1 55  ASP n 
1 56  PHE n 
1 57  ILE n 
1 58  GLN n 
1 59  GLN n 
1 60  GLN n 
1 61  LYS n 
1 62  LEU n 
1 63  GLN n 
1 64  PHE n 
1 65  ASP n 
1 66  HIS n 
1 67  TRP n 
1 68  ASN n 
1 69  VAL n 
1 70  VAL n 
1 71  LEU n 
1 72  ASP n 
1 73  LYS n 
1 74  PRO n 
1 75  GLY n 
1 76  LYS n 
1 77  VAL n 
1 78  THR n 
1 79  ILE n 
1 80  THR n 
1 81  GLY n 
1 82  THR n 
1 83  SER n 
1 84  GLN n 
1 85  ASN n 
1 86  TRP n 
1 87  THR n 
1 88  PRO n 
1 89  ASP n 
1 90  LEU n 
1 91  THR n 
1 92  ASN n 
1 93  LEU n 
1 94  MET n 
1 95  THR n 
1 96  ARG n 
1 97  GLN n 
1 98  LEU n 
1 99  LEU n 
1 100 ASP n 
1 101 PRO n 
1 102 ALA n 
1 103 ALA n 
1 104 ILE n 
1 105 PHE n 
1 106 TRP n 
1 107 ARG n 
1 108 LYS n 
1 109 GLU n 
1 110 ASP n 
1 111 SER n 
1 112 ASP n 
1 113 ALA n 
1 114 MET n 
1 115 ASP n 
1 116 TRP n 
1 117 ASN n 
1 118 GLU n 
1 119 ALA n 
1 120 ASP n 
1 121 ALA n 
1 122 LEU n 
1 123 GLU n 
1 124 PHE n 
1 125 GLY n 
1 126 GLU n 
1 127 ARG n 
1 128 LEU n 
1 129 SER n 
1 130 ASP n 
1 131 LEU n 
1 132 ALA n 
1 133 LYS n 
1 134 ILE n 
1 135 ARG n 
1 136 LYS n 
1 137 VAL n 
1 138 MET n 
1 139 TYR n 
1 140 PHE n 
1 141 LEU n 
1 142 ILE n 
1 143 THR n 
1 144 PHE n 
1 145 GLY n 
1 146 GLU n 
1 147 GLY n 
1 148 VAL n 
1 149 GLU n 
1 150 PRO n 
1 151 ALA n 
1 152 ASN n 
1 153 LEU n 
1 154 LYS n 
1 155 ALA n 
1 156 SER n 
1 157 VAL n 
1 158 VAL n 
1 159 PHE n 
1 160 ASN n 
1 161 GLN n 
1 162 LEU n 
# 
_entity_src_gen.entity_id                          1 
_entity_src_gen.pdbx_src_id                        1 
_entity_src_gen.pdbx_alt_source_flag               sample 
_entity_src_gen.pdbx_seq_type                      ? 
_entity_src_gen.pdbx_beg_seq_num                   ? 
_entity_src_gen.pdbx_end_seq_num                   ? 
_entity_src_gen.gene_src_common_name               'house mouse' 
_entity_src_gen.gene_src_genus                     Mus 
_entity_src_gen.pdbx_gene_src_gene                 OMP 
_entity_src_gen.gene_src_species                   ? 
_entity_src_gen.gene_src_strain                    ? 
_entity_src_gen.gene_src_tissue                    ? 
_entity_src_gen.gene_src_tissue_fraction           ? 
_entity_src_gen.gene_src_details                   ? 
_entity_src_gen.pdbx_gene_src_fragment             ? 
_entity_src_gen.pdbx_gene_src_scientific_name      'Mus musculus' 
_entity_src_gen.pdbx_gene_src_ncbi_taxonomy_id     10090 
_entity_src_gen.pdbx_gene_src_variant              ? 
_entity_src_gen.pdbx_gene_src_cell_line            ? 
_entity_src_gen.pdbx_gene_src_atcc                 ? 
_entity_src_gen.pdbx_gene_src_organ                ? 
_entity_src_gen.pdbx_gene_src_organelle            ? 
_entity_src_gen.pdbx_gene_src_cell                 ? 
_entity_src_gen.pdbx_gene_src_cellular_location    ? 
_entity_src_gen.host_org_common_name               ? 
_entity_src_gen.pdbx_host_org_scientific_name      'Escherichia coli BL21(DE3)' 
_entity_src_gen.pdbx_host_org_ncbi_taxonomy_id     469008 
_entity_src_gen.host_org_genus                     Escherichia 
_entity_src_gen.pdbx_host_org_gene                 ? 
_entity_src_gen.pdbx_host_org_organ                ? 
_entity_src_gen.host_org_species                   'Escherichia coli' 
_entity_src_gen.pdbx_host_org_tissue               ? 
_entity_src_gen.pdbx_host_org_tissue_fraction      ? 
_entity_src_gen.pdbx_host_org_strain               'BL21(DE3)' 
_entity_src_gen.pdbx_host_org_variant              ? 
_entity_src_gen.pdbx_host_org_cell_line            ? 
_entity_src_gen.pdbx_host_org_atcc                 ? 
_entity_src_gen.pdbx_host_org_culture_collection   ? 
_entity_src_gen.pdbx_host_org_cell                 ? 
_entity_src_gen.pdbx_host_org_organelle            ? 
_entity_src_gen.pdbx_host_org_cellular_location    ? 
_entity_src_gen.pdbx_host_org_vector_type          plasmid 
_entity_src_gen.pdbx_host_org_vector               ? 
_entity_src_gen.host_org_details                   ? 
_entity_src_gen.expression_system_id               ? 
_entity_src_gen.plasmid_name                       pET28a 
_entity_src_gen.plasmid_details                    ? 
_entity_src_gen.pdbx_description                   ? 
# 
_struct_ref.id                         1 
_struct_ref.db_code                    OMP_MOUSE 
_struct_ref.db_name                    UNP 
_struct_ref.entity_id                  1 
_struct_ref.pdbx_db_accession          Q64288 
_struct_ref.pdbx_align_begin           2 
_struct_ref.pdbx_seq_one_letter_code   
;AEDGPQKQQLEMPLVLDQDLTQQMRLRVESLKQRGEKKQDGEKLIRPAESVYRLDFIQQQKLQFDHWNVVLDKPGKVTIT
GTSQNWTPDLTNLMTRQLLDPAAIFWRKEDSDAMDWNEADALEFGERLSDLAKIRKVMYFLITFGEGVEPANLKASVVFN
QL
;
_struct_ref.pdbx_db_isoform            ? 
# 
_struct_ref_seq.align_id                      1 
_struct_ref_seq.ref_id                        1 
_struct_ref_seq.pdbx_PDB_id_code              1JOB 
_struct_ref_seq.pdbx_strand_id                A 
_struct_ref_seq.seq_align_beg                 1 
_struct_ref_seq.pdbx_seq_align_beg_ins_code   ? 
_struct_ref_seq.seq_align_end                 162 
_struct_ref_seq.pdbx_seq_align_end_ins_code   ? 
_struct_ref_seq.pdbx_db_accession             Q64288 
_struct_ref_seq.db_align_beg                  2 
_struct_ref_seq.pdbx_db_align_beg_ins_code    ? 
_struct_ref_seq.db_align_end                  163 
_struct_ref_seq.pdbx_db_align_end_ins_code    ? 
_struct_ref_seq.pdbx_auth_seq_align_beg       102 
_struct_ref_seq.pdbx_auth_seq_align_end       263 
# 
loop_
_chem_comp.id 
_chem_comp.type 
_chem_comp.mon_nstd_flag 
_chem_comp.name 
_chem_comp.pdbx_synonyms 
_chem_comp.formula 
_chem_comp.formula_weight 
ALA 'L-peptide linking' y ALANINE         ? 'C3 H7 N O2'     89.093  
ARG 'L-peptide linking' y ARGININE        ? 'C6 H15 N4 O2 1' 175.209 
ASN 'L-peptide linking' y ASPARAGINE      ? 'C4 H8 N2 O3'    132.118 
ASP 'L-peptide linking' y 'ASPARTIC ACID' ? 'C4 H7 N O4'     133.103 
GLN 'L-peptide linking' y GLUTAMINE       ? 'C5 H10 N2 O3'   146.144 
GLU 'L-peptide linking' y 'GLUTAMIC ACID' ? 'C5 H9 N O4'     147.129 
GLY 'peptide linking'   y GLYCINE         ? 'C2 H5 N O2'     75.067  
HIS 'L-peptide linking' y HISTIDINE       ? 'C6 H10 N3 O2 1' 156.162 
HOH non-polymer         . WATER           ? 'H2 O'           18.015  
ILE 'L-peptide linking' y ISOLEUCINE      ? 'C6 H13 N O2'    131.173 
LEU 'L-peptide linking' y LEUCINE         ? 'C6 H13 N O2'    131.173 
LYS 'L-peptide linking' y LYSINE          ? 'C6 H15 N2 O2 1' 147.195 
MET 'L-peptide linking' y METHIONINE      ? 'C5 H11 N O2 S'  149.211 
PHE 'L-peptide linking' y PHENYLALANINE   ? 'C9 H11 N O2'    165.189 
PRO 'L-peptide linking' y PROLINE         ? 'C5 H9 N O2'     115.130 
SER 'L-peptide linking' y SERINE          ? 'C3 H7 N O3'     105.093 
THR 'L-peptide linking' y THREONINE       ? 'C4 H9 N O3'     119.119 
TRP 'L-peptide linking' y TRYPTOPHAN      ? 'C11 H12 N2 O2'  204.225 
TYR 'L-peptide linking' y TYROSINE        ? 'C9 H11 N O3'    181.189 
VAL 'L-peptide linking' y VALINE          ? 'C5 H11 N O2'    117.146 
ZN  non-polymer         . 'ZINC ION'      ? 'Zn 2'           65.409  
# 
_exptl.entry_id          1JOB 
_exptl.method            'X-RAY DIFFRACTION' 
_exptl.crystals_number   1 
# 
_exptl_crystal.id                    1 
_exptl_crystal.density_meas          ? 
_exptl_crystal.density_Matthews      4.10 
_exptl_crystal.density_percent_sol   70.02 
_exptl_crystal.description           ? 
# 
_exptl_crystal_grow.crystal_id      1 
_exptl_crystal_grow.method          'VAPOR DIFFUSION, HANGING DROP' 
_exptl_crystal_grow.temp            295 
_exptl_crystal_grow.temp_details    ? 
_exptl_crystal_grow.pH              6.5 
_exptl_crystal_grow.pdbx_details    'PEG 8000, Zinc Acetate, Cacodylate, pH 6.5, VAPOR DIFFUSION, HANGING DROP, temperature 295K' 
_exptl_crystal_grow.pdbx_pH_range   . 
# 
_diffrn.id                     1 
_diffrn.ambient_temp           130 
_diffrn.ambient_temp_details   ? 
_diffrn.crystal_id             1 
# 
_diffrn_detector.diffrn_id              1 
_diffrn_detector.detector               CCD 
_diffrn_detector.type                   'ADSC QUANTUM 4' 
_diffrn_detector.pdbx_collection_date   2000-03-29 
_diffrn_detector.details                ? 
# 
_diffrn_radiation.diffrn_id                        1 
_diffrn_radiation.wavelength_id                    1 
_diffrn_radiation.pdbx_monochromatic_or_laue_m_l   M 
_diffrn_radiation.monochromator                    'Si 111 CHANNEL' 
_diffrn_radiation.pdbx_diffrn_protocol             'SINGLE WAVELENGTH' 
_diffrn_radiation.pdbx_scattering_type             x-ray 
# 
_diffrn_radiation_wavelength.id           1 
_diffrn_radiation_wavelength.wavelength   1.276 
_diffrn_radiation_wavelength.wt           1.0 
# 
_diffrn_source.diffrn_id                   1 
_diffrn_source.source                      SYNCHROTRON 
_diffrn_source.type                        'NSLS BEAMLINE X12B' 
_diffrn_source.pdbx_synchrotron_site       NSLS 
_diffrn_source.pdbx_synchrotron_beamline   X12B 
_diffrn_source.pdbx_wavelength             ? 
_diffrn_source.pdbx_wavelength_list        1.276 
# 
_reflns.entry_id                     1JOB 
_reflns.observed_criterion_sigma_I   -3.0 
_reflns.observed_criterion_sigma_F   1.0 
_reflns.d_resolution_low             40.0 
_reflns.d_resolution_high            2.4 
_reflns.number_obs                   11701 
_reflns.number_all                   12201 
_reflns.percent_possible_obs         94.4 
_reflns.pdbx_Rmerge_I_obs            ? 
_reflns.pdbx_Rsym_value              23.1000000 
_reflns.pdbx_netI_over_sigmaI        12.6 
_reflns.B_iso_Wilson_estimate        22.7 
_reflns.pdbx_redundancy              19.31 
_reflns.R_free_details               ? 
_reflns.limit_h_max                  ? 
_reflns.limit_h_min                  ? 
_reflns.limit_k_max                  ? 
_reflns.limit_k_min                  ? 
_reflns.limit_l_max                  ? 
_reflns.limit_l_min                  ? 
_reflns.observed_criterion_F_max     ? 
_reflns.observed_criterion_F_min     ? 
_reflns.pdbx_ordinal                 1 
_reflns.pdbx_diffrn_id               1 
# 
_reflns_shell.d_res_high             2.4 
_reflns_shell.d_res_low              2.49 
_reflns_shell.percent_possible_all   ? 
_reflns_shell.Rmerge_I_obs           ? 
_reflns_shell.pdbx_Rsym_value        ? 
_reflns_shell.meanI_over_sigI_obs    ? 
_reflns_shell.pdbx_redundancy        ? 
_reflns_shell.percent_possible_obs   ? 
_reflns_shell.number_unique_all      152 
_reflns_shell.pdbx_ordinal           1 
_reflns_shell.pdbx_diffrn_id         1 
# 
_refine.entry_id                                 1JOB 
_refine.ls_number_reflns_obs                     11701 
_refine.ls_number_reflns_all                     12270 
_refine.pdbx_ls_sigma_I                          ? 
_refine.pdbx_ls_sigma_F                          1.0 
_refine.pdbx_data_cutoff_high_absF               1000000.00 
_refine.pdbx_data_cutoff_low_absF                0.010000 
_refine.ls_d_res_low                             40.00 
_refine.ls_d_res_high                            2.40 
_refine.ls_percent_reflns_obs                    94.4 
_refine.ls_R_factor_obs                          0.2340000 
_refine.ls_R_factor_all                          ? 
_refine.ls_R_factor_R_work                       0.2340000 
_refine.ls_R_factor_R_free                       0.2640000 
_refine.ls_R_factor_R_free_error                 0.011 
_refine.ls_R_factor_R_free_error_details         ? 
_refine.ls_percent_reflns_R_free                 4.9 
_refine.ls_number_reflns_R_free                  569 
_refine.ls_number_parameters                     ? 
_refine.ls_number_restraints                     ? 
_refine.occupancy_min                            ? 
_refine.occupancy_max                            ? 
_refine.B_iso_mean                               51.7 
_refine.aniso_B[1][1]                            -1.09 
_refine.aniso_B[2][2]                            -1.09 
_refine.aniso_B[3][3]                            2.19 
_refine.aniso_B[1][2]                            -2.38 
_refine.aniso_B[1][3]                            0.00 
_refine.aniso_B[2][3]                            0.00 
_refine.solvent_model_details                    ? 
_refine.solvent_model_param_ksol                 ? 
_refine.solvent_model_param_bsol                 ? 
_refine.pdbx_ls_cross_valid_method               THROUGHOUT 
_refine.details                                  ? 
_refine.pdbx_starting_model                      'PDB ENTRY 1F35' 
_refine.pdbx_method_to_determine_struct          'MOLECULAR REPLACEMENT' 
_refine.pdbx_isotropic_thermal_model             RESTRAINED 
_refine.pdbx_stereochemistry_target_values       'Engh & Huber' 
_refine.pdbx_stereochem_target_val_spec_case     ? 
_refine.pdbx_R_Free_selection_details            RANDOM 
_refine.pdbx_overall_ESU_R_Free                  ? 
_refine.overall_SU_B                             ? 
_refine.ls_redundancy_reflns_obs                 ? 
_refine.B_iso_min                                ? 
_refine.B_iso_max                                ? 
_refine.correlation_coeff_Fo_to_Fc               ? 
_refine.overall_SU_R_Cruickshank_DPI             ? 
_refine.overall_SU_R_free                        ? 
_refine.overall_SU_ML                            ? 
_refine.pdbx_overall_ESU_R                       ? 
_refine.pdbx_data_cutoff_high_rms_absF           ? 
_refine.correlation_coeff_Fo_to_Fc_free          ? 
_refine.pdbx_solvent_vdw_probe_radii             ? 
_refine.pdbx_solvent_ion_probe_radii             ? 
_refine.pdbx_solvent_shrinkage_radii             ? 
_refine.pdbx_refine_id                           'X-RAY DIFFRACTION' 
_refine.pdbx_diffrn_id                           1 
_refine.pdbx_TLS_residual_ADP_flag               ? 
_refine.pdbx_overall_phase_error                 ? 
_refine.pdbx_overall_SU_R_free_Cruickshank_DPI   ? 
_refine.pdbx_overall_SU_R_Blow_DPI               ? 
_refine.pdbx_overall_SU_R_free_Blow_DPI          ? 
# 
_refine_analyze.entry_id                        1JOB 
_refine_analyze.Luzzati_coordinate_error_obs    0.37 
_refine_analyze.Luzzati_sigma_a_obs             0.62 
_refine_analyze.Luzzati_d_res_low_obs           5.00 
_refine_analyze.Luzzati_coordinate_error_free   0.38 
_refine_analyze.Luzzati_sigma_a_free            0.66 
_refine_analyze.Luzzati_d_res_low_free          ? 
_refine_analyze.number_disordered_residues      ? 
_refine_analyze.occupancy_sum_hydrogen          ? 
_refine_analyze.occupancy_sum_non_hydrogen      ? 
_refine_analyze.pdbx_Luzzati_d_res_high_obs     ? 
_refine_analyze.pdbx_refine_id                  'X-RAY DIFFRACTION' 
# 
_refine_hist.pdbx_refine_id                   'X-RAY DIFFRACTION' 
_refine_hist.cycle_id                         LAST 
_refine_hist.pdbx_number_atoms_protein        1319 
_refine_hist.pdbx_number_atoms_nucleic_acid   0 
_refine_hist.pdbx_number_atoms_ligand         6 
_refine_hist.number_atoms_solvent             158 
_refine_hist.number_atoms_total               1483 
_refine_hist.d_res_high                       2.40 
_refine_hist.d_res_low                        40.00 
# 
loop_
_refine_ls_restr.type 
_refine_ls_restr.dev_ideal 
_refine_ls_restr.dev_ideal_target 
_refine_ls_restr.weight 
_refine_ls_restr.number 
_refine_ls_restr.pdbx_refine_id 
_refine_ls_restr.pdbx_restraint_function 
x_bond_d           0.017 ?    ? ? 'X-RAY DIFFRACTION' ? 
x_angle_deg        1.7   ?    ? ? 'X-RAY DIFFRACTION' ? 
x_dihedral_angle_d 24.1  ?    ? ? 'X-RAY DIFFRACTION' ? 
x_improper_angle_d 2.32  ?    ? ? 'X-RAY DIFFRACTION' ? 
x_mcbond_it        2.92  1.50 ? ? 'X-RAY DIFFRACTION' ? 
x_mcangle_it       4.16  2.00 ? ? 'X-RAY DIFFRACTION' ? 
x_scbond_it        4.00  2.00 ? ? 'X-RAY DIFFRACTION' ? 
x_scangle_it       5.86  2.50 ? ? 'X-RAY DIFFRACTION' ? 
# 
_refine_ls_shell.pdbx_total_number_of_bins_used   10 
_refine_ls_shell.d_res_high                       2.40 
_refine_ls_shell.d_res_low                        2.49 
_refine_ls_shell.number_reflns_R_work             995 
_refine_ls_shell.R_factor_R_work                  0.3960000 
_refine_ls_shell.percent_reflns_obs               86.4 
_refine_ls_shell.R_factor_R_free                  0.3630000 
_refine_ls_shell.R_factor_R_free_error            0.046 
_refine_ls_shell.percent_reflns_R_free            5.8 
_refine_ls_shell.number_reflns_R_free             61 
_refine_ls_shell.number_reflns_obs                ? 
_refine_ls_shell.redundancy_reflns_obs            ? 
_refine_ls_shell.number_reflns_all                ? 
_refine_ls_shell.pdbx_refine_id                   'X-RAY DIFFRACTION' 
_refine_ls_shell.R_factor_all                     ? 
# 
_struct.entry_id                  1JOB 
_struct.title                     'Crystal Structure of Murine Olfactory Marker Protein in Spacegroup P3121' 
_struct.pdbx_model_details        ? 
_struct.pdbx_CASP_flag            ? 
_struct.pdbx_model_type_details   ? 
# 
_struct_keywords.entry_id        1JOB 
_struct_keywords.pdbx_keywords   'SIGNALING PROTEIN' 
_struct_keywords.text            'Beta Clamshell, SIGNALING PROTEIN' 
# 
loop_
_struct_asym.id 
_struct_asym.pdbx_blank_PDB_chainid_flag 
_struct_asym.pdbx_modified 
_struct_asym.entity_id 
_struct_asym.details 
A N N 1 ? 
B N N 2 ? 
C N N 2 ? 
D N N 2 ? 
E N N 2 ? 
F N N 2 ? 
G N N 2 ? 
H N N 3 ? 
# 
_struct_biol.id   1 
# 
loop_
_struct_conf.conf_type_id 
_struct_conf.id 
_struct_conf.pdbx_PDB_helix_id 
_struct_conf.beg_label_comp_id 
_struct_conf.beg_label_asym_id 
_struct_conf.beg_label_seq_id 
_struct_conf.pdbx_beg_PDB_ins_code 
_struct_conf.end_label_comp_id 
_struct_conf.end_label_asym_id 
_struct_conf.end_label_seq_id 
_struct_conf.pdbx_end_PDB_ins_code 
_struct_conf.beg_auth_comp_id 
_struct_conf.beg_auth_asym_id 
_struct_conf.beg_auth_seq_id 
_struct_conf.end_auth_comp_id 
_struct_conf.end_auth_asym_id 
_struct_conf.end_auth_seq_id 
_struct_conf.pdbx_PDB_helix_class 
_struct_conf.details 
_struct_conf.pdbx_PDB_helix_length 
HELX_P HELX_P1 1 ASP A 17  ? ARG A 34  ? ASP A 118 ARG A 135 1 ? 18 
HELX_P HELX_P2 2 THR A 95  ? GLN A 97  ? THR A 196 GLN A 198 5 ? 3  
HELX_P HELX_P3 3 ASN A 117 ? ALA A 132 ? ASN A 218 ALA A 233 1 ? 16 
HELX_P HELX_P4 4 GLU A 149 ? ALA A 151 ? GLU A 250 ALA A 252 5 ? 3  
# 
_struct_conf_type.id          HELX_P 
_struct_conf_type.criteria    ? 
_struct_conf_type.reference   ? 
# 
loop_
_struct_conn.id 
_struct_conn.conn_type_id 
_struct_conn.pdbx_leaving_atom_flag 
_struct_conn.pdbx_PDB_id 
_struct_conn.ptnr1_label_asym_id 
_struct_conn.ptnr1_label_comp_id 
_struct_conn.ptnr1_label_seq_id 
_struct_conn.ptnr1_label_atom_id 
_struct_conn.pdbx_ptnr1_label_alt_id 
_struct_conn.pdbx_ptnr1_PDB_ins_code 
_struct_conn.pdbx_ptnr1_standard_comp_id 
_struct_conn.ptnr1_symmetry 
_struct_conn.ptnr2_label_asym_id 
_struct_conn.ptnr2_label_comp_id 
_struct_conn.ptnr2_label_seq_id 
_struct_conn.ptnr2_label_atom_id 
_struct_conn.pdbx_ptnr2_label_alt_id 
_struct_conn.pdbx_ptnr2_PDB_ins_code 
_struct_conn.ptnr1_auth_asym_id 
_struct_conn.ptnr1_auth_comp_id 
_struct_conn.ptnr1_auth_seq_id 
_struct_conn.ptnr2_auth_asym_id 
_struct_conn.ptnr2_auth_comp_id 
_struct_conn.ptnr2_auth_seq_id 
_struct_conn.ptnr2_symmetry 
_struct_conn.pdbx_ptnr3_label_atom_id 
_struct_conn.pdbx_ptnr3_label_seq_id 
_struct_conn.pdbx_ptnr3_label_comp_id 
_struct_conn.pdbx_ptnr3_label_asym_id 
_struct_conn.pdbx_ptnr3_label_alt_id 
_struct_conn.pdbx_ptnr3_PDB_ins_code 
_struct_conn.details 
_struct_conn.pdbx_dist_value 
_struct_conn.pdbx_value_order 
_struct_conn.pdbx_role 
metalc1  metalc ? ? A GLU 2   OE2 ? ? ? 4_555 C ZN  . ZN ? ? A GLU 103 A ZN  302 1_555 ? ? ? ? ? ? ? 2.214 ? ? 
metalc2  metalc ? ? A ASP 3   OD1 ? ? ? 1_555 E ZN  . ZN ? ? A ASP 104 A ZN  304 1_555 ? ? ? ? ? ? ? 2.511 ? ? 
metalc3  metalc ? ? A LYS 7   NZ  ? ? ? 1_555 E ZN  . ZN ? ? A LYS 108 A ZN  304 1_555 ? ? ? ? ? ? ? 2.443 ? ? 
metalc4  metalc ? ? A ASP 17  OD1 ? ? ? 1_555 G ZN  . ZN ? ? A ASP 118 A ZN  306 1_555 ? ? ? ? ? ? ? 2.607 ? ? 
metalc5  metalc ? ? A ASP 17  OD2 ? ? ? 1_555 G ZN  . ZN ? ? A ASP 118 A ZN  306 1_555 ? ? ? ? ? ? ? 2.597 ? ? 
metalc6  metalc ? ? A ASP 19  OD2 ? ? ? 1_555 G ZN  . ZN ? ? A ASP 120 A ZN  306 1_555 ? ? ? ? ? ? ? 2.622 ? ? 
metalc7  metalc ? ? A ASP 40  OD1 ? ? ? 1_555 D ZN  . ZN ? ? A ASP 141 A ZN  303 1_555 ? ? ? ? ? ? ? 2.571 ? ? 
metalc8  metalc ? ? A ASP 40  OD1 ? ? ? 5_554 D ZN  . ZN ? ? A ASP 141 A ZN  303 1_555 ? ? ? ? ? ? ? 2.738 ? ? 
metalc9  metalc ? ? A ASP 65  OD1 ? ? ? 1_555 E ZN  . ZN ? ? A ASP 166 A ZN  304 1_555 ? ? ? ? ? ? ? 2.570 ? ? 
metalc10 metalc ? ? A ASP 65  OD2 ? ? ? 1_555 F ZN  . ZN ? ? A ASP 166 A ZN  305 1_555 ? ? ? ? ? ? ? 2.165 ? ? 
metalc11 metalc ? ? A ASP 115 OD1 ? ? ? 4_555 F ZN  . ZN ? ? A ASP 216 A ZN  305 1_555 ? ? ? ? ? ? ? 1.944 ? ? 
metalc12 metalc ? ? A GLU 118 OE1 ? ? ? 4_555 E ZN  . ZN ? ? A GLU 219 A ZN  304 1_555 ? ? ? ? ? ? ? 2.470 ? ? 
metalc13 metalc ? ? A GLU 118 OE2 ? ? ? 4_555 F ZN  . ZN ? ? A GLU 219 A ZN  305 1_555 ? ? ? ? ? ? ? 2.261 ? ? 
metalc14 metalc ? ? A ASP 120 OD1 ? ? ? 1_555 C ZN  . ZN ? ? A ASP 221 A ZN  302 1_555 ? ? ? ? ? ? ? 2.712 ? ? 
metalc15 metalc ? ? A ASP 120 OD2 ? ? ? 1_555 C ZN  . ZN ? ? A ASP 221 A ZN  302 1_555 ? ? ? ? ? ? ? 2.072 ? ? 
metalc16 metalc ? ? A GLU 146 OE1 ? ? ? 2_655 G ZN  . ZN ? ? A GLU 247 A ZN  306 1_555 ? ? ? ? ? ? ? 2.662 ? ? 
metalc17 metalc ? ? A GLU 146 OE2 ? ? ? 2_655 G ZN  . ZN ? ? A GLU 247 A ZN  306 1_555 ? ? ? ? ? ? ? 2.769 ? ? 
metalc18 metalc ? ? B ZN  .   ZN  ? ? ? 1_555 H HOH . O  ? ? A ZN  301 A HOH 556 4_555 ? ? ? ? ? ? ? 2.460 ? ? 
metalc19 metalc ? ? C ZN  .   ZN  ? ? ? 1_555 H HOH . O  ? ? A ZN  302 A HOH 502 4_555 ? ? ? ? ? ? ? 2.051 ? ? 
metalc20 metalc ? ? C ZN  .   ZN  ? ? ? 1_555 H HOH . O  ? ? A ZN  302 A HOH 624 4_555 ? ? ? ? ? ? ? 2.496 ? ? 
metalc21 metalc ? ? D ZN  .   ZN  ? ? ? 1_555 H HOH . O  ? ? A ZN  303 A HOH 619 1_555 ? ? ? ? ? ? ? 2.405 ? ? 
metalc22 metalc ? ? D ZN  .   ZN  ? ? ? 1_555 H HOH . O  ? ? A ZN  303 A HOH 619 5_554 ? ? ? ? ? ? ? 2.459 ? ? 
metalc23 metalc ? ? E ZN  .   ZN  ? ? ? 1_555 H HOH . O  ? ? A ZN  304 A HOH 515 1_555 ? ? ? ? ? ? ? 2.306 ? ? 
metalc24 metalc ? ? E ZN  .   ZN  ? ? ? 1_555 H HOH . O  ? ? A ZN  304 A HOH 533 4_555 ? ? ? ? ? ? ? 2.071 ? ? 
metalc25 metalc ? ? F ZN  .   ZN  ? ? ? 1_555 H HOH . O  ? ? A ZN  305 A HOH 515 1_555 ? ? ? ? ? ? ? 2.738 ? ? 
metalc26 metalc ? ? G ZN  .   ZN  ? ? ? 1_555 H HOH . O  ? ? A ZN  306 A HOH 528 1_555 ? ? ? ? ? ? ? 2.171 ? ? 
metalc27 metalc ? ? G ZN  .   ZN  ? ? ? 1_555 H HOH . O  ? ? A ZN  306 A HOH 642 1_555 ? ? ? ? ? ? ? 2.102 ? ? 
# 
_struct_conn_type.id          metalc 
_struct_conn_type.criteria    ? 
_struct_conn_type.reference   ? 
# 
_struct_mon_prot_cis.pdbx_id                1 
_struct_mon_prot_cis.label_comp_id          ASP 
_struct_mon_prot_cis.label_seq_id           100 
_struct_mon_prot_cis.label_asym_id          A 
_struct_mon_prot_cis.label_alt_id           . 
_struct_mon_prot_cis.pdbx_PDB_ins_code      ? 
_struct_mon_prot_cis.auth_comp_id           ASP 
_struct_mon_prot_cis.auth_seq_id            201 
_struct_mon_prot_cis.auth_asym_id           A 
_struct_mon_prot_cis.pdbx_label_comp_id_2   PRO 
_struct_mon_prot_cis.pdbx_label_seq_id_2    101 
_struct_mon_prot_cis.pdbx_label_asym_id_2   A 
_struct_mon_prot_cis.pdbx_PDB_ins_code_2    ? 
_struct_mon_prot_cis.pdbx_auth_comp_id_2    PRO 
_struct_mon_prot_cis.pdbx_auth_seq_id_2     202 
_struct_mon_prot_cis.pdbx_auth_asym_id_2    A 
_struct_mon_prot_cis.pdbx_PDB_model_num     1 
_struct_mon_prot_cis.pdbx_omega_angle       -1.42 
# 
_struct_sheet.id               A 
_struct_sheet.type             ? 
_struct_sheet.number_strands   8 
_struct_sheet.details          ? 
# 
loop_
_struct_sheet_order.sheet_id 
_struct_sheet_order.range_id_1 
_struct_sheet_order.range_id_2 
_struct_sheet_order.offset 
_struct_sheet_order.sense 
A 1 2 ? anti-parallel 
A 2 3 ? anti-parallel 
A 3 4 ? anti-parallel 
A 4 5 ? anti-parallel 
A 5 6 ? anti-parallel 
A 6 7 ? anti-parallel 
A 7 8 ? anti-parallel 
# 
loop_
_struct_sheet_range.sheet_id 
_struct_sheet_range.id 
_struct_sheet_range.beg_label_comp_id 
_struct_sheet_range.beg_label_asym_id 
_struct_sheet_range.beg_label_seq_id 
_struct_sheet_range.pdbx_beg_PDB_ins_code 
_struct_sheet_range.end_label_comp_id 
_struct_sheet_range.end_label_asym_id 
_struct_sheet_range.end_label_seq_id 
_struct_sheet_range.pdbx_end_PDB_ins_code 
_struct_sheet_range.beg_auth_comp_id 
_struct_sheet_range.beg_auth_asym_id 
_struct_sheet_range.beg_auth_seq_id 
_struct_sheet_range.end_auth_comp_id 
_struct_sheet_range.end_auth_asym_id 
_struct_sheet_range.end_auth_seq_id 
A 1 PHE A 64  ? LEU A 71  ? PHE A 165 LEU A 172 
A 2 LEU A 153 ? ASN A 160 ? LEU A 254 ASN A 261 
A 3 GLN A 9   ? LEU A 16  ? GLN A 110 LEU A 117 
A 4 GLU A 49  ? ASP A 55  ? GLU A 150 ASP A 156 
A 5 VAL A 137 ? PHE A 144 ? VAL A 238 PHE A 245 
A 6 GLY A 75  ? GLY A 81  ? GLY A 176 GLY A 182 
A 7 ALA A 103 ? ARG A 107 ? ALA A 204 ARG A 208 
A 8 ASP A 115 ? TRP A 116 ? ASP A 216 TRP A 217 
# 
loop_
_pdbx_struct_sheet_hbond.sheet_id 
_pdbx_struct_sheet_hbond.range_id_1 
_pdbx_struct_sheet_hbond.range_id_2 
_pdbx_struct_sheet_hbond.range_1_label_atom_id 
_pdbx_struct_sheet_hbond.range_1_label_comp_id 
_pdbx_struct_sheet_hbond.range_1_label_asym_id 
_pdbx_struct_sheet_hbond.range_1_label_seq_id 
_pdbx_struct_sheet_hbond.range_1_PDB_ins_code 
_pdbx_struct_sheet_hbond.range_1_auth_atom_id 
_pdbx_struct_sheet_hbond.range_1_auth_comp_id 
_pdbx_struct_sheet_hbond.range_1_auth_asym_id 
_pdbx_struct_sheet_hbond.range_1_auth_seq_id 
_pdbx_struct_sheet_hbond.range_2_label_atom_id 
_pdbx_struct_sheet_hbond.range_2_label_comp_id 
_pdbx_struct_sheet_hbond.range_2_label_asym_id 
_pdbx_struct_sheet_hbond.range_2_label_seq_id 
_pdbx_struct_sheet_hbond.range_2_PDB_ins_code 
_pdbx_struct_sheet_hbond.range_2_auth_atom_id 
_pdbx_struct_sheet_hbond.range_2_auth_comp_id 
_pdbx_struct_sheet_hbond.range_2_auth_asym_id 
_pdbx_struct_sheet_hbond.range_2_auth_seq_id 
A 1 2 N VAL A 70  ? N VAL A 171 O LYS A 154 ? O LYS A 255 
A 2 3 N PHE A 159 ? N PHE A 260 O LEU A 10  ? O LEU A 111 
A 3 4 O VAL A 15  ? O VAL A 116 N ARG A 53  ? N ARG A 154 
A 4 5 N LEU A 54  ? N LEU A 155 O MET A 138 ? O MET A 239 
A 5 6 N THR A 143 ? N THR A 244 O THR A 78  ? O THR A 179 
A 6 7 N ILE A 79  ? N ILE A 180 O ALA A 103 ? O ALA A 204 
A 7 8 O TRP A 106 ? O TRP A 207 N ASP A 115 ? N ASP A 216 
# 
loop_
_struct_site.id 
_struct_site.pdbx_evidence_code 
_struct_site.pdbx_auth_asym_id 
_struct_site.pdbx_auth_comp_id 
_struct_site.pdbx_auth_seq_id 
_struct_site.pdbx_auth_ins_code 
_struct_site.pdbx_num_residues 
_struct_site.details 
AC1 Software A ZN 301 ? 3 'BINDING SITE FOR RESIDUE ZN A 301' 
AC2 Software A ZN 302 ? 4 'BINDING SITE FOR RESIDUE ZN A 302' 
AC3 Software A ZN 303 ? 4 'BINDING SITE FOR RESIDUE ZN A 303' 
AC4 Software A ZN 304 ? 8 'BINDING SITE FOR RESIDUE ZN A 304' 
AC5 Software A ZN 305 ? 7 'BINDING SITE FOR RESIDUE ZN A 305' 
AC6 Software A ZN 306 ? 5 'BINDING SITE FOR RESIDUE ZN A 306' 
# 
loop_
_struct_site_gen.id 
_struct_site_gen.site_id 
_struct_site_gen.pdbx_num_res 
_struct_site_gen.label_comp_id 
_struct_site_gen.label_asym_id 
_struct_site_gen.label_seq_id 
_struct_site_gen.pdbx_auth_ins_code 
_struct_site_gen.auth_comp_id 
_struct_site_gen.auth_asym_id 
_struct_site_gen.auth_seq_id 
_struct_site_gen.label_atom_id 
_struct_site_gen.label_alt_id 
_struct_site_gen.symmetry 
_struct_site_gen.details 
1  AC1 3 GLU A 123 ? GLU A 224 . ? 1_555 ? 
2  AC1 3 HOH H .   ? HOH A 556 . ? 4_555 ? 
3  AC1 3 HOH H .   ? HOH A 601 . ? 4_555 ? 
4  AC2 4 GLU A 2   ? GLU A 103 . ? 4_555 ? 
5  AC2 4 ASP A 120 ? ASP A 221 . ? 1_555 ? 
6  AC2 4 HOH H .   ? HOH A 502 . ? 4_555 ? 
7  AC2 4 HOH H .   ? HOH A 624 . ? 4_555 ? 
8  AC3 4 ASP A 40  ? ASP A 141 . ? 5_554 ? 
9  AC3 4 ASP A 40  ? ASP A 141 . ? 1_555 ? 
10 AC3 4 HOH H .   ? HOH A 619 . ? 5_554 ? 
11 AC3 4 HOH H .   ? HOH A 619 . ? 1_555 ? 
12 AC4 8 ASP A 3   ? ASP A 104 . ? 1_555 ? 
13 AC4 8 LYS A 7   ? LYS A 108 . ? 1_555 ? 
14 AC4 8 ASP A 65  ? ASP A 166 . ? 1_555 ? 
15 AC4 8 TRP A 116 ? TRP A 217 . ? 4_555 ? 
16 AC4 8 GLU A 118 ? GLU A 219 . ? 4_555 ? 
17 AC4 8 ZN  F .   ? ZN  A 305 . ? 1_555 ? 
18 AC4 8 HOH H .   ? HOH A 515 . ? 1_555 ? 
19 AC4 8 HOH H .   ? HOH A 533 . ? 4_555 ? 
20 AC5 7 ASP A 65  ? ASP A 166 . ? 1_555 ? 
21 AC5 7 HIS A 66  ? HIS A 167 . ? 1_555 ? 
22 AC5 7 ASP A 115 ? ASP A 216 . ? 4_555 ? 
23 AC5 7 TRP A 116 ? TRP A 217 . ? 4_555 ? 
24 AC5 7 GLU A 118 ? GLU A 219 . ? 4_555 ? 
25 AC5 7 ZN  E .   ? ZN  A 304 . ? 1_555 ? 
26 AC5 7 HOH H .   ? HOH A 515 . ? 1_555 ? 
27 AC6 5 ASP A 17  ? ASP A 118 . ? 1_555 ? 
28 AC6 5 ASP A 19  ? ASP A 120 . ? 1_555 ? 
29 AC6 5 GLU A 146 ? GLU A 247 . ? 2_655 ? 
30 AC6 5 HOH H .   ? HOH A 528 . ? 1_555 ? 
31 AC6 5 HOH H .   ? HOH A 642 . ? 1_555 ? 
# 
_atom_sites.entry_id                    1JOB 
_atom_sites.fract_transf_matrix[1][1]   0.00878360 
_atom_sites.fract_transf_matrix[1][2]   0.00604422 
_atom_sites.fract_transf_matrix[1][3]   0.00807676 
_atom_sites.fract_transf_matrix[2][1]   0.01277298 
_atom_sites.fract_transf_matrix[2][2]   -0.00396791 
_atom_sites.fract_transf_matrix[2][3]   0.00015461 
_atom_sites.fract_transf_matrix[3][1]   0.00297410 
_atom_sites.fract_transf_matrix[3][2]   0.00918012 
_atom_sites.fract_transf_matrix[3][3]   -0.01010430 
_atom_sites.fract_transf_vector[1]      0.508575 
_atom_sites.fract_transf_vector[2]      0.278181 
_atom_sites.fract_transf_vector[3]      0.015139 
# 
loop_
_atom_type.symbol 
C  
N  
O  
S  
ZN 
# 
loop_
_atom_site.group_PDB 
_atom_site.id 
_atom_site.type_symbol 
_atom_site.label_atom_id 
_atom_site.label_alt_id 
_atom_site.label_comp_id 
_atom_site.label_asym_id 
_atom_site.label_entity_id 
_atom_site.label_seq_id 
_atom_site.pdbx_PDB_ins_code 
_atom_site.Cartn_x 
_atom_site.Cartn_y 
_atom_site.Cartn_z 
_atom_site.occupancy 
_atom_site.B_iso_or_equiv 
_atom_site.pdbx_formal_charge 
_atom_site.auth_seq_id 
_atom_site.auth_comp_id 
_atom_site.auth_asym_id 
_atom_site.auth_atom_id 
_atom_site.pdbx_PDB_model_num 
ATOM   1    N  N   . ALA A 1 1   ? -1.858  -9.990  -29.737 1.00 68.12  ? 102 ALA A N   1 
ATOM   2    C  CA  . ALA A 1 1   ? -0.933  -9.531  -28.636 1.00 68.34  ? 102 ALA A CA  1 
ATOM   3    C  C   . ALA A 1 1   ? -0.139  -10.635 -27.892 1.00 68.87  ? 102 ALA A C   1 
ATOM   4    O  O   . ALA A 1 1   ? -0.569  -11.140 -26.848 1.00 68.29  ? 102 ALA A O   1 
ATOM   5    C  CB  . ALA A 1 1   ? -1.760  -8.723  -27.644 1.00 65.82  ? 102 ALA A CB  1 
ATOM   6    N  N   . GLU A 1 2   ? 1.067   -10.928 -28.372 1.00 65.79  ? 103 GLU A N   1 
ATOM   7    C  CA  . GLU A 1 2   ? 1.891   -11.959 -27.735 1.00 63.69  ? 103 GLU A CA  1 
ATOM   8    C  C   . GLU A 1 2   ? 2.774   -11.343 -26.665 1.00 67.58  ? 103 GLU A C   1 
ATOM   9    O  O   . GLU A 1 2   ? 3.794   -10.673 -26.996 1.00 71.20  ? 103 GLU A O   1 
ATOM   10   C  CB  . GLU A 1 2   ? 2.709   -12.757 -28.750 1.00 63.03  ? 103 GLU A CB  1 
ATOM   11   C  CG  . GLU A 1 2   ? 2.778   -14.246 -28.382 1.00 62.42  ? 103 GLU A CG  1 
ATOM   12   C  CD  . GLU A 1 2   ? 1.472   -14.772 -27.717 1.00 56.19  ? 103 GLU A CD  1 
ATOM   13   O  OE1 . GLU A 1 2   ? 0.363   -14.607 -28.291 1.00 58.88  ? 103 GLU A OE1 1 
ATOM   14   O  OE2 . GLU A 1 2   ? 1.549   -15.332 -26.645 1.00 52.50  ? 103 GLU A OE2 1 
ATOM   15   N  N   . ASP A 1 3   ? 2.359   -11.484 -25.406 1.00 67.58  ? 104 ASP A N   1 
ATOM   16   C  CA  . ASP A 1 3   ? 3.107   -10.922 -24.282 1.00 66.28  ? 104 ASP A CA  1 
ATOM   17   C  C   . ASP A 1 3   ? 4.610   -11.158 -24.309 1.00 66.05  ? 104 ASP A C   1 
ATOM   18   O  O   . ASP A 1 3   ? 5.089   -12.167 -24.846 1.00 65.81  ? 104 ASP A O   1 
ATOM   19   C  CB  . ASP A 1 3   ? 2.527   -11.434 -22.958 1.00 61.28  ? 104 ASP A CB  1 
ATOM   20   C  CG  . ASP A 1 3   ? 2.800   -10.497 -21.815 1.00 57.47  ? 104 ASP A CG  1 
ATOM   21   O  OD1 . ASP A 1 3   ? 2.478   -10.850 -20.661 1.00 43.52  ? 104 ASP A OD1 1 
ATOM   22   O  OD2 . ASP A 1 3   ? 3.339   -9.396  -22.097 1.00 54.24  ? 104 ASP A OD2 1 
ATOM   23   N  N   . GLY A 1 4   ? 5.371   -10.170 -23.837 1.00 64.23  ? 105 GLY A N   1 
ATOM   24   C  CA  . GLY A 1 4   ? 6.808   -10.330 -23.756 1.00 63.85  ? 105 GLY A CA  1 
ATOM   25   C  C   . GLY A 1 4   ? 7.553   -9.168  -23.131 1.00 65.15  ? 105 GLY A C   1 
ATOM   26   O  O   . GLY A 1 4   ? 6.926   -8.248  -22.585 1.00 64.30  ? 105 GLY A O   1 
ATOM   27   N  N   . PRO A 1 5   ? 8.885   -9.173  -23.182 1.00 60.37  ? 106 PRO A N   1 
ATOM   28   C  CA  . PRO A 1 5   ? 9.646   -8.069  -22.600 1.00 59.35  ? 106 PRO A CA  1 
ATOM   29   C  C   . PRO A 1 5   ? 9.684   -6.823  -23.489 1.00 62.26  ? 106 PRO A C   1 
ATOM   30   O  O   . PRO A 1 5   ? 9.782   -5.697  -22.987 1.00 65.65  ? 106 PRO A O   1 
ATOM   31   C  CB  . PRO A 1 5   ? 11.040  -8.690  -22.443 1.00 59.54  ? 106 PRO A CB  1 
ATOM   32   C  CG  . PRO A 1 5   ? 11.114  -9.578  -23.637 1.00 60.29  ? 106 PRO A CG  1 
ATOM   33   C  CD  . PRO A 1 5   ? 9.773   -10.265 -23.606 1.00 55.16  ? 106 PRO A CD  1 
ATOM   34   N  N   . GLN A 1 6   ? 9.477   -6.995  -24.786 1.00 63.02  ? 107 GLN A N   1 
ATOM   35   C  CA  . GLN A 1 6   ? 9.556   -5.854  -25.697 1.00 63.72  ? 107 GLN A CA  1 
ATOM   36   C  C   . GLN A 1 6   ? 8.638   -4.705  -25.348 1.00 58.98  ? 107 GLN A C   1 
ATOM   37   O  O   . GLN A 1 6   ? 8.877   -3.551  -25.754 1.00 61.09  ? 107 GLN A O   1 
ATOM   38   C  CB  . GLN A 1 6   ? 9.272   -6.285  -27.136 1.00 65.23  ? 107 GLN A CB  1 
ATOM   39   C  CG  . GLN A 1 6   ? 10.250  -7.307  -27.702 1.00 70.00  ? 107 GLN A CG  1 
ATOM   40   C  CD  . GLN A 1 6   ? 11.723  -6.930  -27.512 1.00 72.55  ? 107 GLN A CD  1 
ATOM   41   O  OE1 . GLN A 1 6   ? 12.081  -5.742  -27.364 1.00 76.83  ? 107 GLN A OE1 1 
ATOM   42   N  NE2 . GLN A 1 6   ? 12.593  -7.910  -27.701 1.00 73.33  ? 107 GLN A NE2 1 
ATOM   43   N  N   . LYS A 1 7   ? 7.637   -4.980  -24.537 1.00 58.76  ? 108 LYS A N   1 
ATOM   44   C  CA  . LYS A 1 7   ? 6.690   -3.938  -24.232 1.00 53.45  ? 108 LYS A CA  1 
ATOM   45   C  C   . LYS A 1 7   ? 7.220   -2.900  -23.264 1.00 49.99  ? 108 LYS A C   1 
ATOM   46   O  O   . LYS A 1 7   ? 7.953   -3.219  -22.359 1.00 49.04  ? 108 LYS A O   1 
ATOM   47   C  CB  . LYS A 1 7   ? 5.416   -4.553  -23.720 1.00 52.53  ? 108 LYS A CB  1 
ATOM   48   C  CG  . LYS A 1 7   ? 5.552   -5.375  -22.509 1.00 62.72  ? 108 LYS A CG  1 
ATOM   49   C  CD  . LYS A 1 7   ? 4.223   -6.069  -22.308 1.00 64.16  ? 108 LYS A CD  1 
ATOM   50   C  CE  . LYS A 1 7   ? 4.033   -6.404  -20.799 1.00 67.70  ? 108 LYS A CE  1 
ATOM   51   N  NZ  . LYS A 1 7   ? 3.131   -7.524  -20.361 1.00 61.11  ? 108 LYS A NZ  1 
ATOM   52   N  N   . GLN A 1 8   ? 6.899   -1.639  -23.527 1.00 48.97  ? 109 GLN A N   1 
ATOM   53   C  CA  . GLN A 1 8   ? 7.311   -0.551  -22.663 1.00 49.80  ? 109 GLN A CA  1 
ATOM   54   C  C   . GLN A 1 8   ? 6.551   -0.650  -21.320 1.00 47.13  ? 109 GLN A C   1 
ATOM   55   O  O   . GLN A 1 8   ? 5.362   -0.993  -21.298 1.00 46.81  ? 109 GLN A O   1 
ATOM   56   C  CB  . GLN A 1 8   ? 7.018   0.791   -23.314 1.00 53.05  ? 109 GLN A CB  1 
ATOM   57   C  CG  . GLN A 1 8   ? 7.923   1.101   -24.403 1.00 59.48  ? 109 GLN A CG  1 
ATOM   58   C  CD  . GLN A 1 8   ? 9.327   0.685   -24.205 1.00 69.96  ? 109 GLN A CD  1 
ATOM   59   O  OE1 . GLN A 1 8   ? 10.098  1.447   -23.532 1.00 72.74  ? 109 GLN A OE1 1 
ATOM   60   N  NE2 . GLN A 1 8   ? 9.792   -0.060  -25.030 1.00 75.34  ? 109 GLN A NE2 1 
ATOM   61   N  N   . GLN A 1 9   ? 7.244   -0.361  -20.213 1.00 47.91  ? 110 GLN A N   1 
ATOM   62   C  CA  . GLN A 1 9   ? 6.637   -0.400  -18.889 1.00 44.23  ? 110 GLN A CA  1 
ATOM   63   C  C   . GLN A 1 9   ? 7.035   0.788   -17.994 1.00 46.04  ? 110 GLN A C   1 
ATOM   64   O  O   . GLN A 1 9   ? 7.921   1.573   -18.349 1.00 48.75  ? 110 GLN A O   1 
ATOM   65   C  CB  . GLN A 1 9   ? 6.961   -1.722  -18.185 1.00 45.81  ? 110 GLN A CB  1 
ATOM   66   C  CG  . GLN A 1 9   ? 6.461   -2.979  -18.909 1.00 44.07  ? 110 GLN A CG  1 
ATOM   67   C  CD  . GLN A 1 9   ? 6.626   -4.273  -18.084 1.00 45.00  ? 110 GLN A CD  1 
ATOM   68   O  OE1 . GLN A 1 9   ? 7.647   -4.460  -17.455 1.00 46.97  ? 110 GLN A OE1 1 
ATOM   69   N  NE2 . GLN A 1 9   ? 5.651   -5.178  -18.172 1.00 46.64  ? 110 GLN A NE2 1 
ATOM   70   N  N   . LEU A 1 10  ? 6.395   0.891   -16.825 1.00 47.45  ? 111 LEU A N   1 
ATOM   71   C  CA  . LEU A 1 10  ? 6.657   1.955   -15.848 1.00 44.78  ? 111 LEU A CA  1 
ATOM   72   C  C   . LEU A 1 10  ? 6.602   1.404   -14.438 1.00 46.49  ? 111 LEU A C   1 
ATOM   73   O  O   . LEU A 1 10  ? 5.548   0.922   -13.999 1.00 47.87  ? 111 LEU A O   1 
ATOM   74   C  CB  . LEU A 1 10  ? 5.646   3.086   -15.991 1.00 44.21  ? 111 LEU A CB  1 
ATOM   75   C  CG  . LEU A 1 10  ? 5.783   3.983   -17.208 1.00 46.21  ? 111 LEU A CG  1 
ATOM   76   C  CD1 . LEU A 1 10  ? 4.596   4.920   -17.322 1.00 42.19  ? 111 LEU A CD1 1 
ATOM   77   C  CD2 . LEU A 1 10  ? 7.074   4.772   -17.130 1.00 42.74  ? 111 LEU A CD2 1 
ATOM   78   N  N   . GLU A 1 11  ? 7.723   1.439   -13.727 1.00 43.44  ? 112 GLU A N   1 
ATOM   79   C  CA  . GLU A 1 11  ? 7.742   0.943   -12.341 1.00 43.20  ? 112 GLU A CA  1 
ATOM   80   C  C   . GLU A 1 11  ? 7.666   2.102   -11.380 1.00 43.34  ? 112 GLU A C   1 
ATOM   81   O  O   . GLU A 1 11  ? 8.527   2.965   -11.368 1.00 48.24  ? 112 GLU A O   1 
ATOM   82   C  CB  . GLU A 1 11  ? 8.984   0.117   -12.060 1.00 47.29  ? 112 GLU A CB  1 
ATOM   83   C  CG  . GLU A 1 11  ? 8.805   -0.791  -10.859 1.00 52.36  ? 112 GLU A CG  1 
ATOM   84   C  CD  . GLU A 1 11  ? 10.054  -1.571  -10.514 1.00 53.47  ? 112 GLU A CD  1 
ATOM   85   O  OE1 . GLU A 1 11  ? 10.715  -2.135  -11.419 1.00 48.26  ? 112 GLU A OE1 1 
ATOM   86   O  OE2 . GLU A 1 11  ? 10.405  -1.600  -9.322  1.00 58.42  ? 112 GLU A OE2 1 
ATOM   87   N  N   . MET A 1 12  ? 6.672   2.076   -10.512 1.00 42.30  ? 113 MET A N   1 
ATOM   88   C  CA  . MET A 1 12  ? 6.475   3.166   -9.587  1.00 41.69  ? 113 MET A CA  1 
ATOM   89   C  C   . MET A 1 12  ? 6.518   2.618   -8.168  1.00 39.91  ? 113 MET A C   1 
ATOM   90   O  O   . MET A 1 12  ? 5.735   1.751   -7.790  1.00 41.28  ? 113 MET A O   1 
ATOM   91   C  CB  . MET A 1 12  ? 5.167   3.889   -9.933  1.00 42.51  ? 113 MET A CB  1 
ATOM   92   C  CG  . MET A 1 12  ? 5.106   4.223   -11.435 1.00 45.92  ? 113 MET A CG  1 
ATOM   93   S  SD  . MET A 1 12  ? 3.667   5.125   -12.030 1.00 49.82  ? 113 MET A SD  1 
ATOM   94   C  CE  . MET A 1 12  ? 2.356   4.065   -11.484 1.00 48.58  ? 113 MET A CE  1 
ATOM   95   N  N   . PRO A 1 13  ? 7.515   3.042   -7.396  1.00 38.08  ? 114 PRO A N   1 
ATOM   96   C  CA  . PRO A 1 13  ? 7.699   2.585   -6.022  1.00 37.32  ? 114 PRO A CA  1 
ATOM   97   C  C   . PRO A 1 13  ? 6.772   3.095   -4.956  1.00 37.34  ? 114 PRO A C   1 
ATOM   98   O  O   . PRO A 1 13  ? 6.201   4.189   -5.069  1.00 32.38  ? 114 PRO A O   1 
ATOM   99   C  CB  . PRO A 1 13  ? 9.125   3.020   -5.726  1.00 36.43  ? 114 PRO A CB  1 
ATOM   100  C  CG  . PRO A 1 13  ? 9.232   4.277   -6.477  1.00 35.43  ? 114 PRO A CG  1 
ATOM   101  C  CD  . PRO A 1 13  ? 8.609   3.927   -7.794  1.00 37.19  ? 114 PRO A CD  1 
ATOM   102  N  N   . LEU A 1 14  ? 6.632   2.303   -3.905  1.00 37.61  ? 115 LEU A N   1 
ATOM   103  C  CA  . LEU A 1 14  ? 5.818   2.680   -2.749  1.00 34.55  ? 115 LEU A CA  1 
ATOM   104  C  C   . LEU A 1 14  ? 6.798   3.212   -1.712  1.00 44.15  ? 115 LEU A C   1 
ATOM   105  O  O   . LEU A 1 14  ? 7.453   2.443   -1.038  1.00 43.43  ? 115 LEU A O   1 
ATOM   106  C  CB  . LEU A 1 14  ? 5.105   1.480   -2.145  1.00 34.89  ? 115 LEU A CB  1 
ATOM   107  C  CG  . LEU A 1 14  ? 4.110   0.673   -2.975  1.00 34.62  ? 115 LEU A CG  1 
ATOM   108  C  CD1 . LEU A 1 14  ? 3.064   0.101   -2.039  1.00 39.62  ? 115 LEU A CD1 1 
ATOM   109  C  CD2 . LEU A 1 14  ? 3.446   1.544   -4.004  1.00 33.72  ? 115 LEU A CD2 1 
ATOM   110  N  N   . VAL A 1 15  ? 6.919   4.539   -1.636  1.00 41.59  ? 116 VAL A N   1 
ATOM   111  C  CA  . VAL A 1 15  ? 7.832   5.200   -0.687  1.00 36.74  ? 116 VAL A CA  1 
ATOM   112  C  C   . VAL A 1 15  ? 7.183   5.347   0.690   1.00 39.33  ? 116 VAL A C   1 
ATOM   113  O  O   . VAL A 1 15  ? 5.994   5.549   0.794   1.00 45.42  ? 116 VAL A O   1 
ATOM   114  C  CB  . VAL A 1 15  ? 8.249   6.567   -1.181  1.00 30.40  ? 116 VAL A CB  1 
ATOM   115  C  CG1 . VAL A 1 15  ? 9.350   7.116   -0.317  1.00 29.86  ? 116 VAL A CG1 1 
ATOM   116  C  CG2 . VAL A 1 15  ? 8.681   6.483   -2.629  1.00 29.55  ? 116 VAL A CG2 1 
ATOM   117  N  N   . LEU A 1 16  ? 7.959   5.106   1.742   1.00 40.01  ? 117 LEU A N   1 
ATOM   118  C  CA  . LEU A 1 16  ? 7.464   5.244   3.104   1.00 44.98  ? 117 LEU A CA  1 
ATOM   119  C  C   . LEU A 1 16  ? 7.235   6.725   3.428   1.00 47.27  ? 117 LEU A C   1 
ATOM   120  O  O   . LEU A 1 16  ? 8.148   7.538   3.303   1.00 53.09  ? 117 LEU A O   1 
ATOM   121  C  CB  . LEU A 1 16  ? 8.450   4.625   4.088   1.00 42.65  ? 117 LEU A CB  1 
ATOM   122  C  CG  . LEU A 1 16  ? 8.211   4.782   5.586   1.00 42.01  ? 117 LEU A CG  1 
ATOM   123  C  CD1 . LEU A 1 16  ? 7.013   3.992   6.039   1.00 39.87  ? 117 LEU A CD1 1 
ATOM   124  C  CD2 . LEU A 1 16  ? 9.439   4.310   6.320   1.00 47.68  ? 117 LEU A CD2 1 
ATOM   125  N  N   . ASP A 1 17  ? 6.020   7.044   3.895   1.00 51.83  ? 118 ASP A N   1 
ATOM   126  C  CA  . ASP A 1 17  ? 5.596   8.418   4.249   1.00 55.32  ? 118 ASP A CA  1 
ATOM   127  C  C   . ASP A 1 17  ? 5.714   8.590   5.763   1.00 58.56  ? 118 ASP A C   1 
ATOM   128  O  O   . ASP A 1 17  ? 4.723   8.492   6.488   1.00 58.94  ? 118 ASP A O   1 
ATOM   129  C  CB  . ASP A 1 17  ? 4.142   8.646   3.783   1.00 50.88  ? 118 ASP A CB  1 
ATOM   130  C  CG  . ASP A 1 17  ? 3.808   10.133  3.528   1.00 48.69  ? 118 ASP A CG  1 
ATOM   131  O  OD1 . ASP A 1 17  ? 3.849   10.920  4.459   1.00 48.56  ? 118 ASP A OD1 1 
ATOM   132  O  OD2 . ASP A 1 17  ? 3.421   10.505  2.402   1.00 46.27  ? 118 ASP A OD2 1 
ATOM   133  N  N   . GLN A 1 18  ? 6.898   8.991   6.212   1.00 54.71  ? 119 GLN A N   1 
ATOM   134  C  CA  . GLN A 1 18  ? 7.176   9.123   7.635   1.00 57.65  ? 119 GLN A CA  1 
ATOM   135  C  C   . GLN A 1 18  ? 6.389   10.220  8.321   1.00 56.64  ? 119 GLN A C   1 
ATOM   136  O  O   . GLN A 1 18  ? 5.840   9.998   9.411   1.00 57.64  ? 119 GLN A O   1 
ATOM   137  C  CB  . GLN A 1 18  ? 8.665   9.321   7.849   1.00 59.37  ? 119 GLN A CB  1 
ATOM   138  C  CG  . GLN A 1 18  ? 9.535   8.270   7.137   1.00 69.25  ? 119 GLN A CG  1 
ATOM   139  C  CD  . GLN A 1 18  ? 11.018  8.452   7.505   1.00 78.13  ? 119 GLN A CD  1 
ATOM   140  O  OE1 . GLN A 1 18  ? 11.382  9.548   7.924   1.00 87.04  ? 119 GLN A OE1 1 
ATOM   141  N  NE2 . GLN A 1 18  ? 11.825  7.430   7.282   1.00 80.15  ? 119 GLN A NE2 1 
ATOM   142  N  N   . ASP A 1 19  ? 6.287   11.371  7.665   1.00 54.34  ? 120 ASP A N   1 
ATOM   143  C  CA  . ASP A 1 19  ? 5.544   12.503  8.200   1.00 54.36  ? 120 ASP A CA  1 
ATOM   144  C  C   . ASP A 1 19  ? 4.092   12.069  8.451   1.00 51.93  ? 120 ASP A C   1 
ATOM   145  O  O   . ASP A 1 19  ? 3.603   12.134  9.582   1.00 54.93  ? 120 ASP A O   1 
ATOM   146  C  CB  . ASP A 1 19  ? 5.591   13.714  7.247   1.00 55.80  ? 120 ASP A CB  1 
ATOM   147  C  CG  . ASP A 1 19  ? 5.399   13.338  5.766   1.00 63.35  ? 120 ASP A CG  1 
ATOM   148  O  OD1 . ASP A 1 19  ? 5.643   12.176  5.385   1.00 67.08  ? 120 ASP A OD1 1 
ATOM   149  O  OD2 . ASP A 1 19  ? 5.063   14.238  4.953   1.00 58.52  ? 120 ASP A OD2 1 
ATOM   150  N  N   . LEU A 1 20  ? 3.450   11.543  7.412   1.00 47.81  ? 121 LEU A N   1 
ATOM   151  C  CA  . LEU A 1 20  ? 2.079   11.086  7.517   1.00 46.73  ? 121 LEU A CA  1 
ATOM   152  C  C   . LEU A 1 20  ? 1.910   9.885   8.455   1.00 47.18  ? 121 LEU A C   1 
ATOM   153  O  O   . LEU A 1 20  ? 0.876   9.708   9.085   1.00 41.59  ? 121 LEU A O   1 
ATOM   154  C  CB  . LEU A 1 20  ? 1.545   10.747  6.136   1.00 47.14  ? 121 LEU A CB  1 
ATOM   155  C  CG  . LEU A 1 20  ? 0.046   10.516  6.023   1.00 46.90  ? 121 LEU A CG  1 
ATOM   156  C  CD1 . LEU A 1 20  ? -0.647  11.775  6.428   1.00 52.80  ? 121 LEU A CD1 1 
ATOM   157  C  CD2 . LEU A 1 20  ? -0.364  10.136  4.618   1.00 42.73  ? 121 LEU A CD2 1 
ATOM   158  N  N   . THR A 1 21  ? 2.936   9.046   8.519   1.00 46.63  ? 122 THR A N   1 
ATOM   159  C  CA  . THR A 1 21  ? 2.892   7.881   9.383   1.00 49.37  ? 122 THR A CA  1 
ATOM   160  C  C   . THR A 1 21  ? 3.053   8.310   10.820  1.00 51.28  ? 122 THR A C   1 
ATOM   161  O  O   . THR A 1 21  ? 2.637   7.593   11.757  1.00 51.35  ? 122 THR A O   1 
ATOM   162  C  CB  . THR A 1 21  ? 3.972   6.848   9.018   1.00 52.48  ? 122 THR A CB  1 
ATOM   163  O  OG1 . THR A 1 21  ? 3.869   6.509   7.630   1.00 50.87  ? 122 THR A OG1 1 
ATOM   164  C  CG2 . THR A 1 21  ? 3.777   5.534   9.844   1.00 56.79  ? 122 THR A CG2 1 
ATOM   165  N  N   . GLN A 1 22  ? 3.720   9.438   11.008  1.00 50.80  ? 123 GLN A N   1 
ATOM   166  C  CA  . GLN A 1 22  ? 3.927   10.000  12.344  1.00 52.37  ? 123 GLN A CA  1 
ATOM   167  C  C   . GLN A 1 22  ? 2.678   10.740  12.809  1.00 49.87  ? 123 GLN A C   1 
ATOM   168  O  O   . GLN A 1 22  ? 2.251   10.616  13.963  1.00 48.85  ? 123 GLN A O   1 
ATOM   169  C  CB  . GLN A 1 22  ? 5.154   10.916  12.322  1.00 55.19  ? 123 GLN A CB  1 
ATOM   170  C  CG  . GLN A 1 22  ? 5.496   11.521  13.669  1.00 60.67  ? 123 GLN A CG  1 
ATOM   171  C  CD  . GLN A 1 22  ? 5.418   10.537  14.818  1.00 65.93  ? 123 GLN A CD  1 
ATOM   172  O  OE1 . GLN A 1 22  ? 5.896   9.399   14.736  1.00 64.21  ? 123 GLN A OE1 1 
ATOM   173  N  NE2 . GLN A 1 22  ? 4.958   11.015  15.970  1.00 62.07  ? 123 GLN A NE2 1 
ATOM   174  N  N   . GLN A 1 23  ? 2.091   11.485  11.886  1.00 44.89  ? 124 GLN A N   1 
ATOM   175  C  CA  . GLN A 1 23  ? 0.883   12.243  12.159  1.00 44.82  ? 124 GLN A CA  1 
ATOM   176  C  C   . GLN A 1 23  ? -0.182  11.338  12.775  1.00 48.03  ? 124 GLN A C   1 
ATOM   177  O  O   . GLN A 1 23  ? -0.875  11.710  13.712  1.00 49.51  ? 124 GLN A O   1 
ATOM   178  C  CB  . GLN A 1 23  ? 0.379   12.834  10.858  1.00 48.02  ? 124 GLN A CB  1 
ATOM   179  C  CG  . GLN A 1 23  ? -0.995  13.426  10.941  1.00 51.40  ? 124 GLN A CG  1 
ATOM   180  C  CD  . GLN A 1 23  ? -1.414  14.140  9.669   1.00 56.74  ? 124 GLN A CD  1 
ATOM   181  O  OE1 . GLN A 1 23  ? -0.720  15.053  9.213   1.00 54.68  ? 124 GLN A OE1 1 
ATOM   182  N  NE2 . GLN A 1 23  ? -2.646  13.843  9.186   1.00 52.50  ? 124 GLN A NE2 1 
ATOM   183  N  N   . MET A 1 24  ? -0.353  10.164  12.190  1.00 46.92  ? 125 MET A N   1 
ATOM   184  C  CA  . MET A 1 24  ? -1.306  9.189   12.692  1.00 48.32  ? 125 MET A CA  1 
ATOM   185  C  C   . MET A 1 24  ? -0.903  8.586   14.017  1.00 50.42  ? 125 MET A C   1 
ATOM   186  O  O   . MET A 1 24  ? -1.750  8.087   14.771  1.00 48.37  ? 125 MET A O   1 
ATOM   187  C  CB  . MET A 1 24  ? -1.527  8.109   11.642  1.00 49.78  ? 125 MET A CB  1 
ATOM   188  C  CG  . MET A 1 24  ? -2.259  8.605   10.423  1.00 42.15  ? 125 MET A CG  1 
ATOM   189  S  SD  . MET A 1 24  ? -2.621  7.378   9.131   1.00 41.74  ? 125 MET A SD  1 
ATOM   190  C  CE  . MET A 1 24  ? -3.745  6.263   9.943   1.00 35.87  ? 125 MET A CE  1 
ATOM   191  N  N   . ARG A 1 25  ? 0.397   8.511   14.266  1.00 51.07  ? 126 ARG A N   1 
ATOM   192  C  CA  . ARG A 1 25  ? 0.884   7.962   15.544  1.00 54.51  ? 126 ARG A CA  1 
ATOM   193  C  C   . ARG A 1 25  ? 0.500   8.881   16.690  1.00 59.71  ? 126 ARG A C   1 
ATOM   194  O  O   . ARG A 1 25  ? 0.080   8.429   17.777  1.00 60.98  ? 126 ARG A O   1 
ATOM   195  C  CB  . ARG A 1 25  ? 2.399   7.753   15.515  1.00 53.17  ? 126 ARG A CB  1 
ATOM   196  C  CG  . ARG A 1 25  ? 2.855   6.641   14.605  1.00 48.29  ? 126 ARG A CG  1 
ATOM   197  C  CD  . ARG A 1 25  ? 2.443   5.275   15.114  1.00 49.45  ? 126 ARG A CD  1 
ATOM   198  N  NE  . ARG A 1 25  ? 2.570   4.226   14.142  1.00 53.52  ? 126 ARG A NE  1 
ATOM   199  C  CZ  . ARG A 1 25  ? 3.700   3.852   13.503  1.00 54.87  ? 126 ARG A CZ  1 
ATOM   200  N  NH1 . ARG A 1 25  ? 4.868   4.461   13.710  1.00 54.97  ? 126 ARG A NH1 1 
ATOM   201  N  NH2 . ARG A 1 25  ? 3.655   2.882   12.587  1.00 55.22  ? 126 ARG A NH2 1 
ATOM   202  N  N   . LEU A 1 26  ? 0.674   10.180  16.474  1.00 58.63  ? 127 LEU A N   1 
ATOM   203  C  CA  . LEU A 1 26  ? 0.312   11.164  17.513  1.00 59.03  ? 127 LEU A CA  1 
ATOM   204  C  C   . LEU A 1 26  ? -1.157  11.013  17.793  1.00 59.20  ? 127 LEU A C   1 
ATOM   205  O  O   . LEU A 1 26  ? -1.567  10.772  18.932  1.00 57.71  ? 127 LEU A O   1 
ATOM   206  C  CB  . LEU A 1 26  ? 0.624   12.581  17.029  1.00 59.53  ? 127 LEU A CB  1 
ATOM   207  C  CG  . LEU A 1 26  ? 2.121   12.869  16.943  1.00 62.12  ? 127 LEU A CG  1 
ATOM   208  C  CD1 . LEU A 1 26  ? 2.369   14.245  16.374  1.00 58.07  ? 127 LEU A CD1 1 
ATOM   209  C  CD2 . LEU A 1 26  ? 2.759   12.730  18.335  1.00 67.11  ? 127 LEU A CD2 1 
ATOM   210  N  N   . ARG A 1 27  ? -1.947  11.202  16.745  1.00 56.49  ? 128 ARG A N   1 
ATOM   211  C  CA  . ARG A 1 27  ? -3.396  11.041  16.818  1.00 59.13  ? 128 ARG A CA  1 
ATOM   212  C  C   . ARG A 1 27  ? -3.865  9.952   17.805  1.00 61.36  ? 128 ARG A C   1 
ATOM   213  O  O   . ARG A 1 27  ? -4.685  10.222  18.676  1.00 59.75  ? 128 ARG A O   1 
ATOM   214  C  CB  . ARG A 1 27  ? -3.938  10.766  15.418  1.00 59.97  ? 128 ARG A CB  1 
ATOM   215  C  CG  . ARG A 1 27  ? -5.424  10.691  15.337  1.00 61.34  ? 128 ARG A CG  1 
ATOM   216  C  CD  . ARG A 1 27  ? -6.083  12.011  15.488  1.00 63.25  ? 128 ARG A CD  1 
ATOM   217  N  NE  . ARG A 1 27  ? -7.462  11.744  15.315  1.00 63.08  ? 128 ARG A NE  1 
ATOM   218  C  CZ  . ARG A 1 27  ? -8.453  11.942  16.164  1.00 59.25  ? 128 ARG A CZ  1 
ATOM   219  N  NH1 . ARG A 1 27  ? -8.183  12.577  17.375  1.00 61.65  ? 128 ARG A NH1 1 
ATOM   220  N  NH2 . ARG A 1 27  ? -9.674  11.658  15.850  1.00 56.61  ? 128 ARG A NH2 1 
ATOM   221  N  N   . VAL A 1 28  ? -3.320  8.740   17.677  1.00 61.90  ? 129 VAL A N   1 
ATOM   222  C  CA  . VAL A 1 28  ? -3.715  7.625   18.574  1.00 67.73  ? 129 VAL A CA  1 
ATOM   223  C  C   . VAL A 1 28  ? -3.289  7.904   20.005  1.00 68.78  ? 129 VAL A C   1 
ATOM   224  O  O   . VAL A 1 28  ? -4.044  7.654   20.990  1.00 68.37  ? 129 VAL A O   1 
ATOM   225  C  CB  . VAL A 1 28  ? -3.139  6.252   18.127  1.00 64.13  ? 129 VAL A CB  1 
ATOM   226  C  CG1 . VAL A 1 28  ? -1.716  6.410   17.705  1.00 60.89  ? 129 VAL A CG1 1 
ATOM   227  C  CG2 . VAL A 1 28  ? -3.236  5.209   19.285  1.00 58.94  ? 129 VAL A CG2 1 
ATOM   228  N  N   . GLU A 1 29  ? -2.127  8.505   20.140  1.00 72.97  ? 130 GLU A N   1 
ATOM   229  C  CA  . GLU A 1 29  ? -1.583  8.789   21.458  1.00 74.83  ? 130 GLU A CA  1 
ATOM   230  C  C   . GLU A 1 29  ? -2.402  9.922   22.077  1.00 75.17  ? 130 GLU A C   1 
ATOM   231  O  O   . GLU A 1 29  ? -2.863  9.761   23.228  1.00 76.94  ? 130 GLU A O   1 
ATOM   232  C  CB  . GLU A 1 29  ? -0.125  9.189   21.328  1.00 80.61  ? 130 GLU A CB  1 
ATOM   233  C  CG  . GLU A 1 29  ? 0.535   9.663   22.611  1.00 88.59  ? 130 GLU A CG  1 
ATOM   234  C  CD  . GLU A 1 29  ? 2.020   9.943   22.392  1.00 96.08  ? 130 GLU A CD  1 
ATOM   235  O  OE1 . GLU A 1 29  ? 2.794   8.955   22.193  1.00 101.09 ? 130 GLU A OE1 1 
ATOM   236  O  OE2 . GLU A 1 29  ? 2.423   11.147  22.385  1.00 102.32 ? 130 GLU A OE2 1 
ATOM   237  N  N   . SER A 1 30  ? -2.568  11.029  21.340  1.00 70.57  ? 131 SER A N   1 
ATOM   238  C  CA  . SER A 1 30  ? -3.366  12.179  21.790  1.00 70.00  ? 131 SER A CA  1 
ATOM   239  C  C   . SER A 1 30  ? -4.653  11.715  22.448  1.00 67.42  ? 131 SER A C   1 
ATOM   240  O  O   . SER A 1 30  ? -5.023  12.158  23.535  1.00 71.73  ? 131 SER A O   1 
ATOM   241  C  CB  . SER A 1 30  ? -3.733  13.065  20.612  1.00 65.23  ? 131 SER A CB  1 
ATOM   242  O  OG  . SER A 1 30  ? -2.578  13.390  19.844  1.00 71.37  ? 131 SER A OG  1 
ATOM   243  N  N   . LEU A 1 31  ? -5.369  10.820  21.778  1.00 68.70  ? 132 LEU A N   1 
ATOM   244  C  CA  . LEU A 1 31  ? -6.616  10.306  22.336  1.00 71.51  ? 132 LEU A CA  1 
ATOM   245  C  C   . LEU A 1 31  ? -6.456  9.535   23.639  1.00 74.47  ? 132 LEU A C   1 
ATOM   246  O  O   . LEU A 1 31  ? -7.397  9.415   24.410  1.00 75.07  ? 132 LEU A O   1 
ATOM   247  C  CB  . LEU A 1 31  ? -7.375  9.476   21.296  1.00 73.62  ? 132 LEU A CB  1 
ATOM   248  C  CG  . LEU A 1 31  ? -7.791  10.205  20.011  1.00 72.39  ? 132 LEU A CG  1 
ATOM   249  C  CD1 . LEU A 1 31  ? -8.153  9.196   18.929  1.00 69.47  ? 132 LEU A CD1 1 
ATOM   250  C  CD2 . LEU A 1 31  ? -8.957  11.156  20.255  1.00 68.99  ? 132 LEU A CD2 1 
ATOM   251  N  N   . LYS A 1 32  ? -5.285  8.959   23.879  1.00 75.97  ? 133 LYS A N   1 
ATOM   252  C  CA  . LYS A 1 32  ? -5.049  8.196   25.139  1.00 80.06  ? 133 LYS A CA  1 
ATOM   253  C  C   . LYS A 1 32  ? -4.632  9.174   26.214  1.00 83.22  ? 133 LYS A C   1 
ATOM   254  O  O   . LYS A 1 32  ? -5.047  9.072   27.389  1.00 82.11  ? 133 LYS A O   1 
ATOM   255  C  CB  . LYS A 1 32  ? -3.897  7.210   24.976  1.00 82.44  ? 133 LYS A CB  1 
ATOM   256  C  CG  . LYS A 1 32  ? -4.136  6.114   23.983  1.00 87.61  ? 133 LYS A CG  1 
ATOM   257  C  CD  . LYS A 1 32  ? -2.894  5.253   23.867  1.00 87.13  ? 133 LYS A CD  1 
ATOM   258  C  CE  . LYS A 1 32  ? -3.072  4.069   22.901  1.00 88.67  ? 133 LYS A CE  1 
ATOM   259  N  NZ  . LYS A 1 32  ? -1.754  3.375   22.883  1.00 83.27  ? 133 LYS A NZ  1 
ATOM   260  N  N   . GLN A 1 33  ? -3.894  10.170  25.758  1.00 83.69  ? 134 GLN A N   1 
ATOM   261  C  CA  . GLN A 1 33  ? -3.289  11.206  26.564  1.00 82.22  ? 134 GLN A CA  1 
ATOM   262  C  C   . GLN A 1 33  ? -4.443  11.998  27.171  1.00 80.66  ? 134 GLN A C   1 
ATOM   263  O  O   . GLN A 1 33  ? -4.471  12.249  28.369  1.00 84.23  ? 134 GLN A O   1 
ATOM   264  C  CB  . GLN A 1 33  ? -2.454  12.075  25.639  1.00 84.71  ? 134 GLN A CB  1 
ATOM   265  C  CG  . GLN A 1 33  ? -1.668  13.161  26.342  1.00 86.66  ? 134 GLN A CG  1 
ATOM   266  C  CD  . GLN A 1 33  ? -0.774  13.948  25.369  1.00 90.91  ? 134 GLN A CD  1 
ATOM   267  O  OE1 . GLN A 1 33  ? -1.254  14.520  24.374  1.00 91.54  ? 134 GLN A OE1 1 
ATOM   268  N  NE2 . GLN A 1 33  ? 0.401   14.240  25.826  1.00 95.12  ? 134 GLN A NE2 1 
ATOM   269  N  N   . ARG A 1 34  ? -5.379  12.363  26.287  1.00 79.97  ? 135 ARG A N   1 
ATOM   270  C  CA  . ARG A 1 34  ? -6.566  13.102  26.656  1.00 78.15  ? 135 ARG A CA  1 
ATOM   271  C  C   . ARG A 1 34  ? -7.697  12.171  27.068  1.00 77.39  ? 135 ARG A C   1 
ATOM   272  O  O   . ARG A 1 34  ? -8.853  12.581  27.117  1.00 76.55  ? 135 ARG A O   1 
ATOM   273  C  CB  . ARG A 1 34  ? -7.075  13.933  25.467  1.00 78.51  ? 135 ARG A CB  1 
ATOM   274  C  CG  . ARG A 1 34  ? -6.072  14.864  24.784  1.00 80.11  ? 135 ARG A CG  1 
ATOM   275  C  CD  . ARG A 1 34  ? -6.766  15.787  23.678  1.00 80.12  ? 135 ARG A CD  1 
ATOM   276  N  NE  . ARG A 1 34  ? -5.821  16.511  22.961  1.00 85.13  ? 135 ARG A NE  1 
ATOM   277  C  CZ  . ARG A 1 34  ? -5.987  17.508  21.992  1.00 86.18  ? 135 ARG A CZ  1 
ATOM   278  N  NH1 . ARG A 1 34  ? -7.360  17.754  21.581  1.00 83.73  ? 135 ARG A NH1 1 
ATOM   279  N  NH2 . ARG A 1 34  ? -5.090  18.203  21.433  1.00 86.84  ? 135 ARG A NH2 1 
ATOM   280  N  N   . GLY A 1 35  ? -7.381  10.893  27.271  1.00 75.41  ? 136 GLY A N   1 
ATOM   281  C  CA  . GLY A 1 35  ? -8.388  9.894   27.636  1.00 73.53  ? 136 GLY A CA  1 
ATOM   282  C  C   . GLY A 1 35  ? -9.604  10.021  26.713  1.00 74.94  ? 136 GLY A C   1 
ATOM   283  O  O   . GLY A 1 35  ? -10.687 9.487   27.012  1.00 71.98  ? 136 GLY A O   1 
ATOM   284  N  N   . GLU A 1 36  ? -9.424  10.740  25.602  1.00 77.82  ? 137 GLU A N   1 
ATOM   285  C  CA  . GLU A 1 36  ? -10.465 10.987  24.613  1.00 76.75  ? 137 GLU A CA  1 
ATOM   286  C  C   . GLU A 1 36  ? -10.827 9.744   23.788  1.00 74.98  ? 137 GLU A C   1 
ATOM   287  O  O   . GLU A 1 36  ? -10.066 8.759   23.721  1.00 71.78  ? 137 GLU A O   1 
ATOM   288  C  CB  . GLU A 1 36  ? -10.050 12.157  23.716  1.00 79.54  ? 137 GLU A CB  1 
ATOM   289  C  CG  . GLU A 1 36  ? -11.038 12.461  22.580  1.00 84.84  ? 137 GLU A CG  1 
ATOM   290  C  CD  . GLU A 1 36  ? -10.794 13.805  21.873  1.00 87.74  ? 137 GLU A CD  1 
ATOM   291  O  OE1 . GLU A 1 36  ? -9.642  14.086  21.439  1.00 89.21  ? 137 GLU A OE1 1 
ATOM   292  O  OE2 . GLU A 1 36  ? -11.770 14.598  21.732  1.00 88.37  ? 137 GLU A OE2 1 
ATOM   293  N  N   . LYS A 1 37  ? -11.959 9.810   23.108  1.00 74.31  ? 138 LYS A N   1 
ATOM   294  C  CA  . LYS A 1 37  ? -12.428 8.689   22.306  1.00 74.68  ? 138 LYS A CA  1 
ATOM   295  C  C   . LYS A 1 37  ? -12.376 9.128   20.830  1.00 72.08  ? 138 LYS A C   1 
ATOM   296  O  O   . LYS A 1 37  ? -12.511 10.313  20.524  1.00 73.32  ? 138 LYS A O   1 
ATOM   297  C  CB  . LYS A 1 37  ? -13.838 8.319   22.727  1.00 75.12  ? 138 LYS A CB  1 
ATOM   298  C  CG  . LYS A 1 37  ? -14.368 7.028   22.192  1.00 76.84  ? 138 LYS A CG  1 
ATOM   299  C  CD  . LYS A 1 37  ? -15.733 6.696   22.805  1.00 76.04  ? 138 LYS A CD  1 
ATOM   300  C  CE  . LYS A 1 37  ? -16.208 5.329   22.250  1.00 74.61  ? 138 LYS A CE  1 
ATOM   301  N  NZ  . LYS A 1 37  ? -17.506 4.629   22.637  1.00 65.57  ? 138 LYS A NZ  1 
ATOM   302  N  N   . LYS A 1 38  ? -12.115 8.157   19.951  1.00 71.78  ? 139 LYS A N   1 
ATOM   303  C  CA  . LYS A 1 38  ? -12.019 8.358   18.505  1.00 68.59  ? 139 LYS A CA  1 
ATOM   304  C  C   . LYS A 1 38  ? -13.358 8.475   17.785  1.00 69.39  ? 139 LYS A C   1 
ATOM   305  O  O   . LYS A 1 38  ? -14.375 7.897   18.224  1.00 72.89  ? 139 LYS A O   1 
ATOM   306  C  CB  . LYS A 1 38  ? -11.185 7.238   17.866  1.00 68.16  ? 139 LYS A CB  1 
ATOM   307  C  CG  . LYS A 1 38  ? -11.773 5.829   17.999  1.00 60.62  ? 139 LYS A CG  1 
ATOM   308  C  CD  . LYS A 1 38  ? -11.729 5.099   16.662  1.00 61.38  ? 139 LYS A CD  1 
ATOM   309  C  CE  . LYS A 1 38  ? -12.512 3.789   16.675  1.00 57.47  ? 139 LYS A CE  1 
ATOM   310  N  NZ  . LYS A 1 38  ? -12.555 3.078   15.332  1.00 59.19  ? 139 LYS A NZ  1 
ATOM   311  N  N   . GLN A 1 39  ? -13.330 9.115   16.619  1.00 65.91  ? 140 GLN A N   1 
ATOM   312  C  CA  . GLN A 1 39  ? -14.534 9.323   15.818  1.00 62.47  ? 140 GLN A CA  1 
ATOM   313  C  C   . GLN A 1 39  ? -15.210 8.002   15.444  1.00 66.09  ? 140 GLN A C   1 
ATOM   314  O  O   . GLN A 1 39  ? -14.680 6.894   15.663  1.00 66.86  ? 140 GLN A O   1 
ATOM   315  C  CB  . GLN A 1 39  ? -14.189 10.082  14.541  1.00 62.23  ? 140 GLN A CB  1 
ATOM   316  C  CG  . GLN A 1 39  ? -13.511 11.431  14.745  1.00 62.32  ? 140 GLN A CG  1 
ATOM   317  C  CD  . GLN A 1 39  ? -13.167 12.087  13.378  1.00 63.46  ? 140 GLN A CD  1 
ATOM   318  O  OE1 . GLN A 1 39  ? -13.988 12.074  12.479  1.00 62.92  ? 140 GLN A OE1 1 
ATOM   319  N  NE2 . GLN A 1 39  ? -12.148 12.844  13.353  1.00 65.58  ? 140 GLN A NE2 1 
ATOM   320  N  N   . ASP A 1 40  ? -16.376 8.118   14.820  1.00 66.46  ? 141 ASP A N   1 
ATOM   321  C  CA  . ASP A 1 40  ? -17.166 6.946   14.423  1.00 70.11  ? 141 ASP A CA  1 
ATOM   322  C  C   . ASP A 1 40  ? -16.558 6.288   13.180  1.00 69.78  ? 141 ASP A C   1 
ATOM   323  O  O   . ASP A 1 40  ? -16.292 6.960   12.168  1.00 69.63  ? 141 ASP A O   1 
ATOM   324  C  CB  . ASP A 1 40  ? -18.605 7.358   14.066  1.00 72.75  ? 141 ASP A CB  1 
ATOM   325  C  CG  . ASP A 1 40  ? -19.154 8.437   14.989  1.00 76.74  ? 141 ASP A CG  1 
ATOM   326  O  OD1 . ASP A 1 40  ? -19.227 8.173   16.213  1.00 80.13  ? 141 ASP A OD1 1 
ATOM   327  O  OD2 . ASP A 1 40  ? -19.505 9.548   14.489  1.00 77.45  ? 141 ASP A OD2 1 
ATOM   328  N  N   . GLY A 1 41  ? -16.226 5.006   13.302  1.00 68.10  ? 142 GLY A N   1 
ATOM   329  C  CA  . GLY A 1 41  ? -15.708 4.278   12.159  1.00 67.73  ? 142 GLY A CA  1 
ATOM   330  C  C   . GLY A 1 41  ? -14.434 4.924   11.641  1.00 65.33  ? 142 GLY A C   1 
ATOM   331  O  O   . GLY A 1 41  ? -14.296 5.178   10.423  1.00 63.74  ? 142 GLY A O   1 
ATOM   332  N  N   . GLU A 1 42  ? -13.613 5.381   12.572  1.00 64.02  ? 143 GLU A N   1 
ATOM   333  C  CA  . GLU A 1 42  ? -12.337 5.956   12.239  1.00 59.69  ? 143 GLU A CA  1 
ATOM   334  C  C   . GLU A 1 42  ? -11.260 4.876   12.246  1.00 59.22  ? 143 GLU A C   1 
ATOM   335  O  O   . GLU A 1 42  ? -11.303 3.945   13.076  1.00 58.21  ? 143 GLU A O   1 
ATOM   336  C  CB  . GLU A 1 42  ? -12.021 7.062   13.238  1.00 60.33  ? 143 GLU A CB  1 
ATOM   337  C  CG  . GLU A 1 42  ? -10.522 7.268   13.494  1.00 60.52  ? 143 GLU A CG  1 
ATOM   338  C  CD  . GLU A 1 42  ? -10.202 8.572   14.212  1.00 59.40  ? 143 GLU A CD  1 
ATOM   339  O  OE1 . GLU A 1 42  ? -10.793 8.822   15.278  1.00 56.86  ? 143 GLU A OE1 1 
ATOM   340  O  OE2 . GLU A 1 42  ? -9.366  9.346   13.694  1.00 60.40  ? 143 GLU A OE2 1 
ATOM   341  N  N   . LYS A 1 43  ? -10.265 5.020   11.382  1.00 51.02  ? 144 LYS A N   1 
ATOM   342  C  CA  . LYS A 1 43  ? -9.180  4.042   11.306  1.00 43.99  ? 144 LYS A CA  1 
ATOM   343  C  C   . LYS A 1 43  ? -7.958  4.562   12.038  1.00 47.65  ? 144 LYS A C   1 
ATOM   344  O  O   . LYS A 1 43  ? -7.337  5.541   11.589  1.00 43.96  ? 144 LYS A O   1 
ATOM   345  C  CB  . LYS A 1 43  ? -8.819  3.749   9.858   1.00 41.37  ? 144 LYS A CB  1 
ATOM   346  C  CG  . LYS A 1 43  ? -7.563  2.981   9.716   1.00 45.80  ? 144 LYS A CG  1 
ATOM   347  C  CD  . LYS A 1 43  ? -7.561  1.741   10.529  1.00 44.98  ? 144 LYS A CD  1 
ATOM   348  C  CE  . LYS A 1 43  ? -6.203  1.313   10.354  1.00 47.40  ? 144 LYS A CE  1 
ATOM   349  N  NZ  . LYS A 1 43  ? -5.804  0.234   11.123  1.00 44.41  ? 144 LYS A NZ  1 
ATOM   350  N  N   . LEU A 1 44  ? -7.639  3.992   13.192  1.00 41.17  ? 145 LEU A N   1 
ATOM   351  C  CA  . LEU A 1 44  ? -6.456  4.423   13.949  1.00 41.95  ? 145 LEU A CA  1 
ATOM   352  C  C   . LEU A 1 44  ? -5.241  3.564   13.565  1.00 42.33  ? 145 LEU A C   1 
ATOM   353  O  O   . LEU A 1 44  ? -5.237  2.371   13.743  1.00 37.11  ? 145 LEU A O   1 
ATOM   354  C  CB  . LEU A 1 44  ? -6.697  4.286   15.449  1.00 42.14  ? 145 LEU A CB  1 
ATOM   355  C  CG  . LEU A 1 44  ? -7.856  5.009   16.135  1.00 40.74  ? 145 LEU A CG  1 
ATOM   356  C  CD1 . LEU A 1 44  ? -7.959  4.559   17.597  1.00 30.69  ? 145 LEU A CD1 1 
ATOM   357  C  CD2 . LEU A 1 44  ? -7.673  6.524   16.032  1.00 42.67  ? 145 LEU A CD2 1 
ATOM   358  N  N   . ILE A 1 45  ? -4.200  4.228   13.075  1.00 42.27  ? 146 ILE A N   1 
ATOM   359  C  CA  . ILE A 1 45  ? -2.997  3.513   12.684  1.00 44.34  ? 146 ILE A CA  1 
ATOM   360  C  C   . ILE A 1 45  ? -2.489  2.663   13.852  1.00 47.72  ? 146 ILE A C   1 
ATOM   361  O  O   . ILE A 1 45  ? -2.552  3.064   15.009  1.00 53.60  ? 146 ILE A O   1 
ATOM   362  C  CB  . ILE A 1 45  ? -1.885  4.447   12.197  1.00 43.64  ? 146 ILE A CB  1 
ATOM   363  C  CG1 . ILE A 1 45  ? -0.860  3.669   11.376  1.00 42.16  ? 146 ILE A CG1 1 
ATOM   364  C  CG2 . ILE A 1 45  ? -1.195  5.104   13.368  1.00 42.35  ? 146 ILE A CG2 1 
ATOM   365  C  CD1 . ILE A 1 45  ? 0.056   4.541   10.528  1.00 41.11  ? 146 ILE A CD1 1 
ATOM   366  N  N   . ARG A 1 46  ? -2.071  1.442   13.534  1.00 50.01  ? 147 ARG A N   1 
ATOM   367  C  CA  . ARG A 1 46  ? -1.543  0.526   14.530  1.00 47.02  ? 147 ARG A CA  1 
ATOM   368  C  C   . ARG A 1 46  ? -0.018  0.546   14.529  1.00 47.10  ? 147 ARG A C   1 
ATOM   369  O  O   . ARG A 1 46  ? 0.630   0.992   13.563  1.00 41.04  ? 147 ARG A O   1 
ATOM   370  C  CB  . ARG A 1 46  ? -2.061  -0.872  14.280  1.00 44.88  ? 147 ARG A CB  1 
ATOM   371  C  CG  . ARG A 1 46  ? -3.563  -0.983  14.298  1.00 52.67  ? 147 ARG A CG  1 
ATOM   372  C  CD  . ARG A 1 46  ? -3.979  -2.392  14.620  1.00 60.10  ? 147 ARG A CD  1 
ATOM   373  N  NE  . ARG A 1 46  ? -3.002  -3.340  14.056  1.00 65.20  ? 147 ARG A NE  1 
ATOM   374  C  CZ  . ARG A 1 46  ? -3.105  -4.652  14.225  1.00 66.27  ? 147 ARG A CZ  1 
ATOM   375  N  NH1 . ARG A 1 46  ? -4.105  -5.155  14.933  1.00 69.37  ? 147 ARG A NH1 1 
ATOM   376  N  NH2 . ARG A 1 46  ? -2.243  -5.459  13.608  1.00 63.50  ? 147 ARG A NH2 1 
ATOM   377  N  N   . PRO A 1 47  ? 0.575   0.068   15.628  1.00 41.66  ? 148 PRO A N   1 
ATOM   378  C  CA  . PRO A 1 47  ? 2.031   0.053   15.718  1.00 43.29  ? 148 PRO A CA  1 
ATOM   379  C  C   . PRO A 1 47  ? 2.664   -0.741  14.573  1.00 43.07  ? 148 PRO A C   1 
ATOM   380  O  O   . PRO A 1 47  ? 3.714   -0.366  14.060  1.00 39.15  ? 148 PRO A O   1 
ATOM   381  C  CB  . PRO A 1 47  ? 2.272   -0.582  17.089  1.00 45.84  ? 148 PRO A CB  1 
ATOM   382  C  CG  . PRO A 1 47  ? 1.027   -1.394  17.340  1.00 42.13  ? 148 PRO A CG  1 
ATOM   383  C  CD  . PRO A 1 47  ? -0.034  -0.482  16.850  1.00 43.37  ? 148 PRO A CD  1 
ATOM   384  N  N   . ALA A 1 48  ? 1.967   -1.780  14.114  1.00 41.02  ? 149 ALA A N   1 
ATOM   385  C  CA  . ALA A 1 48  ? 2.490   -2.608  13.045  1.00 41.78  ? 149 ALA A CA  1 
ATOM   386  C  C   . ALA A 1 48  ? 2.154   -2.046  11.662  1.00 40.13  ? 149 ALA A C   1 
ATOM   387  O  O   . ALA A 1 48  ? 2.362   -2.727  10.661  1.00 41.76  ? 149 ALA A O   1 
ATOM   388  C  CB  . ALA A 1 48  ? 1.987   -4.014  13.183  1.00 36.98  ? 149 ALA A CB  1 
ATOM   389  N  N   . GLU A 1 49  ? 1.527   -0.873  11.603  1.00 41.92  ? 150 GLU A N   1 
ATOM   390  C  CA  . GLU A 1 49  ? 1.178   -0.227  10.328  1.00 38.49  ? 150 GLU A CA  1 
ATOM   391  C  C   . GLU A 1 49  ? 1.978   1.028   10.037  1.00 35.89  ? 150 GLU A C   1 
ATOM   392  O  O   . GLU A 1 49  ? 2.222   1.815   10.934  1.00 41.77  ? 150 GLU A O   1 
ATOM   393  C  CB  . GLU A 1 49  ? -0.300  0.140   10.336  1.00 41.81  ? 150 GLU A CB  1 
ATOM   394  C  CG  . GLU A 1 49  ? -1.222  -0.998  10.708  1.00 41.83  ? 150 GLU A CG  1 
ATOM   395  C  CD  . GLU A 1 49  ? -2.684  -0.609  10.709  1.00 41.31  ? 150 GLU A CD  1 
ATOM   396  O  OE1 . GLU A 1 49  ? -3.020  0.437   11.266  1.00 39.62  ? 150 GLU A OE1 1 
ATOM   397  O  OE2 . GLU A 1 49  ? -3.502  -1.346  10.135  1.00 45.95  ? 150 GLU A OE2 1 
ATOM   398  N  N   . SER A 1 50  ? 2.289   1.261   8.767   1.00 36.41  ? 151 SER A N   1 
ATOM   399  C  CA  . SER A 1 50  ? 3.039   2.447   8.362   1.00 35.24  ? 151 SER A CA  1 
ATOM   400  C  C   . SER A 1 50  ? 2.421   2.899   7.067   1.00 38.50  ? 151 SER A C   1 
ATOM   401  O  O   . SER A 1 50  ? 2.065   2.085   6.236   1.00 36.84  ? 151 SER A O   1 
ATOM   402  C  CB  . SER A 1 50  ? 4.499   2.134   8.123   1.00 37.84  ? 151 SER A CB  1 
ATOM   403  O  OG  . SER A 1 50  ? 5.176   1.995   9.338   1.00 44.25  ? 151 SER A OG  1 
ATOM   404  N  N   . VAL A 1 51  ? 2.367   4.201   6.869   1.00 35.77  ? 152 VAL A N   1 
ATOM   405  C  CA  . VAL A 1 51  ? 1.746   4.730   5.671   1.00 38.78  ? 152 VAL A CA  1 
ATOM   406  C  C   . VAL A 1 51  ? 2.769   4.818   4.554   1.00 39.06  ? 152 VAL A C   1 
ATOM   407  O  O   . VAL A 1 51  ? 3.918   5.198   4.805   1.00 37.07  ? 152 VAL A O   1 
ATOM   408  C  CB  . VAL A 1 51  ? 1.111   6.126   5.921   1.00 38.88  ? 152 VAL A CB  1 
ATOM   409  C  CG1 . VAL A 1 51  ? 0.431   6.660   4.660   1.00 32.36  ? 152 VAL A CG1 1 
ATOM   410  C  CG2 . VAL A 1 51  ? 0.116   6.065   7.083   1.00 39.02  ? 152 VAL A CG2 1 
ATOM   411  N  N   . TYR A 1 52  ? 2.367   4.433   3.346   1.00 40.02  ? 153 TYR A N   1 
ATOM   412  C  CA  . TYR A 1 52  ? 3.224   4.499   2.164   1.00 35.02  ? 153 TYR A CA  1 
ATOM   413  C  C   . TYR A 1 52  ? 2.586   5.330   1.073   1.00 35.37  ? 153 TYR A C   1 
ATOM   414  O  O   . TYR A 1 52  ? 1.381   5.335   0.916   1.00 35.97  ? 153 TYR A O   1 
ATOM   415  C  CB  . TYR A 1 52  ? 3.513   3.104   1.658   1.00 37.11  ? 153 TYR A CB  1 
ATOM   416  C  CG  . TYR A 1 52  ? 4.654   2.418   2.352   1.00 43.71  ? 153 TYR A CG  1 
ATOM   417  C  CD1 . TYR A 1 52  ? 4.507   1.912   3.636   1.00 37.33  ? 153 TYR A CD1 1 
ATOM   418  C  CD2 . TYR A 1 52  ? 5.880   2.257   1.712   1.00 35.48  ? 153 TYR A CD2 1 
ATOM   419  C  CE1 . TYR A 1 52  ? 5.544   1.257   4.280   1.00 38.43  ? 153 TYR A CE1 1 
ATOM   420  C  CE2 . TYR A 1 52  ? 6.933   1.602   2.344   1.00 32.95  ? 153 TYR A CE2 1 
ATOM   421  C  CZ  . TYR A 1 52  ? 6.758   1.096   3.638   1.00 40.96  ? 153 TYR A CZ  1 
ATOM   422  O  OH  . TYR A 1 52  ? 7.764   0.423   4.310   1.00 41.82  ? 153 TYR A OH  1 
ATOM   423  N  N   . ARG A 1 53  ? 3.420   5.911   0.227   1.00 39.99  ? 154 ARG A N   1 
ATOM   424  C  CA  . ARG A 1 53  ? 2.950   6.788   -0.834  1.00 38.55  ? 154 ARG A CA  1 
ATOM   425  C  C   . ARG A 1 53  ? 3.369   6.267   -2.213  1.00 39.62  ? 154 ARG A C   1 
ATOM   426  O  O   . ARG A 1 53  ? 4.508   5.836   -2.401  1.00 46.42  ? 154 ARG A O   1 
ATOM   427  C  CB  . ARG A 1 53  ? 3.497   8.196   -0.603  1.00 40.08  ? 154 ARG A CB  1 
ATOM   428  C  CG  . ARG A 1 53  ? 3.250   9.175   -1.729  1.00 46.45  ? 154 ARG A CG  1 
ATOM   429  C  CD  . ARG A 1 53  ? 3.853   10.545  -1.433  1.00 44.45  ? 154 ARG A CD  1 
ATOM   430  N  NE  . ARG A 1 53  ? 3.467   11.493  -2.483  1.00 49.97  ? 154 ARG A NE  1 
ATOM   431  C  CZ  . ARG A 1 53  ? 3.835   12.779  -2.479  1.00 53.40  ? 154 ARG A CZ  1 
ATOM   432  N  NH1 . ARG A 1 53  ? 4.572   13.256  -1.480  1.00 58.53  ? 154 ARG A NH1 1 
ATOM   433  N  NH2 . ARG A 1 53  ? 3.421   13.617  -3.418  1.00 51.85  ? 154 ARG A NH2 1 
ATOM   434  N  N   . LEU A 1 54  ? 2.460   6.373   -3.183  1.00 40.08  ? 155 LEU A N   1 
ATOM   435  C  CA  . LEU A 1 54  ? 2.686   5.906   -4.544  1.00 43.00  ? 155 LEU A CA  1 
ATOM   436  C  C   . LEU A 1 54  ? 2.384   7.076   -5.448  1.00 45.03  ? 155 LEU A C   1 
ATOM   437  O  O   . LEU A 1 54  ? 1.259   7.547   -5.516  1.00 43.21  ? 155 LEU A O   1 
ATOM   438  C  CB  . LEU A 1 54  ? 1.775   4.743   -4.929  1.00 43.67  ? 155 LEU A CB  1 
ATOM   439  C  CG  . LEU A 1 54  ? 1.805   4.405   -6.426  1.00 39.70  ? 155 LEU A CG  1 
ATOM   440  C  CD1 . LEU A 1 54  ? 3.156   3.894   -6.848  1.00 43.60  ? 155 LEU A CD1 1 
ATOM   441  C  CD2 . LEU A 1 54  ? 0.771   3.375   -6.760  1.00 43.79  ? 155 LEU A CD2 1 
ATOM   442  N  N   . ASP A 1 55  ? 3.408   7.574   -6.111  1.00 42.95  ? 156 ASP A N   1 
ATOM   443  C  CA  . ASP A 1 55  ? 3.261   8.688   -6.997  1.00 47.61  ? 156 ASP A CA  1 
ATOM   444  C  C   . ASP A 1 55  ? 3.142   8.233   -8.454  1.00 48.86  ? 156 ASP A C   1 
ATOM   445  O  O   . ASP A 1 55  ? 4.102   7.724   -9.029  1.00 53.43  ? 156 ASP A O   1 
ATOM   446  C  CB  . ASP A 1 55  ? 4.481   9.570   -6.813  1.00 49.20  ? 156 ASP A CB  1 
ATOM   447  C  CG  . ASP A 1 55  ? 4.290   10.891  -7.424  1.00 56.97  ? 156 ASP A CG  1 
ATOM   448  O  OD1 . ASP A 1 55  ? 4.127   10.941  -8.679  1.00 50.89  ? 156 ASP A OD1 1 
ATOM   449  O  OD2 . ASP A 1 55  ? 4.267   11.871  -6.644  1.00 60.73  ? 156 ASP A OD2 1 
ATOM   450  N  N   . PHE A 1 56  ? 1.990   8.499   -9.059  1.00 48.63  ? 157 PHE A N   1 
ATOM   451  C  CA  . PHE A 1 56  ? 1.751   8.132   -10.447 1.00 50.87  ? 157 PHE A CA  1 
ATOM   452  C  C   . PHE A 1 56  ? 2.445   9.113   -11.395 1.00 55.65  ? 157 PHE A C   1 
ATOM   453  O  O   . PHE A 1 56  ? 1.909   10.185  -11.686 1.00 57.32  ? 157 PHE A O   1 
ATOM   454  C  CB  . PHE A 1 56  ? 0.252   8.109   -10.747 1.00 47.69  ? 157 PHE A CB  1 
ATOM   455  C  CG  . PHE A 1 56  ? -0.503  7.041   -10.020 1.00 47.39  ? 157 PHE A CG  1 
ATOM   456  C  CD1 . PHE A 1 56  ? -1.609  7.359   -9.251  1.00 47.87  ? 157 PHE A CD1 1 
ATOM   457  C  CD2 . PHE A 1 56  ? -0.101  5.720   -10.090 1.00 44.95  ? 157 PHE A CD2 1 
ATOM   458  C  CE1 . PHE A 1 56  ? -2.326  6.356   -8.564  1.00 46.21  ? 157 PHE A CE1 1 
ATOM   459  C  CE2 . PHE A 1 56  ? -0.806  4.716   -9.413  1.00 43.98  ? 157 PHE A CE2 1 
ATOM   460  C  CZ  . PHE A 1 56  ? -1.914  5.045   -8.638  1.00 38.98  ? 157 PHE A CZ  1 
ATOM   461  N  N   . ILE A 1 57  ? 3.603   8.720   -11.917 1.00 54.58  ? 158 ILE A N   1 
ATOM   462  C  CA  . ILE A 1 57  ? 4.365   9.559   -12.836 1.00 57.17  ? 158 ILE A CA  1 
ATOM   463  C  C   . ILE A 1 57  ? 3.580   9.747   -14.139 1.00 55.75  ? 158 ILE A C   1 
ATOM   464  O  O   . ILE A 1 57  ? 3.922   10.570  -14.979 1.00 56.64  ? 158 ILE A O   1 
ATOM   465  C  CB  . ILE A 1 57  ? 5.743   8.958   -13.156 1.00 57.28  ? 158 ILE A CB  1 
ATOM   466  C  CG1 . ILE A 1 57  ? 5.578   7.590   -13.828 1.00 60.41  ? 158 ILE A CG1 1 
ATOM   467  C  CG2 . ILE A 1 57  ? 6.556   8.786   -11.876 1.00 56.69  ? 158 ILE A CG2 1 
ATOM   468  C  CD1 . ILE A 1 57  ? 6.867   6.943   -14.267 1.00 66.44  ? 158 ILE A CD1 1 
ATOM   469  N  N   . GLN A 1 58  ? 2.531   8.944   -14.289 1.00 49.85  ? 159 GLN A N   1 
ATOM   470  C  CA  . GLN A 1 58  ? 1.661   8.976   -15.445 1.00 50.65  ? 159 GLN A CA  1 
ATOM   471  C  C   . GLN A 1 58  ? 0.319   8.486   -14.963 1.00 51.61  ? 159 GLN A C   1 
ATOM   472  O  O   . GLN A 1 58  ? 0.230   7.563   -14.132 1.00 52.97  ? 159 GLN A O   1 
ATOM   473  C  CB  . GLN A 1 58  ? 2.189   8.068   -16.560 1.00 50.99  ? 159 GLN A CB  1 
ATOM   474  C  CG  . GLN A 1 58  ? 1.324   8.065   -17.819 1.00 52.76  ? 159 GLN A CG  1 
ATOM   475  C  CD  . GLN A 1 58  ? 1.987   7.249   -18.951 1.00 53.57  ? 159 GLN A CD  1 
ATOM   476  O  OE1 . GLN A 1 58  ? 3.173   7.400   -19.189 1.00 57.50  ? 159 GLN A OE1 1 
ATOM   477  N  NE2 . GLN A 1 58  ? 1.205   6.701   -19.740 1.00 57.34  ? 159 GLN A NE2 1 
ATOM   478  N  N   . GLN A 1 59  ? -0.732  9.042   -15.538 1.00 53.13  ? 160 GLN A N   1 
ATOM   479  C  CA  . GLN A 1 59  ? -2.082  8.676   -15.108 1.00 52.59  ? 160 GLN A CA  1 
ATOM   480  C  C   . GLN A 1 59  ? -2.913  8.023   -16.213 1.00 53.07  ? 160 GLN A C   1 
ATOM   481  O  O   . GLN A 1 59  ? -3.729  7.145   -15.945 1.00 53.41  ? 160 GLN A O   1 
ATOM   482  C  CB  . GLN A 1 59  ? -2.816  9.907   -14.566 1.00 57.71  ? 160 GLN A CB  1 
ATOM   483  C  CG  . GLN A 1 59  ? -2.039  10.618  -13.478 1.00 61.50  ? 160 GLN A CG  1 
ATOM   484  C  CD  . GLN A 1 59  ? -2.748  11.866  -13.009 1.00 63.54  ? 160 GLN A CD  1 
ATOM   485  O  OE1 . GLN A 1 59  ? -2.981  12.775  -13.804 1.00 74.38  ? 160 GLN A OE1 1 
ATOM   486  N  NE2 . GLN A 1 59  ? -2.715  12.062  -11.810 1.00 62.74  ? 160 GLN A NE2 1 
ATOM   487  N  N   . GLN A 1 60  ? -2.742  8.492   -17.442 1.00 54.43  ? 161 GLN A N   1 
ATOM   488  C  CA  . GLN A 1 60  ? -3.470  7.941   -18.560 1.00 57.84  ? 161 GLN A CA  1 
ATOM   489  C  C   . GLN A 1 60  ? -2.643  6.874   -19.240 1.00 57.98  ? 161 GLN A C   1 
ATOM   490  O  O   . GLN A 1 60  ? -1.415  6.903   -19.163 1.00 58.61  ? 161 GLN A O   1 
ATOM   491  C  CB  . GLN A 1 60  ? -3.823  9.054   -19.542 1.00 59.36  ? 161 GLN A CB  1 
ATOM   492  C  CG  . GLN A 1 60  ? -4.598  10.201  -18.917 1.00 62.15  ? 161 GLN A CG  1 
ATOM   493  C  CD  . GLN A 1 60  ? -5.915  9.726   -18.249 1.00 67.94  ? 161 GLN A CD  1 
ATOM   494  O  OE1 . GLN A 1 60  ? -6.394  8.637   -18.554 1.00 73.43  ? 161 GLN A OE1 1 
ATOM   495  N  NE2 . GLN A 1 60  ? -6.606  10.647  -17.672 1.00 67.15  ? 161 GLN A NE2 1 
ATOM   496  N  N   . LYS A 1 61  ? -3.318  5.943   -19.906 1.00 54.07  ? 162 LYS A N   1 
ATOM   497  C  CA  . LYS A 1 61  ? -2.664  4.871   -20.669 1.00 53.20  ? 162 LYS A CA  1 
ATOM   498  C  C   . LYS A 1 61  ? -1.929  3.836   -19.816 1.00 49.56  ? 162 LYS A C   1 
ATOM   499  O  O   . LYS A 1 61  ? -0.928  3.284   -20.245 1.00 53.14  ? 162 LYS A O   1 
ATOM   500  C  CB  . LYS A 1 61  ? -1.670  5.481   -21.681 1.00 54.17  ? 162 LYS A CB  1 
ATOM   501  C  CG  . LYS A 1 61  ? -2.072  6.861   -22.272 1.00 58.32  ? 162 LYS A CG  1 
ATOM   502  C  CD  . LYS A 1 61  ? -3.202  6.792   -23.302 1.00 61.41  ? 162 LYS A CD  1 
ATOM   503  C  CE  . LYS A 1 61  ? -2.659  6.573   -24.770 1.00 64.10  ? 162 LYS A CE  1 
ATOM   504  N  NZ  . LYS A 1 61  ? -2.057  7.649   -25.786 1.00 66.81  ? 162 LYS A NZ  1 
ATOM   505  N  N   . LEU A 1 62  ? -2.487  3.509   -18.659 1.00 45.26  ? 163 LEU A N   1 
ATOM   506  C  CA  . LEU A 1 62  ? -1.854  2.542   -17.788 1.00 42.55  ? 163 LEU A CA  1 
ATOM   507  C  C   . LEU A 1 62  ? -2.543  1.203   -17.732 1.00 43.35  ? 163 LEU A C   1 
ATOM   508  O  O   . LEU A 1 62  ? -3.766  1.126   -17.877 1.00 41.75  ? 163 LEU A O   1 
ATOM   509  C  CB  . LEU A 1 62  ? -1.754  3.070   -16.356 1.00 43.13  ? 163 LEU A CB  1 
ATOM   510  C  CG  . LEU A 1 62  ? -0.833  4.251   -16.095 1.00 46.98  ? 163 LEU A CG  1 
ATOM   511  C  CD1 . LEU A 1 62  ? -0.863  4.564   -14.604 1.00 44.36  ? 163 LEU A CD1 1 
ATOM   512  C  CD2 . LEU A 1 62  ? 0.582   3.930   -16.549 1.00 47.57  ? 163 LEU A CD2 1 
ATOM   513  N  N   . GLN A 1 63  ? -1.749  0.139   -17.639 1.00 43.11  ? 164 GLN A N   1 
ATOM   514  C  CA  . GLN A 1 63  ? -2.261  -1.230  -17.481 1.00 42.79  ? 164 GLN A CA  1 
ATOM   515  C  C   . GLN A 1 63  ? -1.413  -1.962  -16.433 1.00 42.02  ? 164 GLN A C   1 
ATOM   516  O  O   . GLN A 1 63  ? -0.204  -2.113  -16.592 1.00 41.58  ? 164 GLN A O   1 
ATOM   517  C  CB  . GLN A 1 63  ? -2.161  -1.994  -18.825 1.00 47.50  ? 164 GLN A CB  1 
ATOM   518  C  CG  . GLN A 1 63  ? -3.023  -3.319  -18.923 1.00 49.00  ? 164 GLN A CG  1 
ATOM   519  C  CD  . GLN A 1 63  ? -2.586  -4.239  -20.087 1.00 47.05  ? 164 GLN A CD  1 
ATOM   520  O  OE1 . GLN A 1 63  ? -1.848  -3.763  -20.951 1.00 47.91  ? 164 GLN A OE1 1 
ATOM   521  N  NE2 . GLN A 1 63  ? -2.898  -5.551  -20.004 1.00 50.99  ? 164 GLN A NE2 1 
ATOM   522  N  N   . PHE A 1 64  ? -2.066  -2.423  -15.370 1.00 39.98  ? 165 PHE A N   1 
ATOM   523  C  CA  . PHE A 1 64  ? -1.360  -3.157  -14.312 1.00 43.02  ? 165 PHE A CA  1 
ATOM   524  C  C   . PHE A 1 64  ? -0.707  -4.390  -14.874 1.00 42.16  ? 165 PHE A C   1 
ATOM   525  O  O   . PHE A 1 64  ? -1.378  -5.211  -15.497 1.00 41.95  ? 165 PHE A O   1 
ATOM   526  C  CB  . PHE A 1 64  ? -2.295  -3.564  -13.180 1.00 40.58  ? 165 PHE A CB  1 
ATOM   527  C  CG  . PHE A 1 64  ? -1.625  -4.408  -12.138 1.00 41.64  ? 165 PHE A CG  1 
ATOM   528  C  CD1 . PHE A 1 64  ? -0.735  -3.851  -11.245 1.00 38.34  ? 165 PHE A CD1 1 
ATOM   529  C  CD2 . PHE A 1 64  ? -1.905  -5.759  -12.037 1.00 45.21  ? 165 PHE A CD2 1 
ATOM   530  C  CE1 . PHE A 1 64  ? -0.119  -4.629  -10.265 1.00 39.63  ? 165 PHE A CE1 1 
ATOM   531  C  CE2 . PHE A 1 64  ? -1.296  -6.547  -11.063 1.00 40.68  ? 165 PHE A CE2 1 
ATOM   532  C  CZ  . PHE A 1 64  ? -0.411  -5.977  -10.176 1.00 38.28  ? 165 PHE A CZ  1 
ATOM   533  N  N   . ASP A 1 65  ? 0.594   -4.535  -14.662 1.00 43.39  ? 166 ASP A N   1 
ATOM   534  C  CA  . ASP A 1 65  ? 1.307   -5.693  -15.175 1.00 42.83  ? 166 ASP A CA  1 
ATOM   535  C  C   . ASP A 1 65  ? 1.604   -6.646  -14.048 1.00 40.68  ? 166 ASP A C   1 
ATOM   536  O  O   . ASP A 1 65  ? 1.425   -7.838  -14.233 1.00 40.85  ? 166 ASP A O   1 
ATOM   537  C  CB  . ASP A 1 65  ? 2.599   -5.308  -15.881 1.00 45.75  ? 166 ASP A CB  1 
ATOM   538  C  CG  . ASP A 1 65  ? 3.241   -6.472  -16.642 1.00 45.76  ? 166 ASP A CG  1 
ATOM   539  O  OD1 . ASP A 1 65  ? 2.634   -6.959  -17.601 1.00 44.04  ? 166 ASP A OD1 1 
ATOM   540  O  OD2 . ASP A 1 65  ? 4.368   -6.888  -16.300 1.00 45.72  ? 166 ASP A OD2 1 
ATOM   541  N  N   . HIS A 1 66  ? 2.239   -6.160  -12.984 1.00 40.01  ? 167 HIS A N   1 
ATOM   542  C  CA  . HIS A 1 66  ? 2.546   -6.975  -11.817 1.00 35.82  ? 167 HIS A CA  1 
ATOM   543  C  C   . HIS A 1 66  ? 3.163   -6.220  -10.656 1.00 34.65  ? 167 HIS A C   1 
ATOM   544  O  O   . HIS A 1 66  ? 3.639   -5.072  -10.804 1.00 37.08  ? 167 HIS A O   1 
ATOM   545  C  CB  . HIS A 1 66  ? 3.453   -8.157  -12.169 1.00 38.12  ? 167 HIS A CB  1 
ATOM   546  C  CG  . HIS A 1 66  ? 4.880   -7.796  -12.424 1.00 41.26  ? 167 HIS A CG  1 
ATOM   547  N  ND1 . HIS A 1 66  ? 5.288   -7.065  -13.497 1.00 39.61  ? 167 HIS A ND1 1 
ATOM   548  C  CD2 . HIS A 1 66  ? 5.997   -8.038  -11.684 1.00 40.11  ? 167 HIS A CD2 1 
ATOM   549  C  CE1 . HIS A 1 66  ? 6.599   -6.849  -13.437 1.00 39.28  ? 167 HIS A CE1 1 
ATOM   550  N  NE2 . HIS A 1 66  ? 7.030   -7.450  -12.346 1.00 39.88  ? 167 HIS A NE2 1 
ATOM   551  N  N   . TRP A 1 67  ? 2.855   -6.704  -9.479  1.00 39.20  ? 168 TRP A N   1 
ATOM   552  C  CA  . TRP A 1 67  ? 3.449   -6.233  -8.254  1.00 40.34  ? 168 TRP A CA  1 
ATOM   553  C  C   . TRP A 1 67  ? 4.914   -6.640  -8.160  1.00 39.53  ? 168 TRP A C   1 
ATOM   554  O  O   . TRP A 1 67  ? 5.275   -7.749  -8.548  1.00 40.52  ? 168 TRP A O   1 
ATOM   555  C  CB  . TRP A 1 67  ? 2.721   -6.892  -7.095  1.00 44.53  ? 168 TRP A CB  1 
ATOM   556  C  CG  . TRP A 1 67  ? 1.344   -6.471  -6.807  1.00 51.05  ? 168 TRP A CG  1 
ATOM   557  C  CD1 . TRP A 1 67  ? 0.218   -7.182  -7.056  1.00 55.50  ? 168 TRP A CD1 1 
ATOM   558  C  CD2 . TRP A 1 67  ? 0.924   -5.250  -6.137  1.00 50.40  ? 168 TRP A CD2 1 
ATOM   559  N  NE1 . TRP A 1 67  ? -0.904  -6.492  -6.606  1.00 49.46  ? 168 TRP A NE1 1 
ATOM   560  C  CE2 . TRP A 1 67  ? -0.499  -5.342  -6.054  1.00 48.76  ? 168 TRP A CE2 1 
ATOM   561  C  CE3 . TRP A 1 67  ? 1.595   -4.137  -5.646  1.00 50.32  ? 168 TRP A CE3 1 
ATOM   562  C  CZ2 . TRP A 1 67  ? -1.240  -4.292  -5.428  1.00 47.95  ? 168 TRP A CZ2 1 
ATOM   563  C  CZ3 . TRP A 1 67  ? 0.839   -3.120  -5.053  1.00 48.59  ? 168 TRP A CZ3 1 
ATOM   564  C  CH2 . TRP A 1 67  ? -0.565  -3.209  -4.962  1.00 46.62  ? 168 TRP A CH2 1 
ATOM   565  N  N   . ASN A 1 68  ? 5.704   -5.835  -7.471  1.00 41.07  ? 169 ASN A N   1 
ATOM   566  C  CA  . ASN A 1 68  ? 7.143   -6.129  -7.295  1.00 38.69  ? 169 ASN A CA  1 
ATOM   567  C  C   . ASN A 1 68  ? 7.436   -5.829  -5.832  1.00 38.63  ? 169 ASN A C   1 
ATOM   568  O  O   . ASN A 1 68  ? 7.826   -4.727  -5.457  1.00 38.20  ? 169 ASN A O   1 
ATOM   569  C  CB  . ASN A 1 68  ? 7.995   -5.235  -8.204  1.00 39.58  ? 169 ASN A CB  1 
ATOM   570  C  CG  . ASN A 1 68  ? 9.467   -5.518  -8.071  1.00 47.13  ? 169 ASN A CG  1 
ATOM   571  O  OD1 . ASN A 1 68  ? 9.926   -6.501  -7.443  1.00 47.79  ? 169 ASN A OD1 1 
ATOM   572  N  ND2 . ASN A 1 68  ? 10.252  -4.745  -8.803  1.00 48.43  ? 169 ASN A ND2 1 
ATOM   573  N  N   . VAL A 1 69  ? 7.028   -6.780  -5.006  1.00 30.62  ? 170 VAL A N   1 
ATOM   574  C  CA  . VAL A 1 69  ? 7.179   -6.721  -3.571  1.00 31.93  ? 170 VAL A CA  1 
ATOM   575  C  C   . VAL A 1 69  ? 8.120   -7.775  -3.011  1.00 38.98  ? 170 VAL A C   1 
ATOM   576  O  O   . VAL A 1 69  ? 7.788   -8.977  -2.992  1.00 37.89  ? 170 VAL A O   1 
ATOM   577  C  CB  . VAL A 1 69  ? 5.801   -6.816  -2.916  1.00 34.82  ? 170 VAL A CB  1 
ATOM   578  C  CG1 . VAL A 1 69  ? 5.878   -7.319  -1.505  1.00 31.17  ? 170 VAL A CG1 1 
ATOM   579  C  CG2 . VAL A 1 69  ? 5.102   -5.468  -2.991  1.00 32.79  ? 170 VAL A CG2 1 
ATOM   580  N  N   . VAL A 1 70  ? 9.180   -7.323  -2.357  1.00 42.74  ? 171 VAL A N   1 
ATOM   581  C  CA  . VAL A 1 70  ? 10.190  -8.270  -1.853  1.00 40.93  ? 171 VAL A CA  1 
ATOM   582  C  C   . VAL A 1 70  ? 10.521  -8.015  -0.386  1.00 39.29  ? 171 VAL A C   1 
ATOM   583  O  O   . VAL A 1 70  ? 10.712  -6.884  0.030   1.00 36.78  ? 171 VAL A O   1 
ATOM   584  C  CB  . VAL A 1 70  ? 11.517  -8.194  -2.660  1.00 43.90  ? 171 VAL A CB  1 
ATOM   585  C  CG1 . VAL A 1 70  ? 12.533  -9.159  -2.087  1.00 42.83  ? 171 VAL A CG1 1 
ATOM   586  C  CG2 . VAL A 1 70  ? 11.295  -8.515  -4.120  1.00 43.26  ? 171 VAL A CG2 1 
ATOM   587  N  N   . LEU A 1 71  ? 10.523  -9.104  0.377   1.00 39.38  ? 172 LEU A N   1 
ATOM   588  C  CA  . LEU A 1 71  ? 10.887  -9.126  1.781   1.00 42.34  ? 172 LEU A CA  1 
ATOM   589  C  C   . LEU A 1 71  ? 12.275  -9.805  1.887   1.00 42.04  ? 172 LEU A C   1 
ATOM   590  O  O   . LEU A 1 71  ? 12.422  -10.909 1.372   1.00 46.75  ? 172 LEU A O   1 
ATOM   591  C  CB  . LEU A 1 71  ? 9.899   -9.983  2.562   1.00 36.62  ? 172 LEU A CB  1 
ATOM   592  C  CG  . LEU A 1 71  ? 8.611   -9.409  3.088   1.00 39.06  ? 172 LEU A CG  1 
ATOM   593  C  CD1 . LEU A 1 71  ? 7.973   -10.445 4.036   1.00 39.48  ? 172 LEU A CD1 1 
ATOM   594  C  CD2 . LEU A 1 71  ? 8.894   -8.102  3.846   1.00 35.44  ? 172 LEU A CD2 1 
ATOM   595  N  N   . ASP A 1 72  ? 13.266  -9.187  2.535   1.00 39.22  ? 173 ASP A N   1 
ATOM   596  C  CA  . ASP A 1 72  ? 14.565  -9.849  2.621   1.00 40.89  ? 173 ASP A CA  1 
ATOM   597  C  C   . ASP A 1 72  ? 14.759  -10.757 3.846   1.00 41.23  ? 173 ASP A C   1 
ATOM   598  O  O   . ASP A 1 72  ? 15.838  -11.288 4.087   1.00 43.70  ? 173 ASP A O   1 
ATOM   599  C  CB  . ASP A 1 72  ? 15.702  -8.848  2.437   1.00 40.33  ? 173 ASP A CB  1 
ATOM   600  C  CG  . ASP A 1 72  ? 15.854  -7.902  3.605   1.00 41.39  ? 173 ASP A CG  1 
ATOM   601  O  OD1 . ASP A 1 72  ? 15.412  -8.229  4.723   1.00 42.75  ? 173 ASP A OD1 1 
ATOM   602  O  OD2 . ASP A 1 72  ? 16.444  -6.838  3.409   1.00 43.07  ? 173 ASP A OD2 1 
ATOM   603  N  N   . LYS A 1 73  ? 13.707  -10.916 4.636   1.00 41.57  ? 174 LYS A N   1 
ATOM   604  C  CA  . LYS A 1 73  ? 13.772  -11.778 5.811   1.00 43.42  ? 174 LYS A CA  1 
ATOM   605  C  C   . LYS A 1 73  ? 12.445  -12.512 5.914   1.00 44.08  ? 174 LYS A C   1 
ATOM   606  O  O   . LYS A 1 73  ? 11.421  -11.970 5.500   1.00 43.63  ? 174 LYS A O   1 
ATOM   607  C  CB  . LYS A 1 73  ? 13.984  -10.961 7.089   1.00 45.48  ? 174 LYS A CB  1 
ATOM   608  C  CG  . LYS A 1 73  ? 15.302  -10.245 7.179   1.00 50.63  ? 174 LYS A CG  1 
ATOM   609  C  CD  . LYS A 1 73  ? 16.477  -11.191 7.274   1.00 53.11  ? 174 LYS A CD  1 
ATOM   610  C  CE  . LYS A 1 73  ? 17.778  -10.401 7.147   1.00 57.91  ? 174 LYS A CE  1 
ATOM   611  N  NZ  . LYS A 1 73  ? 19.000  -11.192 7.422   1.00 54.62  ? 174 LYS A NZ  1 
ATOM   612  N  N   . PRO A 1 74  ? 12.441  -13.753 6.448   1.00 47.35  ? 175 PRO A N   1 
ATOM   613  C  CA  . PRO A 1 74  ? 11.203  -14.538 6.580   1.00 45.89  ? 175 PRO A CA  1 
ATOM   614  C  C   . PRO A 1 74  ? 10.108  -13.842 7.375   1.00 47.74  ? 175 PRO A C   1 
ATOM   615  O  O   . PRO A 1 74  ? 10.325  -13.480 8.541   1.00 46.75  ? 175 PRO A O   1 
ATOM   616  C  CB  . PRO A 1 74  ? 11.676  -15.802 7.267   1.00 45.77  ? 175 PRO A CB  1 
ATOM   617  C  CG  . PRO A 1 74  ? 13.048  -15.974 6.704   1.00 48.99  ? 175 PRO A CG  1 
ATOM   618  C  CD  . PRO A 1 74  ? 13.606  -14.571 6.812   1.00 48.31  ? 175 PRO A CD  1 
ATOM   619  N  N   . GLY A 1 75  ? 8.982   -13.546 6.733   1.00 51.71  ? 176 GLY A N   1 
ATOM   620  C  CA  . GLY A 1 75  ? 7.862   -12.900 7.401   1.00 49.88  ? 176 GLY A CA  1 
ATOM   621  C  C   . GLY A 1 75  ? 6.630   -12.727 6.558   1.00 48.34  ? 176 GLY A C   1 
ATOM   622  O  O   . GLY A 1 75  ? 6.528   -13.383 5.504   1.00 49.87  ? 176 GLY A O   1 
ATOM   623  N  N   . LYS A 1 76  ? 5.863   -11.677 6.822   1.00 50.21  ? 177 LYS A N   1 
ATOM   624  C  CA  . LYS A 1 76  ? 4.570   -11.431 6.132   1.00 45.32  ? 177 LYS A CA  1 
ATOM   625  C  C   . LYS A 1 76  ? 4.247   -9.943  6.127   1.00 43.01  ? 177 LYS A C   1 
ATOM   626  O  O   . LYS A 1 76  ? 4.636   -9.204  7.023   1.00 44.43  ? 177 LYS A O   1 
ATOM   627  C  CB  . LYS A 1 76  ? 3.433   -12.186 6.813   1.00 48.47  ? 177 LYS A CB  1 
ATOM   628  C  CG  . LYS A 1 76  ? 2.058   -12.019 6.153   1.00 56.27  ? 177 LYS A CG  1 
ATOM   629  C  CD  . LYS A 1 76  ? 0.913   -12.655 6.960   1.00 55.52  ? 177 LYS A CD  1 
ATOM   630  C  CE  . LYS A 1 76  ? 0.690   -11.854 8.230   1.00 57.54  ? 177 LYS A CE  1 
ATOM   631  N  NZ  . LYS A 1 76  ? -0.384  -12.381 9.084   1.00 56.27  ? 177 LYS A NZ  1 
ATOM   632  N  N   . VAL A 1 77  ? 3.567   -9.482  5.092   1.00 42.33  ? 178 VAL A N   1 
ATOM   633  C  CA  . VAL A 1 77  ? 3.197   -8.083  4.969   1.00 47.03  ? 178 VAL A CA  1 
ATOM   634  C  C   . VAL A 1 77  ? 1.862   -7.944  4.232   1.00 44.69  ? 178 VAL A C   1 
ATOM   635  O  O   . VAL A 1 77  ? 1.616   -8.658  3.266   1.00 46.82  ? 178 VAL A O   1 
ATOM   636  C  CB  . VAL A 1 77  ? 4.246   -7.239  4.217   1.00 44.50  ? 178 VAL A CB  1 
ATOM   637  C  CG1 . VAL A 1 77  ? 5.432   -6.973  5.086   1.00 51.90  ? 178 VAL A CG1 1 
ATOM   638  C  CG2 . VAL A 1 77  ? 4.685   -7.932  2.958   1.00 47.83  ? 178 VAL A CG2 1 
ATOM   639  N  N   . THR A 1 78  ? 1.026   -6.997  4.667   1.00 43.53  ? 179 THR A N   1 
ATOM   640  C  CA  . THR A 1 78  ? -0.262  -6.750  4.037   1.00 40.99  ? 179 THR A CA  1 
ATOM   641  C  C   . THR A 1 78  ? -0.330  -5.345  3.496   1.00 41.30  ? 179 THR A C   1 
ATOM   642  O  O   . THR A 1 78  ? -0.169  -4.376  4.232   1.00 44.25  ? 179 THR A O   1 
ATOM   643  C  CB  . THR A 1 78  ? -1.392  -6.944  5.023   1.00 37.40  ? 179 THR A CB  1 
ATOM   644  O  OG1 . THR A 1 78  ? -1.375  -8.290  5.516   1.00 36.62  ? 179 THR A OG1 1 
ATOM   645  C  CG2 . THR A 1 78  ? -2.720  -6.667  4.357   1.00 37.54  ? 179 THR A CG2 1 
ATOM   646  N  N   . ILE A 1 79  ? -0.606  -5.229  2.204   1.00 36.13  ? 180 ILE A N   1 
ATOM   647  C  CA  . ILE A 1 79  ? -0.683  -3.916  1.563   1.00 37.03  ? 180 ILE A CA  1 
ATOM   648  C  C   . ILE A 1 79  ? -2.138  -3.547  1.286   1.00 41.82  ? 180 ILE A C   1 
ATOM   649  O  O   . ILE A 1 79  ? -2.739  -4.044  0.358   1.00 36.45  ? 180 ILE A O   1 
ATOM   650  C  CB  . ILE A 1 79  ? 0.088   -3.884  0.254   1.00 35.86  ? 180 ILE A CB  1 
ATOM   651  C  CG1 . ILE A 1 79  ? 1.561   -4.200  0.535   1.00 37.61  ? 180 ILE A CG1 1 
ATOM   652  C  CG2 . ILE A 1 79  ? -0.094  -2.536  -0.453  1.00 29.37  ? 180 ILE A CG2 1 
ATOM   653  C  CD1 . ILE A 1 79  ? 2.421   -4.231  -0.682  1.00 38.10  ? 180 ILE A CD1 1 
ATOM   654  N  N   . THR A 1 80  ? -2.676  -2.633  2.091   1.00 40.37  ? 181 THR A N   1 
ATOM   655  C  CA  . THR A 1 80  ? -4.053  -2.192  1.943   1.00 35.30  ? 181 THR A CA  1 
ATOM   656  C  C   . THR A 1 80  ? -4.073  -0.781  1.408   1.00 34.13  ? 181 THR A C   1 
ATOM   657  O  O   . THR A 1 80  ? -3.310  0.063   1.859   1.00 38.77  ? 181 THR A O   1 
ATOM   658  C  CB  . THR A 1 80  ? -4.768  -2.216  3.269   1.00 35.84  ? 181 THR A CB  1 
ATOM   659  O  OG1 . THR A 1 80  ? -4.678  -3.518  3.846   1.00 35.75  ? 181 THR A OG1 1 
ATOM   660  C  CG2 . THR A 1 80  ? -6.204  -1.849  3.088   1.00 31.82  ? 181 THR A CG2 1 
ATOM   661  N  N   . GLY A 1 81  ? -4.913  -0.537  0.412   1.00 31.51  ? 182 GLY A N   1 
ATOM   662  C  CA  . GLY A 1 81  ? -4.994  0.796   -0.144  1.00 36.95  ? 182 GLY A CA  1 
ATOM   663  C  C   . GLY A 1 81  ? -6.000  1.697   0.561   1.00 38.46  ? 182 GLY A C   1 
ATOM   664  O  O   . GLY A 1 81  ? -6.837  1.235   1.324   1.00 42.62  ? 182 GLY A O   1 
ATOM   665  N  N   . THR A 1 82  ? -5.948  2.985   0.258   1.00 39.18  ? 183 THR A N   1 
ATOM   666  C  CA  . THR A 1 82  ? -6.855  3.944   0.868   1.00 36.69  ? 183 THR A CA  1 
ATOM   667  C  C   . THR A 1 82  ? -7.605  4.612   -0.250  1.00 39.74  ? 183 THR A C   1 
ATOM   668  O  O   . THR A 1 82  ? -7.246  4.452   -1.413  1.00 38.70  ? 183 THR A O   1 
ATOM   669  C  CB  . THR A 1 82  ? -6.144  5.019   1.623   1.00 35.02  ? 183 THR A CB  1 
ATOM   670  O  OG1 . THR A 1 82  ? -5.421  5.840   0.714   1.00 38.68  ? 183 THR A OG1 1 
ATOM   671  C  CG2 . THR A 1 82  ? -5.188  4.425   2.622   1.00 32.21  ? 183 THR A CG2 1 
ATOM   672  N  N   . SER A 1 83  ? -8.745  5.184   0.055   1.00 41.88  ? 184 SER A N   1 
ATOM   673  C  CA  . SER A 1 83  ? -9.510  5.926   -0.915  1.00 42.01  ? 184 SER A CA  1 
ATOM   674  C  C   . SER A 1 83  ? -8.740  7.061   -1.608  1.00 41.85  ? 184 SER A C   1 
ATOM   675  O  O   . SER A 1 83  ? -8.056  7.849   -0.946  1.00 45.56  ? 184 SER A O   1 
ATOM   676  C  CB  . SER A 1 83  ? -10.748 6.478   -0.218  1.00 46.47  ? 184 SER A CB  1 
ATOM   677  O  OG  . SER A 1 83  ? -11.653 7.034   -1.171  1.00 55.69  ? 184 SER A OG  1 
ATOM   678  N  N   . GLN A 1 84  ? -8.930  7.217   -2.905  1.00 38.99  ? 185 GLN A N   1 
ATOM   679  C  CA  . GLN A 1 84  ? -8.246  8.285   -3.621  1.00 40.47  ? 185 GLN A CA  1 
ATOM   680  C  C   . GLN A 1 84  ? -8.899  9.603   -3.290  1.00 44.25  ? 185 GLN A C   1 
ATOM   681  O  O   . GLN A 1 84  ? -8.625  10.613  -3.927  1.00 42.68  ? 185 GLN A O   1 
ATOM   682  C  CB  . GLN A 1 84  ? -8.294  8.063   -5.120  1.00 35.16  ? 185 GLN A CB  1 
ATOM   683  C  CG  . GLN A 1 84  ? -7.193  7.188   -5.657  1.00 38.41  ? 185 GLN A CG  1 
ATOM   684  C  CD  . GLN A 1 84  ? -5.827  7.793   -5.448  1.00 37.91  ? 185 GLN A CD  1 
ATOM   685  O  OE1 . GLN A 1 84  ? -5.316  7.847   -4.329  1.00 39.62  ? 185 GLN A OE1 1 
ATOM   686  N  NE2 . GLN A 1 84  ? -5.223  8.255   -6.514  1.00 32.91  ? 185 GLN A NE2 1 
ATOM   687  N  N   . ASN A 1 85  ? -9.875  9.542   -2.384  1.00 44.37  ? 186 ASN A N   1 
ATOM   688  C  CA  . ASN A 1 85  ? -10.619 10.729  -1.924  1.00 53.53  ? 186 ASN A CA  1 
ATOM   689  C  C   . ASN A 1 85  ? -10.202 11.145  -0.530  1.00 54.24  ? 186 ASN A C   1 
ATOM   690  O  O   . ASN A 1 85  ? -10.515 12.236  -0.064  1.00 54.94  ? 186 ASN A O   1 
ATOM   691  C  CB  . ASN A 1 85  ? -12.113 10.430  -1.897  1.00 54.56  ? 186 ASN A CB  1 
ATOM   692  C  CG  . ASN A 1 85  ? -12.745 10.469  -3.284  1.00 58.53  ? 186 ASN A CG  1 
ATOM   693  O  OD1 . ASN A 1 85  ? -12.513 11.416  -4.059  1.00 61.32  ? 186 ASN A OD1 1 
ATOM   694  N  ND2 . ASN A 1 85  ? -13.762 9.700   -3.430  1.00 60.82  ? 186 ASN A ND2 1 
ATOM   695  N  N   . TRP A 1 86  ? -9.504  10.251  0.151   1.00 53.27  ? 187 TRP A N   1 
ATOM   696  C  CA  . TRP A 1 86  ? -9.061  10.529  1.501   1.00 47.97  ? 187 TRP A CA  1 
ATOM   697  C  C   . TRP A 1 86  ? -8.024  11.648  1.455   1.00 52.95  ? 187 TRP A C   1 
ATOM   698  O  O   . TRP A 1 86  ? -7.068  11.599  0.707   1.00 54.03  ? 187 TRP A O   1 
ATOM   699  C  CB  . TRP A 1 86  ? -8.446  9.309   2.136   1.00 50.56  ? 187 TRP A CB  1 
ATOM   700  C  CG  . TRP A 1 86  ? -7.839  9.610   3.457   1.00 52.88  ? 187 TRP A CG  1 
ATOM   701  C  CD1 . TRP A 1 86  ? -8.412  10.281  4.481   1.00 54.41  ? 187 TRP A CD1 1 
ATOM   702  C  CD2 . TRP A 1 86  ? -6.531  9.189   3.921   1.00 52.30  ? 187 TRP A CD2 1 
ATOM   703  N  NE1 . TRP A 1 86  ? -7.577  10.272  5.569   1.00 54.18  ? 187 TRP A NE1 1 
ATOM   704  C  CE2 . TRP A 1 86  ? -6.429  9.631   5.256   1.00 49.76  ? 187 TRP A CE2 1 
ATOM   705  C  CE3 . TRP A 1 86  ? -5.476  8.478   3.344   1.00 47.32  ? 187 TRP A CE3 1 
ATOM   706  C  CZ2 . TRP A 1 86  ? -5.274  9.387   6.019   1.00 47.15  ? 187 TRP A CZ2 1 
ATOM   707  C  CZ3 . TRP A 1 86  ? -4.347  8.229   4.121   1.00 44.04  ? 187 TRP A CZ3 1 
ATOM   708  C  CH2 . TRP A 1 86  ? -4.258  8.676   5.447   1.00 43.83  ? 187 TRP A CH2 1 
ATOM   709  N  N   . THR A 1 87  ? -8.316  12.702  2.203   1.00 53.01  ? 188 THR A N   1 
ATOM   710  C  CA  . THR A 1 87  ? -7.437  13.846  2.334   1.00 51.12  ? 188 THR A CA  1 
ATOM   711  C  C   . THR A 1 87  ? -6.781  13.703  3.696   1.00 50.75  ? 188 THR A C   1 
ATOM   712  O  O   . THR A 1 87  ? -7.328  14.122  4.711   1.00 46.19  ? 188 THR A O   1 
ATOM   713  C  CB  . THR A 1 87  ? -8.216  15.178  2.216   1.00 50.13  ? 188 THR A CB  1 
ATOM   714  O  OG1 . THR A 1 87  ? -9.361  15.165  3.084   1.00 39.37  ? 188 THR A OG1 1 
ATOM   715  C  CG2 . THR A 1 87  ? -8.669  15.369  0.767   1.00 51.42  ? 188 THR A CG2 1 
ATOM   716  N  N   . PRO A 1 88  ? -5.561  13.158  3.717   1.00 48.14  ? 189 PRO A N   1 
ATOM   717  C  CA  . PRO A 1 88  ? -4.777  12.934  4.936   1.00 51.20  ? 189 PRO A CA  1 
ATOM   718  C  C   . PRO A 1 88  ? -4.605  14.183  5.839   1.00 51.96  ? 189 PRO A C   1 
ATOM   719  O  O   . PRO A 1 88  ? -4.685  14.108  7.073   1.00 45.91  ? 189 PRO A O   1 
ATOM   720  C  CB  . PRO A 1 88  ? -3.436  12.449  4.373   1.00 50.79  ? 189 PRO A CB  1 
ATOM   721  C  CG  . PRO A 1 88  ? -3.805  11.823  3.066   1.00 51.18  ? 189 PRO A CG  1 
ATOM   722  C  CD  . PRO A 1 88  ? -4.769  12.822  2.516   1.00 50.27  ? 189 PRO A CD  1 
ATOM   723  N  N   . ASP A 1 89  ? -4.439  15.343  5.210   1.00 48.95  ? 190 ASP A N   1 
ATOM   724  C  CA  . ASP A 1 89  ? -4.222  16.605  5.925   1.00 47.52  ? 190 ASP A CA  1 
ATOM   725  C  C   . ASP A 1 89  ? -5.542  17.119  6.417   1.00 47.76  ? 190 ASP A C   1 
ATOM   726  O  O   . ASP A 1 89  ? -5.648  17.558  7.559   1.00 47.90  ? 190 ASP A O   1 
ATOM   727  C  CB  . ASP A 1 89  ? -3.630  17.661  5.009   1.00 45.07  ? 190 ASP A CB  1 
ATOM   728  C  CG  . ASP A 1 89  ? -2.149  17.463  4.774   1.00 48.44  ? 190 ASP A CG  1 
ATOM   729  O  OD1 . ASP A 1 89  ? -1.414  17.190  5.746   1.00 51.47  ? 190 ASP A OD1 1 
ATOM   730  O  OD2 . ASP A 1 89  ? -1.706  17.614  3.625   1.00 52.75  ? 190 ASP A OD2 1 
ATOM   731  N  N   . LEU A 1 90  ? -6.578  16.972  5.614   1.00 46.13  ? 191 LEU A N   1 
ATOM   732  C  CA  . LEU A 1 90  ? -7.854  17.520  6.001   1.00 44.92  ? 191 LEU A CA  1 
ATOM   733  C  C   . LEU A 1 90  ? -8.723  16.628  6.894   1.00 49.21  ? 191 LEU A C   1 
ATOM   734  O  O   . LEU A 1 90  ? -9.456  17.134  7.744   1.00 52.54  ? 191 LEU A O   1 
ATOM   735  C  CB  . LEU A 1 90  ? -8.620  17.946  4.765   1.00 45.71  ? 191 LEU A CB  1 
ATOM   736  C  CG  . LEU A 1 90  ? -7.824  18.858  3.818   1.00 49.82  ? 191 LEU A CG  1 
ATOM   737  C  CD1 . LEU A 1 90  ? -8.693  19.315  2.641   1.00 53.27  ? 191 LEU A CD1 1 
ATOM   738  C  CD2 . LEU A 1 90  ? -7.288  20.056  4.574   1.00 55.37  ? 191 LEU A CD2 1 
ATOM   739  N  N   . THR A 1 91  ? -8.625  15.318  6.765   1.00 45.92  ? 192 THR A N   1 
ATOM   740  C  CA  . THR A 1 91  ? -9.486  14.458  7.563   1.00 47.83  ? 192 THR A CA  1 
ATOM   741  C  C   . THR A 1 91  ? -8.817  13.203  8.031   1.00 45.16  ? 192 THR A C   1 
ATOM   742  O  O   . THR A 1 91  ? -7.833  12.766  7.483   1.00 48.94  ? 192 THR A O   1 
ATOM   743  C  CB  . THR A 1 91  ? -10.702 14.041  6.772   1.00 46.17  ? 192 THR A CB  1 
ATOM   744  O  OG1 . THR A 1 91  ? -10.304 13.645  5.457   1.00 48.13  ? 192 THR A OG1 1 
ATOM   745  C  CG2 . THR A 1 91  ? -11.692 15.178  6.671   1.00 49.33  ? 192 THR A CG2 1 
ATOM   746  N  N   . ASN A 1 92  ? -9.361  12.649  9.097   1.00 42.88  ? 193 ASN A N   1 
ATOM   747  C  CA  . ASN A 1 92  ? -8.850  11.419  9.644   1.00 46.12  ? 193 ASN A CA  1 
ATOM   748  C  C   . ASN A 1 92  ? -9.330  10.248  8.786   1.00 49.33  ? 193 ASN A C   1 
ATOM   749  O  O   . ASN A 1 92  ? -10.505 10.183  8.409   1.00 52.78  ? 193 ASN A O   1 
ATOM   750  C  CB  . ASN A 1 92  ? -9.329  11.262  11.085  1.00 45.15  ? 193 ASN A CB  1 
ATOM   751  C  CG  . ASN A 1 92  ? -8.728  12.281  12.053  1.00 48.87  ? 193 ASN A CG  1 
ATOM   752  O  OD1 . ASN A 1 92  ? -9.114  12.303  13.197  1.00 53.80  ? 193 ASN A OD1 1 
ATOM   753  N  ND2 . ASN A 1 92  ? -7.621  12.825  11.693  1.00 59.92  ? 193 ASN A ND2 1 
ATOM   754  N  N   . LEU A 1 93  ? -8.430  9.308   8.516   1.00 48.57  ? 194 LEU A N   1 
ATOM   755  C  CA  . LEU A 1 93  ? -8.750  8.112   7.718   1.00 50.20  ? 194 LEU A CA  1 
ATOM   756  C  C   . LEU A 1 93  ? -9.889  7.287   8.366   1.00 46.84  ? 194 LEU A C   1 
ATOM   757  O  O   . LEU A 1 93  ? -9.784  6.802   9.491   1.00 41.93  ? 194 LEU A O   1 
ATOM   758  C  CB  . LEU A 1 93  ? -7.505  7.230   7.587   1.00 49.94  ? 194 LEU A CB  1 
ATOM   759  C  CG  . LEU A 1 93  ? -7.690  5.909   6.866   1.00 44.22  ? 194 LEU A CG  1 
ATOM   760  C  CD1 . LEU A 1 93  ? -7.862  6.201   5.374   1.00 51.15  ? 194 LEU A CD1 1 
ATOM   761  C  CD2 . LEU A 1 93  ? -6.488  5.016   7.130   1.00 42.85  ? 194 LEU A CD2 1 
ATOM   762  N  N   . MET A 1 94  ? -10.952 7.111   7.591   1.00 49.78  ? 195 MET A N   1 
ATOM   763  C  CA  . MET A 1 94  ? -12.107 6.356   8.023   1.00 49.56  ? 195 MET A CA  1 
ATOM   764  C  C   . MET A 1 94  ? -11.952 4.900   7.597   1.00 51.83  ? 195 MET A C   1 
ATOM   765  O  O   . MET A 1 94  ? -11.415 4.624   6.503   1.00 52.52  ? 195 MET A O   1 
ATOM   766  C  CB  . MET A 1 94  ? -13.379 6.937   7.392   1.00 51.87  ? 195 MET A CB  1 
ATOM   767  C  CG  . MET A 1 94  ? -13.825 8.265   7.978   1.00 53.79  ? 195 MET A CG  1 
ATOM   768  S  SD  . MET A 1 94  ? -13.945 8.179   9.785   1.00 49.82  ? 195 MET A SD  1 
ATOM   769  C  CE  . MET A 1 94  ? -13.038 9.663   10.180  1.00 55.78  ? 195 MET A CE  1 
ATOM   770  N  N   . THR A 1 95  ? -12.496 3.986   8.407   1.00 50.16  ? 196 THR A N   1 
ATOM   771  C  CA  . THR A 1 95  ? -12.416 2.556   8.125   1.00 47.51  ? 196 THR A CA  1 
ATOM   772  C  C   . THR A 1 95  ? -12.993 2.227   6.745   1.00 50.61  ? 196 THR A C   1 
ATOM   773  O  O   . THR A 1 95  ? -12.492 1.365   6.031   1.00 49.90  ? 196 THR A O   1 
ATOM   774  C  CB  . THR A 1 95  ? -13.143 1.746   9.175   1.00 47.48  ? 196 THR A CB  1 
ATOM   775  O  OG1 . THR A 1 95  ? -12.753 2.184   10.484  1.00 49.37  ? 196 THR A OG1 1 
ATOM   776  C  CG2 . THR A 1 95  ? -12.794 0.270   9.025   1.00 50.88  ? 196 THR A CG2 1 
ATOM   777  N  N   . ARG A 1 96  ? -14.022 2.960   6.352   1.00 49.40  ? 197 ARG A N   1 
ATOM   778  C  CA  . ARG A 1 96  ? -14.637 2.714   5.058   1.00 49.19  ? 197 ARG A CA  1 
ATOM   779  C  C   . ARG A 1 96  ? -13.728 3.121   3.882   1.00 50.81  ? 197 ARG A C   1 
ATOM   780  O  O   . ARG A 1 96  ? -13.954 2.700   2.737   1.00 53.34  ? 197 ARG A O   1 
ATOM   781  C  CB  . ARG A 1 96  ? -15.974 3.457   4.983   1.00 54.32  ? 197 ARG A CB  1 
ATOM   782  C  CG  . ARG A 1 96  ? -15.835 5.008   5.174   1.00 59.18  ? 197 ARG A CG  1 
ATOM   783  C  CD  . ARG A 1 96  ? -17.208 5.702   5.071   1.00 64.55  ? 197 ARG A CD  1 
ATOM   784  N  NE  . ARG A 1 96  ? -17.146 7.174   4.781   1.00 71.10  ? 197 ARG A NE  1 
ATOM   785  C  CZ  . ARG A 1 96  ? -16.261 7.788   4.044   1.00 72.42  ? 197 ARG A CZ  1 
ATOM   786  N  NH1 . ARG A 1 96  ? -15.320 7.085   3.394   1.00 73.77  ? 197 ARG A NH1 1 
ATOM   787  N  NH2 . ARG A 1 96  ? -16.207 9.085   3.926   1.00 76.94  ? 197 ARG A NH2 1 
ATOM   788  N  N   . GLN A 1 97  ? -12.660 3.873   4.158   1.00 47.86  ? 198 GLN A N   1 
ATOM   789  C  CA  . GLN A 1 97  ? -11.776 4.325   3.088   1.00 44.25  ? 198 GLN A CA  1 
ATOM   790  C  C   . GLN A 1 97  ? -10.648 3.345   2.789   1.00 41.53  ? 198 GLN A C   1 
ATOM   791  O  O   . GLN A 1 97  ? -9.789  3.621   1.953   1.00 42.11  ? 198 GLN A O   1 
ATOM   792  C  CB  . GLN A 1 97  ? -11.239 5.712   3.370   1.00 45.36  ? 198 GLN A CB  1 
ATOM   793  C  CG  . GLN A 1 97  ? -12.319 6.753   3.373   1.00 45.66  ? 198 GLN A CG  1 
ATOM   794  C  CD  . GLN A 1 97  ? -11.838 8.078   3.916   1.00 42.52  ? 198 GLN A CD  1 
ATOM   795  O  OE1 . GLN A 1 97  ? -11.339 8.138   5.039   1.00 40.55  ? 198 GLN A OE1 1 
ATOM   796  N  NE2 . GLN A 1 97  ? -11.996 9.125   3.128   1.00 40.18  ? 198 GLN A NE2 1 
ATOM   797  N  N   . LEU A 1 98  ? -10.625 2.247   3.535   1.00 35.12  ? 199 LEU A N   1 
ATOM   798  C  CA  . LEU A 1 98  ? -9.649  1.201   3.322   1.00 42.80  ? 199 LEU A CA  1 
ATOM   799  C  C   . LEU A 1 98  ? -10.225 0.329   2.202   1.00 43.28  ? 199 LEU A C   1 
ATOM   800  O  O   . LEU A 1 98  ? -11.381 -0.082  2.290   1.00 50.13  ? 199 LEU A O   1 
ATOM   801  C  CB  . LEU A 1 98  ? -9.501  0.367   4.588   1.00 36.11  ? 199 LEU A CB  1 
ATOM   802  C  CG  . LEU A 1 98  ? -8.939  1.057   5.818   1.00 39.05  ? 199 LEU A CG  1 
ATOM   803  C  CD1 . LEU A 1 98  ? -8.965  0.129   7.014   1.00 42.21  ? 199 LEU A CD1 1 
ATOM   804  C  CD2 . LEU A 1 98  ? -7.527  1.481   5.515   1.00 36.77  ? 199 LEU A CD2 1 
ATOM   805  N  N   . LEU A 1 99  ? -9.450  0.080   1.146   1.00 41.44  ? 200 LEU A N   1 
ATOM   806  C  CA  . LEU A 1 99  ? -9.903  -0.759  0.026   1.00 38.37  ? 200 LEU A CA  1 
ATOM   807  C  C   . LEU A 1 99  ? -9.782  -2.246  0.294   1.00 43.54  ? 200 LEU A C   1 
ATOM   808  O  O   . LEU A 1 99  ? -9.069  -2.676  1.202   1.00 45.46  ? 200 LEU A O   1 
ATOM   809  C  CB  . LEU A 1 99  ? -9.110  -0.429  -1.231  1.00 36.52  ? 200 LEU A CB  1 
ATOM   810  C  CG  . LEU A 1 99  ? -8.798  1.033   -1.491  1.00 39.26  ? 200 LEU A CG  1 
ATOM   811  C  CD1 . LEU A 1 99  ? -8.282  1.167   -2.906  1.00 42.76  ? 200 LEU A CD1 1 
ATOM   812  C  CD2 . LEU A 1 99  ? -10.027 1.893   -1.285  1.00 37.95  ? 200 LEU A CD2 1 
ATOM   813  N  N   . ASP A 1 100 ? -10.570 -3.025  -0.434  1.00 46.31  ? 201 ASP A N   1 
ATOM   814  C  CA  . ASP A 1 100 ? -10.526 -4.481  -0.342  1.00 46.28  ? 201 ASP A CA  1 
ATOM   815  C  C   . ASP A 1 100 ? -10.540 -5.030  -1.771  1.00 46.76  ? 201 ASP A C   1 
ATOM   816  O  O   . ASP A 1 100 ? -11.272 -4.530  -2.617  1.00 49.28  ? 201 ASP A O   1 
ATOM   817  C  CB  . ASP A 1 100 ? -11.732 -5.011  0.444   1.00 48.61  ? 201 ASP A CB  1 
ATOM   818  C  CG  . ASP A 1 100 ? -11.713 -6.532  0.630   1.00 57.25  ? 201 ASP A CG  1 
ATOM   819  O  OD1 . ASP A 1 100 ? -10.839 -7.043  1.381   1.00 60.47  ? 201 ASP A OD1 1 
ATOM   820  O  OD2 . ASP A 1 100 ? -12.575 -7.225  0.038   1.00 56.23  ? 201 ASP A OD2 1 
ATOM   821  N  N   . PRO A 1 101 ? -9.801  -6.113  -2.033  1.00 48.92  ? 202 PRO A N   1 
ATOM   822  C  CA  . PRO A 1 101 ? -8.950  -6.810  -1.075  1.00 50.02  ? 202 PRO A CA  1 
ATOM   823  C  C   . PRO A 1 101 ? -7.562  -6.210  -0.942  1.00 46.11  ? 202 PRO A C   1 
ATOM   824  O  O   . PRO A 1 101 ? -7.121  -5.399  -1.746  1.00 47.15  ? 202 PRO A O   1 
ATOM   825  C  CB  . PRO A 1 101 ? -8.917  -8.228  -1.650  1.00 51.54  ? 202 PRO A CB  1 
ATOM   826  C  CG  . PRO A 1 101 ? -8.830  -7.941  -3.144  1.00 54.90  ? 202 PRO A CG  1 
ATOM   827  C  CD  . PRO A 1 101 ? -9.845  -6.819  -3.326  1.00 51.84  ? 202 PRO A CD  1 
ATOM   828  N  N   . ALA A 1 102 ? -6.881  -6.619  0.111   1.00 43.94  ? 203 ALA A N   1 
ATOM   829  C  CA  . ALA A 1 102 ? -5.551  -6.166  0.373   1.00 47.04  ? 203 ALA A CA  1 
ATOM   830  C  C   . ALA A 1 102 ? -4.653  -7.200  -0.289  1.00 46.49  ? 203 ALA A C   1 
ATOM   831  O  O   . ALA A 1 102 ? -5.052  -8.345  -0.439  1.00 44.83  ? 203 ALA A O   1 
ATOM   832  C  CB  . ALA A 1 102 ? -5.308  -6.162  1.859   1.00 47.47  ? 203 ALA A CB  1 
ATOM   833  N  N   . ALA A 1 103 ? -3.491  -6.757  -0.760  1.00 42.08  ? 204 ALA A N   1 
ATOM   834  C  CA  . ALA A 1 103 ? -2.513  -7.652  -1.364  1.00 43.37  ? 204 ALA A CA  1 
ATOM   835  C  C   . ALA A 1 103 ? -1.593  -8.148  -0.237  1.00 44.13  ? 204 ALA A C   1 
ATOM   836  O  O   . ALA A 1 103 ? -0.972  -7.342  0.460   1.00 44.35  ? 204 ALA A O   1 
ATOM   837  C  CB  . ALA A 1 103 ? -1.712  -6.920  -2.434  1.00 40.67  ? 204 ALA A CB  1 
ATOM   838  N  N   . ILE A 1 104 ? -1.558  -9.464  -0.023  1.00 42.57  ? 205 ILE A N   1 
ATOM   839  C  CA  . ILE A 1 104 ? -0.721  -10.072 1.027   1.00 43.43  ? 205 ILE A CA  1 
ATOM   840  C  C   . ILE A 1 104 ? 0.479   -10.901 0.509   1.00 46.66  ? 205 ILE A C   1 
ATOM   841  O  O   . ILE A 1 104 ? 0.285   -11.855 -0.252  1.00 48.13  ? 205 ILE A O   1 
ATOM   842  C  CB  . ILE A 1 104 ? -1.578  -10.949 1.934   1.00 42.15  ? 205 ILE A CB  1 
ATOM   843  C  CG1 . ILE A 1 104 ? -2.711  -10.123 2.536   1.00 42.07  ? 205 ILE A CG1 1 
ATOM   844  C  CG2 . ILE A 1 104 ? -0.723  -11.580 3.015   1.00 39.02  ? 205 ILE A CG2 1 
ATOM   845  C  CD1 . ILE A 1 104 ? -3.716  -10.946 3.278   1.00 45.94  ? 205 ILE A CD1 1 
ATOM   846  N  N   . PHE A 1 105 ? 1.691   -10.562 0.936   1.00 42.80  ? 206 PHE A N   1 
ATOM   847  C  CA  . PHE A 1 105 ? 2.888   -11.278 0.515   1.00 42.58  ? 206 PHE A CA  1 
ATOM   848  C  C   . PHE A 1 105 ? 3.591   -11.896 1.709   1.00 46.55  ? 206 PHE A C   1 
ATOM   849  O  O   . PHE A 1 105 ? 3.399   -11.454 2.839   1.00 49.69  ? 206 PHE A O   1 
ATOM   850  C  CB  . PHE A 1 105 ? 3.829   -10.351 -0.220  1.00 39.87  ? 206 PHE A CB  1 
ATOM   851  C  CG  . PHE A 1 105 ? 3.161   -9.594  -1.333  1.00 39.10  ? 206 PHE A CG  1 
ATOM   852  C  CD1 . PHE A 1 105 ? 2.308   -8.537  -1.059  1.00 40.88  ? 206 PHE A CD1 1 
ATOM   853  C  CD2 . PHE A 1 105 ? 3.367   -9.955  -2.656  1.00 37.87  ? 206 PHE A CD2 1 
ATOM   854  C  CE1 . PHE A 1 105 ? 1.647   -7.855  -2.081  1.00 35.62  ? 206 PHE A CE1 1 
ATOM   855  C  CE2 . PHE A 1 105 ? 2.708   -9.279  -3.689  1.00 42.56  ? 206 PHE A CE2 1 
ATOM   856  C  CZ  . PHE A 1 105 ? 1.850   -8.226  -3.401  1.00 38.92  ? 206 PHE A CZ  1 
ATOM   857  N  N   . TRP A 1 106 ? 4.389   -12.921 1.446   1.00 45.58  ? 207 TRP A N   1 
ATOM   858  C  CA  . TRP A 1 106 ? 5.106   -13.593 2.508   1.00 50.70  ? 207 TRP A CA  1 
ATOM   859  C  C   . TRP A 1 106 ? 6.291   -14.416 2.033   1.00 51.60  ? 207 TRP A C   1 
ATOM   860  O  O   . TRP A 1 106 ? 6.445   -14.665 0.837   1.00 51.85  ? 207 TRP A O   1 
ATOM   861  C  CB  . TRP A 1 106 ? 4.161   -14.474 3.333   1.00 51.42  ? 207 TRP A CB  1 
ATOM   862  C  CG  . TRP A 1 106 ? 3.531   -15.613 2.571   1.00 50.51  ? 207 TRP A CG  1 
ATOM   863  C  CD1 . TRP A 1 106 ? 4.056   -16.855 2.373   1.00 51.26  ? 207 TRP A CD1 1 
ATOM   864  C  CD2 . TRP A 1 106 ? 2.237   -15.621 1.935   1.00 52.88  ? 207 TRP A CD2 1 
ATOM   865  N  NE1 . TRP A 1 106 ? 3.173   -17.627 1.664   1.00 47.82  ? 207 TRP A NE1 1 
ATOM   866  C  CE2 . TRP A 1 106 ? 2.061   -16.906 1.374   1.00 49.26  ? 207 TRP A CE2 1 
ATOM   867  C  CE3 . TRP A 1 106 ? 1.221   -14.667 1.792   1.00 49.63  ? 207 TRP A CE3 1 
ATOM   868  C  CZ2 . TRP A 1 106 ? 0.914   -17.262 0.684   1.00 44.79  ? 207 TRP A CZ2 1 
ATOM   869  C  CZ3 . TRP A 1 106 ? 0.075   -15.030 1.102   1.00 50.56  ? 207 TRP A CZ3 1 
ATOM   870  C  CH2 . TRP A 1 106 ? -0.069  -16.320 0.549   1.00 49.78  ? 207 TRP A CH2 1 
ATOM   871  N  N   . ARG A 1 107 ? 7.201   -14.697 2.956   1.00 56.41  ? 208 ARG A N   1 
ATOM   872  C  CA  . ARG A 1 107 ? 8.345   -15.544 2.671   1.00 59.83  ? 208 ARG A CA  1 
ATOM   873  C  C   . ARG A 1 107 ? 8.571   -16.474 3.840   1.00 62.05  ? 208 ARG A C   1 
ATOM   874  O  O   . ARG A 1 107 ? 8.381   -16.081 4.995   1.00 63.82  ? 208 ARG A O   1 
ATOM   875  C  CB  . ARG A 1 107 ? 9.588   -14.703 2.445   1.00 60.07  ? 208 ARG A CB  1 
ATOM   876  C  CG  . ARG A 1 107 ? 10.824  -15.547 2.206   1.00 63.45  ? 208 ARG A CG  1 
ATOM   877  C  CD  . ARG A 1 107 ? 12.111  -14.697 2.204   1.00 62.23  ? 208 ARG A CD  1 
ATOM   878  N  NE  . ARG A 1 107 ? 12.474  -13.871 1.033   1.00 63.53  ? 208 ARG A NE  1 
ATOM   879  C  CZ  . ARG A 1 107 ? 13.756  -13.538 0.732   1.00 67.17  ? 208 ARG A CZ  1 
ATOM   880  N  NH1 . ARG A 1 107 ? 14.703  -13.999 1.586   1.00 70.93  ? 208 ARG A NH1 1 
ATOM   881  N  NH2 . ARG A 1 107 ? 14.125  -12.826 -0.310  1.00 70.12  ? 208 ARG A NH2 1 
ATOM   882  N  N   . LYS A 1 108 ? 8.948   -17.714 3.553   1.00 61.33  ? 209 LYS A N   1 
ATOM   883  C  CA  . LYS A 1 108 ? 9.210   -18.669 4.628   1.00 62.85  ? 209 LYS A CA  1 
ATOM   884  C  C   . LYS A 1 108 ? 10.699  -19.008 4.882   1.00 64.28  ? 209 LYS A C   1 
ATOM   885  O  O   . LYS A 1 108 ? 11.584  -18.706 4.064   1.00 62.12  ? 209 LYS A O   1 
ATOM   886  C  CB  . LYS A 1 108 ? 8.375   -19.928 4.402   1.00 59.60  ? 209 LYS A CB  1 
ATOM   887  C  CG  . LYS A 1 108 ? 6.874   -19.661 4.400   1.00 59.39  ? 209 LYS A CG  1 
ATOM   888  C  CD  . LYS A 1 108 ? 6.045   -20.946 4.157   1.00 63.17  ? 209 LYS A CD  1 
ATOM   889  C  CE  . LYS A 1 108 ? 4.519   -20.681 4.241   1.00 62.17  ? 209 LYS A CE  1 
ATOM   890  N  NZ  . LYS A 1 108 ? 3.601   -21.761 3.720   1.00 56.54  ? 209 LYS A NZ  1 
ATOM   891  N  N   . GLU A 1 109 ? 10.970  -19.537 6.072   1.00 67.20  ? 210 GLU A N   1 
ATOM   892  C  CA  . GLU A 1 109 ? 12.322  -19.974 6.478   1.00 76.08  ? 210 GLU A CA  1 
ATOM   893  C  C   . GLU A 1 109 ? 13.176  -20.778 5.492   1.00 74.71  ? 210 GLU A C   1 
ATOM   894  O  O   . GLU A 1 109 ? 14.415  -20.705 5.498   1.00 76.54  ? 210 GLU A O   1 
ATOM   895  C  CB  . GLU A 1 109 ? 12.212  -20.787 7.777   1.00 74.86  ? 210 GLU A CB  1 
ATOM   896  C  CG  . GLU A 1 109 ? 11.692  -20.007 8.959   1.00 77.83  ? 210 GLU A CG  1 
ATOM   897  C  CD  . GLU A 1 109 ? 11.892  -20.714 10.280  1.00 77.62  ? 210 GLU A CD  1 
ATOM   898  O  OE1 . GLU A 1 109 ? 12.966  -21.343 10.502  1.00 75.70  ? 210 GLU A OE1 1 
ATOM   899  O  OE2 . GLU A 1 109 ? 10.965  -20.631 11.105  1.00 75.76  ? 210 GLU A OE2 1 
ATOM   900  N  N   . ASP A 1 110 ? 12.545  -21.481 4.573   1.00 76.53  ? 211 ASP A N   1 
ATOM   901  C  CA  . ASP A 1 110 ? 13.338  -22.342 3.675   1.00 78.09  ? 211 ASP A CA  1 
ATOM   902  C  C   . ASP A 1 110 ? 13.317  -21.815 2.235   1.00 79.68  ? 211 ASP A C   1 
ATOM   903  O  O   . ASP A 1 110 ? 13.962  -22.399 1.351   1.00 77.57  ? 211 ASP A O   1 
ATOM   904  C  CB  . ASP A 1 110 ? 12.792  -23.780 3.720   1.00 80.97  ? 211 ASP A CB  1 
ATOM   905  C  CG  . ASP A 1 110 ? 11.412  -23.906 3.024   1.00 83.08  ? 211 ASP A CG  1 
ATOM   906  O  OD1 . ASP A 1 110 ? 10.587  -22.985 3.189   1.00 79.39  ? 211 ASP A OD1 1 
ATOM   907  O  OD2 . ASP A 1 110 ? 11.180  -24.919 2.270   1.00 85.04  ? 211 ASP A OD2 1 
ATOM   908  N  N   . SER A 1 111 ? 12.673  -20.678 2.009   1.00 80.83  ? 212 SER A N   1 
ATOM   909  C  CA  . SER A 1 111 ? 12.537  -20.209 0.650   1.00 79.37  ? 212 SER A CA  1 
ATOM   910  C  C   . SER A 1 111 ? 13.110  -18.841 0.527   1.00 79.96  ? 212 SER A C   1 
ATOM   911  O  O   . SER A 1 111 ? 13.189  -18.073 1.496   1.00 81.04  ? 212 SER A O   1 
ATOM   912  C  CB  . SER A 1 111 ? 11.059  -20.190 0.228   1.00 81.57  ? 212 SER A CB  1 
ATOM   913  O  OG  . SER A 1 111 ? 10.237  -19.414 1.096   1.00 78.83  ? 212 SER A OG  1 
ATOM   914  N  N   . ASP A 1 112 ? 13.616  -18.561 -0.665  1.00 77.05  ? 213 ASP A N   1 
ATOM   915  C  CA  . ASP A 1 112 ? 14.135  -17.232 -0.971  1.00 75.18  ? 213 ASP A CA  1 
ATOM   916  C  C   . ASP A 1 112 ? 13.208  -16.720 -2.063  1.00 73.01  ? 213 ASP A C   1 
ATOM   917  O  O   . ASP A 1 112 ? 13.554  -15.811 -2.813  1.00 73.73  ? 213 ASP A O   1 
ATOM   918  C  CB  . ASP A 1 112 ? 15.592  -17.282 -1.461  1.00 78.93  ? 213 ASP A CB  1 
ATOM   919  C  CG  . ASP A 1 112 ? 16.517  -17.978 -0.459  1.00 82.00  ? 213 ASP A CG  1 
ATOM   920  O  OD1 . ASP A 1 112 ? 16.297  -17.844 0.778   1.00 80.91  ? 213 ASP A OD1 1 
ATOM   921  O  OD2 . ASP A 1 112 ? 17.457  -18.683 -0.921  1.00 83.44  ? 213 ASP A OD2 1 
ATOM   922  N  N   . ALA A 1 113 ? 12.042  -17.366 -2.142  1.00 68.72  ? 214 ALA A N   1 
ATOM   923  C  CA  . ALA A 1 113 ? 11.018  -17.046 -3.124  1.00 64.80  ? 214 ALA A CA  1 
ATOM   924  C  C   . ALA A 1 113 ? 9.760   -16.546 -2.384  1.00 61.62  ? 214 ALA A C   1 
ATOM   925  O  O   . ALA A 1 113 ? 9.370   -17.118 -1.381  1.00 63.45  ? 214 ALA A O   1 
ATOM   926  C  CB  . ALA A 1 113 ? 10.693  -18.287 -3.925  1.00 69.06  ? 214 ALA A CB  1 
ATOM   927  N  N   . MET A 1 114 ? 9.177   -15.461 -2.893  1.00 54.94  ? 215 MET A N   1 
ATOM   928  C  CA  . MET A 1 114 ? 7.985   -14.848 -2.333  1.00 48.97  ? 215 MET A CA  1 
ATOM   929  C  C   . MET A 1 114 ? 6.721   -15.529 -2.864  1.00 47.26  ? 215 MET A C   1 
ATOM   930  O  O   . MET A 1 114 ? 6.681   -15.928 -4.029  1.00 52.56  ? 215 MET A O   1 
ATOM   931  C  CB  . MET A 1 114 ? 7.907   -13.369 -2.750  1.00 48.44  ? 215 MET A CB  1 
ATOM   932  C  CG  . MET A 1 114 ? 9.026   -12.462 -2.278  1.00 47.08  ? 215 MET A CG  1 
ATOM   933  S  SD  . MET A 1 114 ? 8.910   -12.115 -0.508  1.00 38.93  ? 215 MET A SD  1 
ATOM   934  C  CE  . MET A 1 114 ? 7.348   -11.392 -0.432  1.00 38.41  ? 215 MET A CE  1 
ATOM   935  N  N   . ASP A 1 115 ? 5.690   -15.635 -2.015  1.00 48.86  ? 216 ASP A N   1 
ATOM   936  C  CA  . ASP A 1 115 ? 4.398   -16.225 -2.377  1.00 46.24  ? 216 ASP A CA  1 
ATOM   937  C  C   . ASP A 1 115 ? 3.365   -15.206 -1.897  1.00 46.97  ? 216 ASP A C   1 
ATOM   938  O  O   . ASP A 1 115 ? 3.651   -14.412 -1.024  1.00 50.96  ? 216 ASP A O   1 
ATOM   939  C  CB  . ASP A 1 115 ? 4.184   -17.572 -1.668  1.00 40.07  ? 216 ASP A CB  1 
ATOM   940  C  CG  . ASP A 1 115 ? 2.977   -18.345 -2.213  1.00 44.92  ? 216 ASP A CG  1 
ATOM   941  O  OD1 . ASP A 1 115 ? 2.418   -17.978 -3.271  1.00 41.54  ? 216 ASP A OD1 1 
ATOM   942  O  OD2 . ASP A 1 115 ? 2.566   -19.348 -1.596  1.00 45.72  ? 216 ASP A OD2 1 
ATOM   943  N  N   . TRP A 1 116 ? 2.190   -15.208 -2.515  1.00 47.52  ? 217 TRP A N   1 
ATOM   944  C  CA  . TRP A 1 116 ? 1.137   -14.289 -2.138  1.00 47.46  ? 217 TRP A CA  1 
ATOM   945  C  C   . TRP A 1 116 ? -0.241  -14.817 -2.543  1.00 46.97  ? 217 TRP A C   1 
ATOM   946  O  O   . TRP A 1 116 ? -0.387  -15.940 -3.056  1.00 45.19  ? 217 TRP A O   1 
ATOM   947  C  CB  . TRP A 1 116 ? 1.396   -12.933 -2.770  1.00 45.76  ? 217 TRP A CB  1 
ATOM   948  C  CG  . TRP A 1 116 ? 1.379   -12.939 -4.255  1.00 49.29  ? 217 TRP A CG  1 
ATOM   949  C  CD1 . TRP A 1 116 ? 0.297   -12.742 -5.041  1.00 51.10  ? 217 TRP A CD1 1 
ATOM   950  C  CD2 . TRP A 1 116 ? 2.501   -13.078 -5.142  1.00 47.88  ? 217 TRP A CD2 1 
ATOM   951  N  NE1 . TRP A 1 116 ? 0.661   -12.725 -6.353  1.00 45.89  ? 217 TRP A NE1 1 
ATOM   952  C  CE2 . TRP A 1 116 ? 2.007   -12.918 -6.457  1.00 51.20  ? 217 TRP A CE2 1 
ATOM   953  C  CE3 . TRP A 1 116 ? 3.867   -13.294 -4.958  1.00 47.84  ? 217 TRP A CE3 1 
ATOM   954  C  CZ2 . TRP A 1 116 ? 2.832   -12.993 -7.595  1.00 51.17  ? 217 TRP A CZ2 1 
ATOM   955  C  CZ3 . TRP A 1 116 ? 4.696   -13.367 -6.094  1.00 51.40  ? 217 TRP A CZ3 1 
ATOM   956  C  CH2 . TRP A 1 116 ? 4.170   -13.201 -7.396  1.00 52.77  ? 217 TRP A CH2 1 
ATOM   957  N  N   . ASN A 1 117 ? -1.261  -14.011 -2.259  1.00 48.08  ? 218 ASN A N   1 
ATOM   958  C  CA  . ASN A 1 117 ? -2.640  -14.345 -2.608  1.00 43.51  ? 218 ASN A CA  1 
ATOM   959  C  C   . ASN A 1 117 ? -2.922  -13.775 -3.991  1.00 45.23  ? 218 ASN A C   1 
ATOM   960  O  O   . ASN A 1 117 ? -3.522  -12.700 -4.144  1.00 45.24  ? 218 ASN A O   1 
ATOM   961  C  CB  . ASN A 1 117 ? -3.615  -13.840 -1.535  1.00 45.81  ? 218 ASN A CB  1 
ATOM   962  C  CG  . ASN A 1 117 ? -3.506  -12.327 -1.272  1.00 54.54  ? 218 ASN A CG  1 
ATOM   963  O  OD1 . ASN A 1 117 ? -2.412  -11.713 -1.312  1.00 47.86  ? 218 ASN A OD1 1 
ATOM   964  N  ND2 . ASN A 1 117 ? -4.590  -11.752 -0.792  1.00 52.13  ? 218 ASN A ND2 1 
ATOM   965  N  N   . GLU A 1 118 ? -2.482  -14.533 -4.995  1.00 37.55  ? 219 GLU A N   1 
ATOM   966  C  CA  . GLU A 1 118 ? -2.594  -14.128 -6.388  1.00 32.61  ? 219 GLU A CA  1 
ATOM   967  C  C   . GLU A 1 118 ? -3.870  -13.472 -6.809  1.00 35.45  ? 219 GLU A C   1 
ATOM   968  O  O   . GLU A 1 118 ? -3.847  -12.421 -7.437  1.00 40.06  ? 219 GLU A O   1 
ATOM   969  C  CB  . GLU A 1 118 ? -2.279  -15.276 -7.325  1.00 30.06  ? 219 GLU A CB  1 
ATOM   970  C  CG  . GLU A 1 118 ? -0.872  -15.824 -7.224  1.00 29.07  ? 219 GLU A CG  1 
ATOM   971  C  CD  . GLU A 1 118 ? -0.722  -16.900 -6.135  1.00 28.80  ? 219 GLU A CD  1 
ATOM   972  O  OE1 . GLU A 1 118 ? -1.752  -17.241 -5.513  1.00 28.90  ? 219 GLU A OE1 1 
ATOM   973  O  OE2 . GLU A 1 118 ? 0.360   -17.426 -5.890  1.00 27.11  ? 219 GLU A OE2 1 
ATOM   974  N  N   . ALA A 1 119 ? -4.989  -14.100 -6.483  1.00 33.84  ? 220 ALA A N   1 
ATOM   975  C  CA  . ALA A 1 119 ? -6.314  -13.597 -6.851  1.00 34.71  ? 220 ALA A CA  1 
ATOM   976  C  C   . ALA A 1 119 ? -6.536  -12.172 -6.341  1.00 31.68  ? 220 ALA A C   1 
ATOM   977  O  O   . ALA A 1 119 ? -6.609  -11.198 -7.121  1.00 27.69  ? 220 ALA A O   1 
ATOM   978  C  CB  . ALA A 1 119 ? -7.412  -14.535 -6.333  1.00 31.76  ? 220 ALA A CB  1 
ATOM   979  N  N   . ASP A 1 120 ? -6.629  -12.044 -5.030  1.00 32.76  ? 221 ASP A N   1 
ATOM   980  C  CA  . ASP A 1 120 ? -6.841  -10.738 -4.474  1.00 32.51  ? 221 ASP A CA  1 
ATOM   981  C  C   . ASP A 1 120 ? -5.816  -9.724  -4.958  1.00 32.69  ? 221 ASP A C   1 
ATOM   982  O  O   . ASP A 1 120 ? -6.167  -8.617  -5.361  1.00 33.94  ? 221 ASP A O   1 
ATOM   983  C  CB  . ASP A 1 120 ? -6.841  -10.852 -2.965  1.00 27.60  ? 221 ASP A CB  1 
ATOM   984  C  CG  . ASP A 1 120 ? -8.041  -11.579 -2.463  1.00 29.87  ? 221 ASP A CG  1 
ATOM   985  O  OD1 . ASP A 1 120 ? -9.076  -11.515 -3.111  1.00 25.82  ? 221 ASP A OD1 1 
ATOM   986  O  OD2 . ASP A 1 120 ? -7.936  -12.211 -1.408  1.00 39.59  ? 221 ASP A OD2 1 
ATOM   987  N  N   . ALA A 1 121 ? -4.551  -10.128 -4.962  1.00 30.64  ? 222 ALA A N   1 
ATOM   988  C  CA  . ALA A 1 121 ? -3.466  -9.246  -5.388  1.00 34.90  ? 222 ALA A CA  1 
ATOM   989  C  C   . ALA A 1 121 ? -3.696  -8.743  -6.782  1.00 38.65  ? 222 ALA A C   1 
ATOM   990  O  O   . ALA A 1 121 ? -3.342  -7.596  -7.096  1.00 41.73  ? 222 ALA A O   1 
ATOM   991  C  CB  . ALA A 1 121 ? -2.125  -9.945  -5.283  1.00 37.28  ? 222 ALA A CB  1 
ATOM   992  N  N   . LEU A 1 122 ? -4.253  -9.590  -7.642  1.00 36.63  ? 223 LEU A N   1 
ATOM   993  C  CA  . LEU A 1 122 ? -4.502  -9.185  -9.042  1.00 38.62  ? 223 LEU A CA  1 
ATOM   994  C  C   . LEU A 1 122 ? -5.689  -8.269  -9.102  1.00 38.69  ? 223 LEU A C   1 
ATOM   995  O  O   . LEU A 1 122 ? -5.715  -7.320  -9.910  1.00 33.90  ? 223 LEU A O   1 
ATOM   996  C  CB  . LEU A 1 122 ? -4.729  -10.389 -9.939  1.00 37.84  ? 223 LEU A CB  1 
ATOM   997  C  CG  . LEU A 1 122 ? -4.993  -10.041 -11.403 1.00 38.56  ? 223 LEU A CG  1 
ATOM   998  C  CD1 . LEU A 1 122 ? -3.818  -9.294  -12.024 1.00 34.56  ? 223 LEU A CD1 1 
ATOM   999  C  CD2 . LEU A 1 122 ? -5.265  -11.331 -12.158 1.00 39.83  ? 223 LEU A CD2 1 
ATOM   1000 N  N   . GLU A 1 123 ? -6.695  -8.589  -8.299  1.00 34.83  ? 224 GLU A N   1 
ATOM   1001 C  CA  . GLU A 1 123 ? -7.891  -7.759  -8.241  1.00 40.75  ? 224 GLU A CA  1 
ATOM   1002 C  C   . GLU A 1 123 ? -7.425  -6.327  -7.904  1.00 42.94  ? 224 GLU A C   1 
ATOM   1003 O  O   . GLU A 1 123 ? -7.637  -5.378  -8.672  1.00 42.89  ? 224 GLU A O   1 
ATOM   1004 C  CB  . GLU A 1 123 ? -8.842  -8.293  -7.180  1.00 39.16  ? 224 GLU A CB  1 
ATOM   1005 C  CG  . GLU A 1 123 ? -10.329 -8.073  -7.484  1.00 44.27  ? 224 GLU A CG  1 
ATOM   1006 C  CD  . GLU A 1 123 ? -11.265 -8.501  -6.334  1.00 50.29  ? 224 GLU A CD  1 
ATOM   1007 O  OE1 . GLU A 1 123 ? -11.033 -9.569  -5.732  1.00 53.83  ? 224 GLU A OE1 1 
ATOM   1008 O  OE2 . GLU A 1 123 ? -12.234 -7.767  -6.040  1.00 51.17  ? 224 GLU A OE2 1 
ATOM   1009 N  N   . PHE A 1 124 ? -6.779  -6.199  -6.751  1.00 42.71  ? 225 PHE A N   1 
ATOM   1010 C  CA  . PHE A 1 124 ? -6.232  -4.923  -6.284  1.00 42.05  ? 225 PHE A CA  1 
ATOM   1011 C  C   . PHE A 1 124 ? -5.402  -4.272  -7.415  1.00 41.52  ? 225 PHE A C   1 
ATOM   1012 O  O   . PHE A 1 124 ? -5.642  -3.136  -7.820  1.00 44.36  ? 225 PHE A O   1 
ATOM   1013 C  CB  . PHE A 1 124 ? -5.368  -5.191  -5.039  1.00 41.22  ? 225 PHE A CB  1 
ATOM   1014 C  CG  . PHE A 1 124 ? -4.946  -3.955  -4.278  1.00 44.56  ? 225 PHE A CG  1 
ATOM   1015 C  CD1 . PHE A 1 124 ? -5.146  -2.676  -4.789  1.00 42.06  ? 225 PHE A CD1 1 
ATOM   1016 C  CD2 . PHE A 1 124 ? -4.313  -4.091  -3.043  1.00 41.82  ? 225 PHE A CD2 1 
ATOM   1017 C  CE1 . PHE A 1 124 ? -4.731  -1.555  -4.084  1.00 43.05  ? 225 PHE A CE1 1 
ATOM   1018 C  CE2 . PHE A 1 124 ? -3.895  -2.973  -2.330  1.00 43.29  ? 225 PHE A CE2 1 
ATOM   1019 C  CZ  . PHE A 1 124 ? -4.098  -1.707  -2.848  1.00 45.42  ? 225 PHE A CZ  1 
ATOM   1020 N  N   . GLY A 1 125 ? -4.470  -5.044  -7.958  1.00 34.71  ? 226 GLY A N   1 
ATOM   1021 C  CA  . GLY A 1 125 ? -3.613  -4.549  -9.012  1.00 38.74  ? 226 GLY A CA  1 
ATOM   1022 C  C   . GLY A 1 125 ? -4.359  -3.929  -10.166 1.00 34.24  ? 226 GLY A C   1 
ATOM   1023 O  O   . GLY A 1 125 ? -4.013  -2.846  -10.659 1.00 32.70  ? 226 GLY A O   1 
ATOM   1024 N  N   . GLU A 1 126 ? -5.426  -4.586  -10.577 1.00 34.47  ? 227 GLU A N   1 
ATOM   1025 C  CA  . GLU A 1 126 ? -6.214  -4.106  -11.700 1.00 41.88  ? 227 GLU A CA  1 
ATOM   1026 C  C   . GLU A 1 126 ? -6.852  -2.721  -11.434 1.00 40.93  ? 227 GLU A C   1 
ATOM   1027 O  O   . GLU A 1 126 ? -6.840  -1.838  -12.303 1.00 43.08  ? 227 GLU A O   1 
ATOM   1028 C  CB  . GLU A 1 126 ? -7.305  -5.128  -12.047 1.00 40.16  ? 227 GLU A CB  1 
ATOM   1029 C  CG  . GLU A 1 126 ? -6.780  -6.422  -12.535 1.00 44.36  ? 227 GLU A CG  1 
ATOM   1030 C  CD  . GLU A 1 126 ? -6.235  -6.363  -13.958 1.00 56.36  ? 227 GLU A CD  1 
ATOM   1031 O  OE1 . GLU A 1 126 ? -5.760  -5.287  -14.431 1.00 60.56  ? 227 GLU A OE1 1 
ATOM   1032 O  OE2 . GLU A 1 126 ? -6.302  -7.415  -14.597 1.00 59.26  ? 227 GLU A OE2 1 
ATOM   1033 N  N   . ARG A 1 127 ? -7.344  -2.536  -10.212 1.00 34.06  ? 228 ARG A N   1 
ATOM   1034 C  CA  . ARG A 1 127 ? -7.993  -1.296  -9.842  1.00 38.95  ? 228 ARG A CA  1 
ATOM   1035 C  C   . ARG A 1 127 ? -7.083  -0.079  -9.938  1.00 42.41  ? 228 ARG A C   1 
ATOM   1036 O  O   . ARG A 1 127 ? -7.507  0.999   -10.325 1.00 44.20  ? 228 ARG A O   1 
ATOM   1037 C  CB  . ARG A 1 127 ? -8.514  -1.380  -8.435  1.00 39.65  ? 228 ARG A CB  1 
ATOM   1038 C  CG  . ARG A 1 127 ? -9.459  -2.486  -8.147  1.00 41.08  ? 228 ARG A CG  1 
ATOM   1039 C  CD  . ARG A 1 127 ? -9.925  -2.344  -6.694  1.00 45.72  ? 228 ARG A CD  1 
ATOM   1040 N  NE  . ARG A 1 127 ? -10.691 -1.122  -6.429  1.00 41.09  ? 228 ARG A NE  1 
ATOM   1041 C  CZ  . ARG A 1 127 ? -11.272 -0.876  -5.241  1.00 41.26  ? 228 ARG A CZ  1 
ATOM   1042 N  NH1 . ARG A 1 127 ? -11.178 -1.734  -4.242  1.00 41.50  ? 228 ARG A NH1 1 
ATOM   1043 N  NH2 . ARG A 1 127 ? -11.992 0.240   -5.089  1.00 37.53  ? 228 ARG A NH2 1 
ATOM   1044 N  N   . LEU A 1 128 ? -5.816  -0.273  -9.585  1.00 43.85  ? 229 LEU A N   1 
ATOM   1045 C  CA  . LEU A 1 128 ? -4.837  0.801   -9.581  1.00 41.94  ? 229 LEU A CA  1 
ATOM   1046 C  C   . LEU A 1 128 ? -4.793  1.595   -10.868 1.00 44.29  ? 229 LEU A C   1 
ATOM   1047 O  O   . LEU A 1 128 ? -4.609  2.805   -10.843 1.00 41.76  ? 229 LEU A O   1 
ATOM   1048 C  CB  . LEU A 1 128 ? -3.439  0.268   -9.257  1.00 43.57  ? 229 LEU A CB  1 
ATOM   1049 C  CG  . LEU A 1 128 ? -3.253  -0.520  -7.958  1.00 38.95  ? 229 LEU A CG  1 
ATOM   1050 C  CD1 . LEU A 1 128 ? -1.796  -0.859  -7.777  1.00 42.30  ? 229 LEU A CD1 1 
ATOM   1051 C  CD2 . LEU A 1 128 ? -3.722  0.261   -6.779  1.00 33.01  ? 229 LEU A CD2 1 
ATOM   1052 N  N   . SER A 1 129 ? -5.048  0.937   -11.988 1.00 43.30  ? 230 SER A N   1 
ATOM   1053 C  CA  . SER A 1 129 ? -4.989  1.617   -13.268 1.00 48.34  ? 230 SER A CA  1 
ATOM   1054 C  C   . SER A 1 129 ? -6.039  2.704   -13.358 1.00 51.31  ? 230 SER A C   1 
ATOM   1055 O  O   . SER A 1 129 ? -5.769  3.797   -13.830 1.00 51.34  ? 230 SER A O   1 
ATOM   1056 C  CB  . SER A 1 129 ? -5.134  0.639   -14.435 1.00 47.68  ? 230 SER A CB  1 
ATOM   1057 O  OG  . SER A 1 129 ? -6.227  -0.248  -14.243 1.00 48.84  ? 230 SER A OG  1 
ATOM   1058 N  N   . ASP A 1 130 ? -7.230  2.437   -12.842 1.00 54.62  ? 231 ASP A N   1 
ATOM   1059 C  CA  . ASP A 1 130 ? -8.296  3.427   -12.898 1.00 55.41  ? 231 ASP A CA  1 
ATOM   1060 C  C   . ASP A 1 130 ? -8.198  4.430   -11.752 1.00 57.95  ? 231 ASP A C   1 
ATOM   1061 O  O   . ASP A 1 130 ? -8.836  5.480   -11.819 1.00 60.80  ? 231 ASP A O   1 
ATOM   1062 C  CB  . ASP A 1 130 ? -9.666  2.738   -12.939 1.00 55.10  ? 231 ASP A CB  1 
ATOM   1063 C  CG  . ASP A 1 130 ? -9.983  2.129   -14.308 1.00 59.56  ? 231 ASP A CG  1 
ATOM   1064 O  OD1 . ASP A 1 130 ? -9.365  2.524   -15.311 1.00 60.89  ? 231 ASP A OD1 1 
ATOM   1065 O  OD2 . ASP A 1 130 ? -10.871 1.253   -14.369 1.00 53.49  ? 231 ASP A OD2 1 
ATOM   1066 N  N   . LEU A 1 131 ? -7.554  4.058   -10.651 1.00 54.80  ? 232 LEU A N   1 
ATOM   1067 C  CA  . LEU A 1 131 ? -7.319  4.969   -9.527  1.00 47.94  ? 232 LEU A CA  1 
ATOM   1068 C  C   . LEU A 1 131 ? -6.304  6.075   -9.883  1.00 47.01  ? 232 LEU A C   1 
ATOM   1069 O  O   . LEU A 1 131 ? -6.314  7.151   -9.295  1.00 47.42  ? 232 LEU A O   1 
ATOM   1070 C  CB  . LEU A 1 131 ? -6.812  4.188   -8.324  1.00 45.56  ? 232 LEU A CB  1 
ATOM   1071 C  CG  . LEU A 1 131 ? -7.727  3.140   -7.726  1.00 42.85  ? 232 LEU A CG  1 
ATOM   1072 C  CD1 . LEU A 1 131 ? -6.979  2.242   -6.781  1.00 40.79  ? 232 LEU A CD1 1 
ATOM   1073 C  CD2 . LEU A 1 131 ? -8.834  3.818   -7.002  1.00 38.41  ? 232 LEU A CD2 1 
ATOM   1074 N  N   . ALA A 1 132 ? -5.385  5.759   -10.788 1.00 46.19  ? 233 ALA A N   1 
ATOM   1075 C  CA  . ALA A 1 132 ? -4.367  6.721   -11.229 1.00 47.99  ? 233 ALA A CA  1 
ATOM   1076 C  C   . ALA A 1 132 ? -4.986  7.957   -11.846 1.00 48.02  ? 233 ALA A C   1 
ATOM   1077 O  O   . ALA A 1 132 ? -4.353  9.023   -11.945 1.00 47.08  ? 233 ALA A O   1 
ATOM   1078 C  CB  . ALA A 1 132 ? -3.394  6.081   -12.209 1.00 48.74  ? 233 ALA A CB  1 
ATOM   1079 N  N   . LYS A 1 133 ? -6.216  7.800   -12.309 1.00 47.47  ? 234 LYS A N   1 
ATOM   1080 C  CA  . LYS A 1 133 ? -6.929  8.906   -12.928 1.00 50.28  ? 234 LYS A CA  1 
ATOM   1081 C  C   . LYS A 1 133 ? -7.614  9.835   -11.924 1.00 48.80  ? 234 LYS A C   1 
ATOM   1082 O  O   . LYS A 1 133 ? -7.737  11.028  -12.186 1.00 54.51  ? 234 LYS A O   1 
ATOM   1083 C  CB  . LYS A 1 133 ? -7.930  8.369   -13.928 1.00 48.51  ? 234 LYS A CB  1 
ATOM   1084 C  CG  . LYS A 1 133 ? -7.304  7.458   -14.984 1.00 53.80  ? 234 LYS A CG  1 
ATOM   1085 C  CD  . LYS A 1 133 ? -8.384  6.749   -15.823 1.00 56.95  ? 234 LYS A CD  1 
ATOM   1086 C  CE  . LYS A 1 133 ? -7.769  5.857   -16.897 1.00 62.60  ? 234 LYS A CE  1 
ATOM   1087 N  NZ  . LYS A 1 133 ? -8.766  5.081   -17.714 1.00 56.75  ? 234 LYS A NZ  1 
ATOM   1088 N  N   . ILE A 1 134 ? -8.052  9.295   -10.782 1.00 45.66  ? 235 ILE A N   1 
ATOM   1089 C  CA  . ILE A 1 134 ? -8.690  10.134  -9.761  1.00 45.09  ? 235 ILE A CA  1 
ATOM   1090 C  C   . ILE A 1 134 ? -7.734  11.237  -9.369  1.00 49.90  ? 235 ILE A C   1 
ATOM   1091 O  O   . ILE A 1 134 ? -8.062  12.423  -9.503  1.00 49.30  ? 235 ILE A O   1 
ATOM   1092 C  CB  . ILE A 1 134 ? -9.044  9.355   -8.514  1.00 43.48  ? 235 ILE A CB  1 
ATOM   1093 C  CG1 . ILE A 1 134 ? -9.993  8.214   -8.862  1.00 40.44  ? 235 ILE A CG1 1 
ATOM   1094 C  CG2 . ILE A 1 134 ? -9.681  10.291  -7.488  1.00 39.87  ? 235 ILE A CG2 1 
ATOM   1095 C  CD1 . ILE A 1 134 ? -10.509 7.428   -7.659  1.00 46.88  ? 235 ILE A CD1 1 
ATOM   1096 N  N   . ARG A 1 135 ? -6.537  10.867  -8.928  1.00 49.24  ? 236 ARG A N   1 
ATOM   1097 C  CA  . ARG A 1 135 ? -5.502  11.848  -8.532  1.00 46.93  ? 236 ARG A CA  1 
ATOM   1098 C  C   . ARG A 1 135 ? -4.114  11.194  -8.649  1.00 48.18  ? 236 ARG A C   1 
ATOM   1099 O  O   . ARG A 1 135 ? -3.959  10.004  -8.474  1.00 44.15  ? 236 ARG A O   1 
ATOM   1100 C  CB  . ARG A 1 135 ? -5.735  12.408  -7.103  1.00 46.29  ? 236 ARG A CB  1 
ATOM   1101 C  CG  . ARG A 1 135 ? -5.568  11.402  -5.958  1.00 40.33  ? 236 ARG A CG  1 
ATOM   1102 C  CD  . ARG A 1 135 ? -5.647  12.061  -4.596  1.00 29.40  ? 236 ARG A CD  1 
ATOM   1103 N  NE  . ARG A 1 135 ? -5.460  11.075  -3.510  1.00 29.26  ? 236 ARG A NE  1 
ATOM   1104 C  CZ  . ARG A 1 135 ? -5.717  11.391  -2.238  1.00 27.33  ? 236 ARG A CZ  1 
ATOM   1105 N  NH1 . ARG A 1 135 ? -6.144  12.587  -1.926  1.00 29.16  ? 236 ARG A NH1 1 
ATOM   1106 N  NH2 . ARG A 1 135 ? -5.517  10.476  -1.281  1.00 28.77  ? 236 ARG A NH2 1 
ATOM   1107 N  N   . LYS A 1 136 ? -3.135  12.055  -8.939  1.00 47.33  ? 237 LYS A N   1 
ATOM   1108 C  CA  . LYS A 1 136 ? -1.727  11.707  -9.125  1.00 44.80  ? 237 LYS A CA  1 
ATOM   1109 C  C   . LYS A 1 136 ? -0.981  10.971  -8.016  1.00 46.96  ? 237 LYS A C   1 
ATOM   1110 O  O   . LYS A 1 136 ? 0.056   10.336  -8.246  1.00 50.27  ? 237 LYS A O   1 
ATOM   1111 C  CB  . LYS A 1 136 ? -0.949  12.980  -9.523  1.00 47.20  ? 237 LYS A CB  1 
ATOM   1112 C  CG  . LYS A 1 136 ? 0.384   12.719  -10.183 1.00 51.48  ? 237 LYS A CG  1 
ATOM   1113 C  CD  . LYS A 1 136 ? 1.061   14.013  -10.592 1.00 54.84  ? 237 LYS A CD  1 
ATOM   1114 C  CE  . LYS A 1 136 ? 2.449   13.740  -11.162 1.00 56.54  ? 237 LYS A CE  1 
ATOM   1115 N  NZ  . LYS A 1 136 ? 2.383   13.104  -12.520 1.00 57.77  ? 237 LYS A NZ  1 
ATOM   1116 N  N   . VAL A 1 137 ? -1.517  10.992  -6.816  1.00 42.75  ? 238 VAL A N   1 
ATOM   1117 C  CA  . VAL A 1 137 ? -0.834  10.336  -5.718  1.00 43.60  ? 238 VAL A CA  1 
ATOM   1118 C  C   . VAL A 1 137 ? -1.818  9.368   -5.103  1.00 45.95  ? 238 VAL A C   1 
ATOM   1119 O  O   . VAL A 1 137 ? -3.016  9.495   -5.322  1.00 48.88  ? 238 VAL A O   1 
ATOM   1120 C  CB  . VAL A 1 137 ? -0.405  11.344  -4.621  1.00 46.70  ? 238 VAL A CB  1 
ATOM   1121 C  CG1 . VAL A 1 137 ? 0.289   10.634  -3.493  1.00 42.24  ? 238 VAL A CG1 1 
ATOM   1122 C  CG2 . VAL A 1 137 ? 0.513   12.433  -5.200  1.00 53.23  ? 238 VAL A CG2 1 
ATOM   1123 N  N   . MET A 1 138 ? -1.309  8.357   -4.409  1.00 43.89  ? 239 MET A N   1 
ATOM   1124 C  CA  . MET A 1 138 ? -2.145  7.396   -3.711  1.00 39.61  ? 239 MET A CA  1 
ATOM   1125 C  C   . MET A 1 138 ? -1.399  6.911   -2.456  1.00 38.02  ? 239 MET A C   1 
ATOM   1126 O  O   . MET A 1 138 ? -0.174  6.832   -2.460  1.00 42.91  ? 239 MET A O   1 
ATOM   1127 C  CB  . MET A 1 138 ? -2.508  6.221   -4.602  1.00 43.00  ? 239 MET A CB  1 
ATOM   1128 C  CG  . MET A 1 138 ? -3.051  5.053   -3.775  1.00 48.27  ? 239 MET A CG  1 
ATOM   1129 S  SD  . MET A 1 138 ? -4.207  3.912   -4.546  1.00 43.98  ? 239 MET A SD  1 
ATOM   1130 C  CE  . MET A 1 138 ? -3.168  3.321   -5.889  1.00 55.25  ? 239 MET A CE  1 
ATOM   1131 N  N   . TYR A 1 139 ? -2.141  6.575   -1.404  1.00 37.88  ? 240 TYR A N   1 
ATOM   1132 C  CA  . TYR A 1 139 ? -1.549  6.123   -0.149  1.00 37.95  ? 240 TYR A CA  1 
ATOM   1133 C  C   . TYR A 1 139 ? -2.029  4.741   0.230   1.00 37.29  ? 240 TYR A C   1 
ATOM   1134 O  O   . TYR A 1 139 ? -3.133  4.345   -0.107  1.00 36.49  ? 240 TYR A O   1 
ATOM   1135 C  CB  . TYR A 1 139 ? -1.863  7.111   0.974   1.00 38.77  ? 240 TYR A CB  1 
ATOM   1136 C  CG  . TYR A 1 139 ? -1.334  8.514   0.723   1.00 42.40  ? 240 TYR A CG  1 
ATOM   1137 C  CD1 . TYR A 1 139 ? -1.957  9.365   -0.192  1.00 44.92  ? 240 TYR A CD1 1 
ATOM   1138 C  CD2 . TYR A 1 139 ? -0.167  8.961   1.331   1.00 39.53  ? 240 TYR A CD2 1 
ATOM   1139 C  CE1 . TYR A 1 139 ? -1.434  10.620  -0.510  1.00 45.62  ? 240 TYR A CE1 1 
ATOM   1140 C  CE2 . TYR A 1 139 ? 0.374   10.221  1.028   1.00 40.49  ? 240 TYR A CE2 1 
ATOM   1141 C  CZ  . TYR A 1 139 ? -0.268  11.043  0.101   1.00 43.32  ? 240 TYR A CZ  1 
ATOM   1142 O  OH  . TYR A 1 139 ? 0.228   12.286  -0.256  1.00 44.62  ? 240 TYR A OH  1 
ATOM   1143 N  N   . PHE A 1 140 ? -1.174  4.013   0.932   1.00 35.29  ? 241 PHE A N   1 
ATOM   1144 C  CA  . PHE A 1 140 ? -1.476  2.658   1.377   1.00 34.88  ? 241 PHE A CA  1 
ATOM   1145 C  C   . PHE A 1 140 ? -1.003  2.509   2.817   1.00 37.86  ? 241 PHE A C   1 
ATOM   1146 O  O   . PHE A 1 140 ? -0.074  3.186   3.262   1.00 41.76  ? 241 PHE A O   1 
ATOM   1147 C  CB  . PHE A 1 140 ? -0.719  1.590   0.571   1.00 30.72  ? 241 PHE A CB  1 
ATOM   1148 C  CG  . PHE A 1 140 ? -0.738  1.801   -0.914  1.00 36.59  ? 241 PHE A CG  1 
ATOM   1149 C  CD1 . PHE A 1 140 ? -0.043  2.854   -1.496  1.00 33.83  ? 241 PHE A CD1 1 
ATOM   1150 C  CD2 . PHE A 1 140 ? -1.361  0.882   -1.733  1.00 37.22  ? 241 PHE A CD2 1 
ATOM   1151 C  CE1 . PHE A 1 140 ? -0.011  3.026   -2.859  1.00 34.19  ? 241 PHE A CE1 1 
ATOM   1152 C  CE2 . PHE A 1 140 ? -1.339  1.041   -3.107  1.00 38.85  ? 241 PHE A CE2 1 
ATOM   1153 C  CZ  . PHE A 1 140 ? -0.642  2.107   -3.666  1.00 36.52  ? 241 PHE A CZ  1 
ATOM   1154 N  N   . LEU A 1 141 ? -1.596  1.551   3.502   1.00 35.39  ? 242 LEU A N   1 
ATOM   1155 C  CA  . LEU A 1 141 ? -1.239  1.250   4.864   1.00 35.69  ? 242 LEU A CA  1 
ATOM   1156 C  C   . LEU A 1 141 ? -0.631  -0.160  4.747   1.00 36.56  ? 242 LEU A C   1 
ATOM   1157 O  O   . LEU A 1 141 ? -1.280  -1.084  4.301   1.00 35.58  ? 242 LEU A O   1 
ATOM   1158 C  CB  . LEU A 1 141 ? -2.462  1.198   5.766   1.00 40.87  ? 242 LEU A CB  1 
ATOM   1159 C  CG  . LEU A 1 141 ? -2.942  2.386   6.567   1.00 45.30  ? 242 LEU A CG  1 
ATOM   1160 C  CD1 . LEU A 1 141 ? -3.977  1.885   7.574   1.00 37.52  ? 242 LEU A CD1 1 
ATOM   1161 C  CD2 . LEU A 1 141 ? -1.787  3.021   7.332   1.00 53.01  ? 242 LEU A CD2 1 
ATOM   1162 N  N   . ILE A 1 142 ? 0.630   -0.299  5.117   1.00 33.66  ? 243 ILE A N   1 
ATOM   1163 C  CA  . ILE A 1 142 ? 1.303   -1.565  5.033   1.00 28.22  ? 243 ILE A CA  1 
ATOM   1164 C  C   . ILE A 1 142 ? 1.447   -2.106  6.438   1.00 36.71  ? 243 ILE A C   1 
ATOM   1165 O  O   . ILE A 1 142 ? 2.030   -1.447  7.295   1.00 35.99  ? 243 ILE A O   1 
ATOM   1166 C  CB  . ILE A 1 142 ? 2.650   -1.354  4.337   1.00 21.16  ? 243 ILE A CB  1 
ATOM   1167 C  CG1 . ILE A 1 142 ? 2.426   -0.890  2.908   1.00 25.76  ? 243 ILE A CG1 1 
ATOM   1168 C  CG2 . ILE A 1 142 ? 3.481   -2.572  4.344   1.00 20.14  ? 243 ILE A CG2 1 
ATOM   1169 C  CD1 . ILE A 1 142 ? 3.637   -0.885  2.037   1.00 17.68  ? 243 ILE A CD1 1 
ATOM   1170 N  N   . THR A 1 143 ? 0.849   -3.265  6.699   1.00 34.61  ? 244 THR A N   1 
ATOM   1171 C  CA  . THR A 1 143 ? 0.930   -3.920  8.020   1.00 31.17  ? 244 THR A CA  1 
ATOM   1172 C  C   . THR A 1 143 ? 2.085   -4.951  8.062   1.00 35.79  ? 244 THR A C   1 
ATOM   1173 O  O   . THR A 1 143 ? 1.972   -6.025  7.465   1.00 41.43  ? 244 THR A O   1 
ATOM   1174 C  CB  . THR A 1 143 ? -0.334  -4.698  8.332   1.00 31.17  ? 244 THR A CB  1 
ATOM   1175 O  OG1 . THR A 1 143 ? -1.465  -3.822  8.290   1.00 33.30  ? 244 THR A OG1 1 
ATOM   1176 C  CG2 . THR A 1 143 ? -0.235  -5.360  9.701   1.00 31.71  ? 244 THR A CG2 1 
ATOM   1177 N  N   . PHE A 1 144 ? 3.150   -4.652  8.809   1.00 30.58  ? 245 PHE A N   1 
ATOM   1178 C  CA  . PHE A 1 144 ? 4.292   -5.540  8.901   1.00 31.01  ? 245 PHE A CA  1 
ATOM   1179 C  C   . PHE A 1 144 ? 4.030   -6.625  9.913   1.00 34.17  ? 245 PHE A C   1 
ATOM   1180 O  O   . PHE A 1 144 ? 3.708   -6.340  11.051  1.00 29.74  ? 245 PHE A O   1 
ATOM   1181 C  CB  . PHE A 1 144 ? 5.540   -4.775  9.285   1.00 28.60  ? 245 PHE A CB  1 
ATOM   1182 C  CG  . PHE A 1 144 ? 5.925   -3.768  8.262   1.00 26.40  ? 245 PHE A CG  1 
ATOM   1183 C  CD1 . PHE A 1 144 ? 5.348   -2.516  8.257   1.00 29.64  ? 245 PHE A CD1 1 
ATOM   1184 C  CD2 . PHE A 1 144 ? 6.865   -4.074  7.300   1.00 22.76  ? 245 PHE A CD2 1 
ATOM   1185 C  CE1 . PHE A 1 144 ? 5.653   -1.601  7.264   1.00 34.43  ? 245 PHE A CE1 1 
ATOM   1186 C  CE2 . PHE A 1 144 ? 7.179   -3.162  6.296   1.00 28.22  ? 245 PHE A CE2 1 
ATOM   1187 C  CZ  . PHE A 1 144 ? 6.588   -1.913  6.291   1.00 30.73  ? 245 PHE A CZ  1 
ATOM   1188 N  N   . GLY A 1 145 ? 4.107   -7.874  9.463   1.00 34.15  ? 246 GLY A N   1 
ATOM   1189 C  CA  . GLY A 1 145 ? 3.867   -8.983  10.370  1.00 35.92  ? 246 GLY A CA  1 
ATOM   1190 C  C   . GLY A 1 145 ? 5.096   -9.169  11.259  1.00 37.33  ? 246 GLY A C   1 
ATOM   1191 O  O   . GLY A 1 145 ? 6.175   -8.664  10.981  1.00 34.70  ? 246 GLY A O   1 
ATOM   1192 N  N   . GLU A 1 146 ? 4.910   -9.961  12.318  1.00 36.84  ? 247 GLU A N   1 
ATOM   1193 C  CA  . GLU A 1 146 ? 5.962   -10.227 13.267  1.00 34.71  ? 247 GLU A CA  1 
ATOM   1194 C  C   . GLU A 1 146 ? 7.239   -10.658 12.596  1.00 36.48  ? 247 GLU A C   1 
ATOM   1195 O  O   . GLU A 1 146 ? 7.226   -11.513 11.715  1.00 37.42  ? 247 GLU A O   1 
ATOM   1196 C  CB  . GLU A 1 146 ? 5.521   -11.321 14.250  1.00 40.08  ? 247 GLU A CB  1 
ATOM   1197 C  CG  . GLU A 1 146 ? 4.113   -11.162 14.864  1.00 38.03  ? 247 GLU A CG  1 
ATOM   1198 C  CD  . GLU A 1 146 ? 3.957   -9.936  15.725  1.00 43.30  ? 247 GLU A CD  1 
ATOM   1199 O  OE1 . GLU A 1 146 ? 2.930   -9.794  16.425  1.00 48.36  ? 247 GLU A OE1 1 
ATOM   1200 O  OE2 . GLU A 1 146 ? 4.872   -9.108  15.699  1.00 43.80  ? 247 GLU A OE2 1 
ATOM   1201 N  N   . GLY A 1 147 ? 8.332   -10.000 12.965  1.00 40.56  ? 248 GLY A N   1 
ATOM   1202 C  CA  . GLY A 1 147 ? 9.618   -10.363 12.423  1.00 41.91  ? 248 GLY A CA  1 
ATOM   1203 C  C   . GLY A 1 147 ? 10.132  -9.528  11.267  1.00 46.81  ? 248 GLY A C   1 
ATOM   1204 O  O   . GLY A 1 147 ? 11.260  -9.710  10.864  1.00 50.56  ? 248 GLY A O   1 
ATOM   1205 N  N   . VAL A 1 148 ? 9.309   -8.607  10.755  1.00 44.74  ? 249 VAL A N   1 
ATOM   1206 C  CA  . VAL A 1 148 ? 9.718   -7.779  9.638   1.00 43.19  ? 249 VAL A CA  1 
ATOM   1207 C  C   . VAL A 1 148 ? 9.497   -6.306  9.917   1.00 47.52  ? 249 VAL A C   1 
ATOM   1208 O  O   . VAL A 1 148 ? 8.730   -5.960  10.797  1.00 47.59  ? 249 VAL A O   1 
ATOM   1209 C  CB  . VAL A 1 148 ? 8.985   -8.153  8.341   1.00 45.53  ? 249 VAL A CB  1 
ATOM   1210 C  CG1 . VAL A 1 148 ? 9.468   -9.490  7.831   1.00 45.20  ? 249 VAL A CG1 1 
ATOM   1211 C  CG2 . VAL A 1 148 ? 7.477   -8.201  8.581   1.00 47.36  ? 249 VAL A CG2 1 
ATOM   1212 N  N   . GLU A 1 149 ? 10.210  -5.467  9.165   1.00 41.96  ? 250 GLU A N   1 
ATOM   1213 C  CA  . GLU A 1 149 ? 10.141  -4.011  9.268   1.00 45.58  ? 250 GLU A CA  1 
ATOM   1214 C  C   . GLU A 1 149 ? 10.322  -3.342  7.923   1.00 44.46  ? 250 GLU A C   1 
ATOM   1215 O  O   . GLU A 1 149 ? 10.770  -3.971  6.982   1.00 45.89  ? 250 GLU A O   1 
ATOM   1216 C  CB  . GLU A 1 149 ? 11.233  -3.518  10.193  1.00 50.01  ? 250 GLU A CB  1 
ATOM   1217 C  CG  . GLU A 1 149 ? 10.888  -3.613  11.649  1.00 57.94  ? 250 GLU A CG  1 
ATOM   1218 C  CD  . GLU A 1 149 ? 11.795  -2.707  12.453  1.00 64.07  ? 250 GLU A CD  1 
ATOM   1219 O  OE1 . GLU A 1 149 ? 11.697  -1.487  12.280  1.00 64.90  ? 250 GLU A OE1 1 
ATOM   1220 O  OE2 . GLU A 1 149 ? 12.636  -3.225  13.242  1.00 73.40  ? 250 GLU A OE2 1 
ATOM   1221 N  N   . PRO A 1 150 ? 10.069  -2.024  7.854   1.00 46.02  ? 251 PRO A N   1 
ATOM   1222 C  CA  . PRO A 1 150 ? 10.192  -1.229  6.624   1.00 43.55  ? 251 PRO A CA  1 
ATOM   1223 C  C   . PRO A 1 150 ? 11.539  -1.364  5.944   1.00 45.29  ? 251 PRO A C   1 
ATOM   1224 O  O   . PRO A 1 150 ? 11.661  -1.181  4.756   1.00 46.55  ? 251 PRO A O   1 
ATOM   1225 C  CB  . PRO A 1 150 ? 9.949   0.190   7.111   1.00 42.72  ? 251 PRO A CB  1 
ATOM   1226 C  CG  . PRO A 1 150 ? 8.964   -0.012  8.206   1.00 42.79  ? 251 PRO A CG  1 
ATOM   1227 C  CD  . PRO A 1 150 ? 9.530   -1.196  8.950   1.00 44.31  ? 251 PRO A CD  1 
ATOM   1228 N  N   . ALA A 1 151 ? 12.554  -1.731  6.703   1.00 44.07  ? 252 ALA A N   1 
ATOM   1229 C  CA  . ALA A 1 151 ? 13.893  -1.897  6.131   1.00 47.90  ? 252 ALA A CA  1 
ATOM   1230 C  C   . ALA A 1 151 ? 13.967  -3.148  5.288   1.00 48.51  ? 252 ALA A C   1 
ATOM   1231 O  O   . ALA A 1 151 ? 14.758  -3.263  4.348   1.00 47.25  ? 252 ALA A O   1 
ATOM   1232 C  CB  . ALA A 1 151 ? 14.929  -1.961  7.254   1.00 49.39  ? 252 ALA A CB  1 
ATOM   1233 N  N   . ASN A 1 152 ? 13.105  -4.085  5.619   1.00 48.86  ? 253 ASN A N   1 
ATOM   1234 C  CA  . ASN A 1 152 ? 13.081  -5.366  4.935   1.00 48.65  ? 253 ASN A CA  1 
ATOM   1235 C  C   . ASN A 1 152 ? 12.238  -5.378  3.666   1.00 51.34  ? 253 ASN A C   1 
ATOM   1236 O  O   . ASN A 1 152 ? 12.196  -6.393  2.950   1.00 50.82  ? 253 ASN A O   1 
ATOM   1237 C  CB  . ASN A 1 152 ? 12.481  -6.406  5.891   1.00 48.87  ? 253 ASN A CB  1 
ATOM   1238 C  CG  . ASN A 1 152 ? 13.221  -6.419  7.210   1.00 51.70  ? 253 ASN A CG  1 
ATOM   1239 O  OD1 . ASN A 1 152 ? 14.463  -6.478  7.247   1.00 57.69  ? 253 ASN A OD1 1 
ATOM   1240 N  ND2 . ASN A 1 152 ? 12.502  -6.463  8.251   1.00 49.27  ? 253 ASN A ND2 1 
ATOM   1241 N  N   . LEU A 1 153 ? 11.653  -4.243  3.309   1.00 46.86  ? 254 LEU A N   1 
ATOM   1242 C  CA  . LEU A 1 153 ? 10.759  -4.213  2.175   1.00 44.60  ? 254 LEU A CA  1 
ATOM   1243 C  C   . LEU A 1 153 ? 11.071  -3.313  1.006   1.00 50.91  ? 254 LEU A C   1 
ATOM   1244 O  O   . LEU A 1 153 ? 11.544  -2.188  1.181   1.00 50.70  ? 254 LEU A O   1 
ATOM   1245 C  CB  . LEU A 1 153 ? 9.342   -3.918  2.660   1.00 46.99  ? 254 LEU A CB  1 
ATOM   1246 C  CG  . LEU A 1 153 ? 8.220   -3.824  1.630   1.00 45.53  ? 254 LEU A CG  1 
ATOM   1247 C  CD1 . LEU A 1 153 ? 7.893   -5.201  1.086   1.00 45.79  ? 254 LEU A CD1 1 
ATOM   1248 C  CD2 . LEU A 1 153 ? 6.999   -3.216  2.283   1.00 49.59  ? 254 LEU A CD2 1 
ATOM   1249 N  N   . LYS A 1 154 ? 10.774  -3.828  -0.182  1.00 50.27  ? 255 LYS A N   1 
ATOM   1250 C  CA  . LYS A 1 154 ? 10.931  -3.100  -1.437  1.00 50.26  ? 255 LYS A CA  1 
ATOM   1251 C  C   . LYS A 1 154 ? 9.675   -3.390  -2.237  1.00 48.17  ? 255 LYS A C   1 
ATOM   1252 O  O   . LYS A 1 154 ? 9.532   -4.445  -2.815  1.00 45.97  ? 255 LYS A O   1 
ATOM   1253 C  CB  . LYS A 1 154 ? 12.139  -3.582  -2.232  1.00 56.83  ? 255 LYS A CB  1 
ATOM   1254 C  CG  . LYS A 1 154 ? 13.480  -3.166  -1.694  1.00 64.10  ? 255 LYS A CG  1 
ATOM   1255 C  CD  . LYS A 1 154 ? 14.620  -3.699  -2.565  1.00 70.19  ? 255 LYS A CD  1 
ATOM   1256 C  CE  . LYS A 1 154 ? 15.937  -3.295  -1.900  1.00 71.45  ? 255 LYS A CE  1 
ATOM   1257 N  NZ  . LYS A 1 154 ? 17.248  -3.545  -2.561  1.00 69.32  ? 255 LYS A NZ  1 
ATOM   1258 N  N   . ALA A 1 155 ? 8.768   -2.427  -2.223  1.00 41.83  ? 256 ALA A N   1 
ATOM   1259 C  CA  . ALA A 1 155 ? 7.505   -2.520  -2.924  1.00 42.18  ? 256 ALA A CA  1 
ATOM   1260 C  C   . ALA A 1 155 ? 7.378   -1.543  -4.082  1.00 40.00  ? 256 ALA A C   1 
ATOM   1261 O  O   . ALA A 1 155 ? 7.776   -0.362  -3.964  1.00 37.59  ? 256 ALA A O   1 
ATOM   1262 C  CB  . ALA A 1 155 ? 6.371   -2.315  -1.952  1.00 38.11  ? 256 ALA A CB  1 
ATOM   1263 N  N   . SER A 1 156 ? 6.851   -2.025  -5.200  1.00 39.82  ? 257 SER A N   1 
ATOM   1264 C  CA  . SER A 1 156 ? 6.611   -1.173  -6.376  1.00 36.38  ? 257 SER A CA  1 
ATOM   1265 C  C   . SER A 1 156 ? 5.547   -1.844  -7.226  1.00 34.12  ? 257 SER A C   1 
ATOM   1266 O  O   . SER A 1 156 ? 5.144   -2.981  -6.980  1.00 31.41  ? 257 SER A O   1 
ATOM   1267 C  CB  . SER A 1 156 ? 7.888   -0.963  -7.174  1.00 35.29  ? 257 SER A CB  1 
ATOM   1268 O  OG  . SER A 1 156 ? 8.422   -2.196  -7.598  1.00 36.48  ? 257 SER A OG  1 
ATOM   1269 N  N   . VAL A 1 157 ? 5.079   -1.108  -8.221  1.00 31.06  ? 258 VAL A N   1 
ATOM   1270 C  CA  . VAL A 1 157 ? 4.055   -1.591  -9.143  1.00 29.15  ? 258 VAL A CA  1 
ATOM   1271 C  C   . VAL A 1 157 ? 4.511   -1.388  -10.587 1.00 31.87  ? 258 VAL A C   1 
ATOM   1272 O  O   . VAL A 1 157 ? 5.028   -0.327  -10.946 1.00 24.12  ? 258 VAL A O   1 
ATOM   1273 C  CB  . VAL A 1 157 ? 2.729   -0.855  -8.922  1.00 32.22  ? 258 VAL A CB  1 
ATOM   1274 C  CG1 . VAL A 1 157 ? 1.692   -1.287  -9.935  1.00 31.17  ? 258 VAL A CG1 1 
ATOM   1275 C  CG2 . VAL A 1 157 ? 2.219   -1.113  -7.526  1.00 31.27  ? 258 VAL A CG2 1 
ATOM   1276 N  N   . VAL A 1 158 ? 4.342   -2.412  -11.412 1.00 32.26  ? 259 VAL A N   1 
ATOM   1277 C  CA  . VAL A 1 158 ? 4.740   -2.302  -12.807 1.00 35.20  ? 259 VAL A CA  1 
ATOM   1278 C  C   . VAL A 1 158 ? 3.501   -2.216  -13.680 1.00 42.37  ? 259 VAL A C   1 
ATOM   1279 O  O   . VAL A 1 158 ? 2.638   -3.091  -13.626 1.00 41.95  ? 259 VAL A O   1 
ATOM   1280 C  CB  . VAL A 1 158 ? 5.579   -3.482  -13.240 1.00 33.04  ? 259 VAL A CB  1 
ATOM   1281 C  CG1 . VAL A 1 158 ? 6.067   -3.296  -14.676 1.00 25.38  ? 259 VAL A CG1 1 
ATOM   1282 C  CG2 . VAL A 1 158 ? 6.738   -3.660  -12.291 1.00 25.98  ? 259 VAL A CG2 1 
ATOM   1283 N  N   . PHE A 1 159 ? 3.456   -1.185  -14.519 1.00 45.95  ? 260 PHE A N   1 
ATOM   1284 C  CA  . PHE A 1 159 ? 2.345   -0.949  -15.427 1.00 46.65  ? 260 PHE A CA  1 
ATOM   1285 C  C   . PHE A 1 159 ? 2.828   -0.987  -16.852 1.00 49.44  ? 260 PHE A C   1 
ATOM   1286 O  O   . PHE A 1 159 ? 4.038   -0.810  -17.112 1.00 50.64  ? 260 PHE A O   1 
ATOM   1287 C  CB  . PHE A 1 159 ? 1.740   0.456   -15.206 1.00 51.69  ? 260 PHE A CB  1 
ATOM   1288 C  CG  . PHE A 1 159 ? 0.900   0.588   -13.982 1.00 45.08  ? 260 PHE A CG  1 
ATOM   1289 C  CD1 . PHE A 1 159 ? 1.339   1.331   -12.902 1.00 43.24  ? 260 PHE A CD1 1 
ATOM   1290 C  CD2 . PHE A 1 159 ? -0.335  -0.018  -13.918 1.00 50.08  ? 260 PHE A CD2 1 
ATOM   1291 C  CE1 . PHE A 1 159 ? 0.551   1.454   -11.753 1.00 45.71  ? 260 PHE A CE1 1 
ATOM   1292 C  CE2 . PHE A 1 159 ? -1.139  0.095   -12.779 1.00 50.72  ? 260 PHE A CE2 1 
ATOM   1293 C  CZ  . PHE A 1 159 ? -0.692  0.839   -11.694 1.00 48.96  ? 260 PHE A CZ  1 
ATOM   1294 N  N   . ASN A 1 160 ? 1.947   -1.335  -17.762 1.00 49.43  ? 261 ASN A N   1 
ATOM   1295 C  CA  . ASN A 1 160 ? 2.275   -1.308  -19.173 1.00 53.12  ? 261 ASN A CA  1 
ATOM   1296 C  C   . ASN A 1 160 ? 1.780   -0.029  -19.855 1.00 53.16  ? 261 ASN A C   1 
ATOM   1297 O  O   . ASN A 1 160 ? 0.595   0.313   -19.785 1.00 55.20  ? 261 ASN A O   1 
ATOM   1298 C  CB  . ASN A 1 160 ? 1.661   -2.534  -19.855 1.00 50.35  ? 261 ASN A CB  1 
ATOM   1299 C  CG  . ASN A 1 160 ? 2.205   -3.835  -19.340 1.00 47.32  ? 261 ASN A CG  1 
ATOM   1300 O  OD1 . ASN A 1 160 ? 3.409   -4.053  -19.331 1.00 43.88  ? 261 ASN A OD1 1 
ATOM   1301 N  ND2 . ASN A 1 160 ? 1.298   -4.749  -18.935 1.00 44.55  ? 261 ASN A ND2 1 
ATOM   1302 N  N   . GLN A 1 161 ? 2.691   0.637   -20.545 1.00 56.58  ? 262 GLN A N   1 
ATOM   1303 C  CA  . GLN A 1 161 ? 2.322   1.855   -21.250 1.00 63.69  ? 262 GLN A CA  1 
ATOM   1304 C  C   . GLN A 1 161 ? 1.528   1.517   -22.486 1.00 62.22  ? 262 GLN A C   1 
ATOM   1305 O  O   . GLN A 1 161 ? 1.878   0.549   -23.189 1.00 66.22  ? 262 GLN A O   1 
ATOM   1306 C  CB  . GLN A 1 161 ? 3.554   2.651   -21.642 1.00 62.72  ? 262 GLN A CB  1 
ATOM   1307 C  CG  . GLN A 1 161 ? 4.204   3.187   -20.420 1.00 68.20  ? 262 GLN A CG  1 
ATOM   1308 C  CD  . GLN A 1 161 ? 5.510   3.819   -20.684 1.00 69.70  ? 262 GLN A CD  1 
ATOM   1309 O  OE1 . GLN A 1 161 ? 6.500   3.164   -21.079 1.00 74.05  ? 262 GLN A OE1 1 
ATOM   1310 N  NE2 . GLN A 1 161 ? 5.599   5.138   -20.466 1.00 71.18  ? 262 GLN A NE2 1 
ATOM   1311 N  N   . LEU A 1 162 ? 0.356   2.125   -22.636 1.00 58.80  ? 263 LEU A N   1 
ATOM   1312 C  CA  . LEU A 1 162 ? -0.496  1.931   -23.825 1.00 58.09  ? 263 LEU A CA  1 
ATOM   1313 C  C   . LEU A 1 162 ? -0.395  3.004   -24.918 1.00 59.57  ? 263 LEU A C   1 
ATOM   1314 O  O   . LEU A 1 162 ? -0.126  4.193   -24.622 1.00 55.52  ? 263 LEU A O   1 
ATOM   1315 C  CB  . LEU A 1 162 ? -1.943  1.803   -23.385 1.00 55.21  ? 263 LEU A CB  1 
ATOM   1316 C  CG  . LEU A 1 162 ? -2.111  0.764   -22.273 1.00 55.98  ? 263 LEU A CG  1 
ATOM   1317 C  CD1 . LEU A 1 162 ? -3.472  0.929   -21.618 1.00 61.17  ? 263 LEU A CD1 1 
ATOM   1318 C  CD2 . LEU A 1 162 ? -1.912  -0.630  -22.820 1.00 52.28  ? 263 LEU A CD2 1 
ATOM   1319 O  OXT . LEU A 1 162 ? -0.622  2.632   -26.075 1.00 62.00  ? 263 LEU A OXT 1 
HETATM 1320 ZN ZN  . ZN  B 2 .   ? -13.373 -9.443  -3.663  1.00 108.84 ? 301 ZN  A ZN  1 
HETATM 1321 ZN ZN  . ZN  C 2 .   ? -9.834  -12.850 -0.876  1.00 64.02  ? 302 ZN  A ZN  1 
HETATM 1322 ZN ZN  . ZN  D 2 .   ? -19.810 7.056   18.455  0.40 142.32 ? 303 ZN  A ZN  1 
HETATM 1323 ZN ZN  . ZN  E 2 .   ? 2.675   -9.273  -18.717 1.00 64.07  ? 304 ZN  A ZN  1 
HETATM 1324 ZN ZN  . ZN  F 2 .   ? 4.599   -9.028  -16.545 1.00 49.73  ? 305 ZN  A ZN  1 
HETATM 1325 ZN ZN  . ZN  G 2 .   ? 4.137   12.958  2.860   1.00 50.66  ? 306 ZN  A ZN  1 
HETATM 1326 O  O   . HOH H 3 .   ? 0.342   -3.896  15.654  1.00 56.19  ? 501 HOH A O   1 
HETATM 1327 O  O   . HOH H 3 .   ? -0.658  -17.895 -26.610 1.00 67.03  ? 502 HOH A O   1 
HETATM 1328 O  O   . HOH H 3 .   ? 6.771   -8.750  -26.376 1.00 44.12  ? 503 HOH A O   1 
HETATM 1329 O  O   . HOH H 3 .   ? -6.962  -14.255 -2.830  1.00 50.21  ? 504 HOH A O   1 
HETATM 1330 O  O   . HOH H 3 .   ? -5.076  4.355   -15.906 1.00 71.13  ? 505 HOH A O   1 
HETATM 1331 O  O   . HOH H 3 .   ? 2.418   -9.430  -9.173  1.00 42.72  ? 506 HOH A O   1 
HETATM 1332 O  O   . HOH H 3 .   ? -4.756  7.699   -1.413  1.00 22.81  ? 507 HOH A O   1 
HETATM 1333 O  O   . HOH H 3 .   ? -11.418 10.755  6.100   1.00 45.28  ? 508 HOH A O   1 
HETATM 1334 O  O   . HOH H 3 .   ? 0.845   -8.445  7.749   1.00 27.39  ? 509 HOH A O   1 
HETATM 1335 O  O   . HOH H 3 .   ? 6.374   6.438   -6.562  1.00 38.75  ? 510 HOH A O   1 
HETATM 1336 O  O   . HOH H 3 .   ? -12.299 13.557  10.431  1.00 44.32  ? 511 HOH A O   1 
HETATM 1337 O  O   . HOH H 3 .   ? 4.798   14.189  -5.194  1.00 68.95  ? 512 HOH A O   1 
HETATM 1338 O  O   . HOH H 3 .   ? -12.870 0.269   -15.927 1.00 72.50  ? 513 HOH A O   1 
HETATM 1339 O  O   . HOH H 3 .   ? -4.887  -16.112 -4.914  1.00 39.23  ? 514 HOH A O   1 
HETATM 1340 O  O   . HOH H 3 .   ? 4.796   -8.528  -19.230 1.00 43.35  ? 515 HOH A O   1 
HETATM 1341 O  O   . HOH H 3 .   ? -1.344  -12.226 -8.293  1.00 32.38  ? 516 HOH A O   1 
HETATM 1342 O  O   . HOH H 3 .   ? -9.159  -3.304  -3.632  1.00 60.75  ? 517 HOH A O   1 
HETATM 1343 O  O   . HOH H 3 .   ? 2.512   -16.233 -6.531  1.00 23.91  ? 518 HOH A O   1 
HETATM 1344 O  O   . HOH H 3 .   ? 8.169   -5.197  -20.945 1.00 43.84  ? 519 HOH A O   1 
HETATM 1345 O  O   . HOH H 3 .   ? 3.806   -9.856  -6.688  1.00 61.83  ? 520 HOH A O   1 
HETATM 1346 O  O   . HOH H 3 .   ? -6.550  -3.115  -0.432  1.00 30.82  ? 521 HOH A O   1 
HETATM 1347 O  O   . HOH H 3 .   ? 3.315   5.827   -14.415 1.00 69.51  ? 522 HOH A O   1 
HETATM 1348 O  O   . HOH H 3 .   ? 10.392  -13.414 -4.911  1.00 57.71  ? 523 HOH A O   1 
HETATM 1349 O  O   . HOH H 3 .   ? 8.136   13.731  8.601   1.00 36.30  ? 524 HOH A O   1 
HETATM 1350 O  O   . HOH H 3 .   ? 13.116  -8.118  9.897   1.00 59.17  ? 525 HOH A O   1 
HETATM 1351 O  O   . HOH H 3 .   ? 11.937  1.400   -7.731  1.00 44.49  ? 526 HOH A O   1 
HETATM 1352 O  O   . HOH H 3 .   ? -6.295  15.859  10.491  1.00 39.96  ? 527 HOH A O   1 
HETATM 1353 O  O   . HOH H 3 .   ? 5.641   13.625  1.443   1.00 45.65  ? 528 HOH A O   1 
HETATM 1354 O  O   . HOH H 3 .   ? 7.134   10.727  3.178   1.00 96.67  ? 529 HOH A O   1 
HETATM 1355 O  O   . HOH H 3 .   ? -1.625  13.788  15.126  1.00 52.97  ? 530 HOH A O   1 
HETATM 1356 O  O   . HOH H 3 .   ? 1.177   6.051   17.856  1.00 78.84  ? 531 HOH A O   1 
HETATM 1357 O  O   . HOH H 3 .   ? -4.250  -7.098  -17.644 1.00 58.76  ? 532 HOH A O   1 
HETATM 1358 O  O   . HOH H 3 .   ? -3.416  -19.680 -5.068  1.00 98.21  ? 533 HOH A O   1 
HETATM 1359 O  O   . HOH H 3 .   ? -11.225 0.928   -8.124  1.00 45.70  ? 534 HOH A O   1 
HETATM 1360 O  O   . HOH H 3 .   ? -4.777  -2.312  -15.237 1.00 62.58  ? 535 HOH A O   1 
HETATM 1361 O  O   . HOH H 3 .   ? 6.818   -7.261  -20.115 1.00 42.07  ? 536 HOH A O   1 
HETATM 1362 O  O   . HOH H 3 .   ? -13.623 -1.700  -1.798  1.00 47.69  ? 537 HOH A O   1 
HETATM 1363 O  O   . HOH H 3 .   ? -10.462 -9.892  1.586   1.00 76.31  ? 538 HOH A O   1 
HETATM 1364 O  O   . HOH H 3 .   ? -1.025  10.920  -17.706 1.00 70.38  ? 539 HOH A O   1 
HETATM 1365 O  O   . HOH H 3 .   ? 8.735   2.068   -21.025 1.00 92.44  ? 540 HOH A O   1 
HETATM 1366 O  O   . HOH H 3 .   ? 7.019   -9.862  -5.693  1.00 46.00  ? 541 HOH A O   1 
HETATM 1367 O  O   . HOH H 3 .   ? -3.202  14.860  -11.333 1.00 75.63  ? 542 HOH A O   1 
HETATM 1368 O  O   . HOH H 3 .   ? 10.213  -22.926 0.663   1.00 87.32  ? 543 HOH A O   1 
HETATM 1369 O  O   . HOH H 3 .   ? -2.700  -3.167  5.767   1.00 39.28  ? 544 HOH A O   1 
HETATM 1370 O  O   . HOH H 3 .   ? -16.439 5.505   18.306  1.00 94.46  ? 545 HOH A O   1 
HETATM 1371 O  O   . HOH H 3 .   ? 13.542  -2.268  -10.087 1.00 53.56  ? 546 HOH A O   1 
HETATM 1372 O  O   . HOH H 3 .   ? 4.960   13.196  -9.500  1.00 27.38  ? 547 HOH A O   1 
HETATM 1373 O  O   . HOH H 3 .   ? -7.018  -0.180  13.585  1.00 53.64  ? 548 HOH A O   1 
HETATM 1374 O  O   . HOH H 3 .   ? 6.187   14.022  -7.087  1.00 95.19  ? 549 HOH A O   1 
HETATM 1375 O  O   . HOH H 3 .   ? 5.909   8.712   -2.189  1.00 77.12  ? 550 HOH A O   1 
HETATM 1376 O  O   . HOH H 3 .   ? -2.112  -5.208  17.358  1.00 47.85  ? 551 HOH A O   1 
HETATM 1377 O  O   . HOH H 3 .   ? 3.043   15.541  0.472   1.00 51.99  ? 552 HOH A O   1 
HETATM 1378 O  O   . HOH H 3 .   ? 10.835  4.174   0.820   1.00 42.83  ? 553 HOH A O   1 
HETATM 1379 O  O   . HOH H 3 .   ? -3.595  17.363  10.323  1.00 52.60  ? 554 HOH A O   1 
HETATM 1380 O  O   . HOH H 3 .   ? 2.706   14.836  10.555  1.00 51.05  ? 555 HOH A O   1 
HETATM 1381 O  O   . HOH H 3 .   ? -2.518  -18.444 -25.089 1.00 84.52  ? 556 HOH A O   1 
HETATM 1382 O  O   . HOH H 3 .   ? 0.378   -9.253  -12.391 1.00 36.46  ? 557 HOH A O   1 
HETATM 1383 O  O   . HOH H 3 .   ? -7.904  -8.983  1.364   1.00 68.80  ? 558 HOH A O   1 
HETATM 1384 O  O   . HOH H 3 .   ? 9.401   -6.507  -18.646 1.00 45.96  ? 559 HOH A O   1 
HETATM 1385 O  O   . HOH H 3 .   ? -9.358  -4.185  3.089   1.00 44.11  ? 560 HOH A O   1 
HETATM 1386 O  O   . HOH H 3 .   ? 7.986   -19.926 -4.015  1.00 48.85  ? 561 HOH A O   1 
HETATM 1387 O  O   . HOH H 3 .   ? 17.225  -13.811 8.372   1.00 68.63  ? 562 HOH A O   1 
HETATM 1388 O  O   . HOH H 3 .   ? 13.115  -4.447  -8.735  1.00 52.25  ? 563 HOH A O   1 
HETATM 1389 O  O   . HOH H 3 .   ? -9.186  2.061   14.320  1.00 39.38  ? 564 HOH A O   1 
HETATM 1390 O  O   . HOH H 3 .   ? 12.768  -0.484  9.960   1.00 44.46  ? 565 HOH A O   1 
HETATM 1391 O  O   . HOH H 3 .   ? 4.803   -11.238 9.234   1.00 64.50  ? 566 HOH A O   1 
HETATM 1392 O  O   . HOH H 3 .   ? 11.065  0.397   -4.944  1.00 31.70  ? 567 HOH A O   1 
HETATM 1393 O  O   . HOH H 3 .   ? -4.922  -5.892  17.720  1.00 70.19  ? 568 HOH A O   1 
HETATM 1394 O  O   . HOH H 3 .   ? 1.175   14.335  -1.562  1.00 39.74  ? 569 HOH A O   1 
HETATM 1395 O  O   . HOH H 3 .   ? 9.213   0.296   -0.987  1.00 34.61  ? 570 HOH A O   1 
HETATM 1396 O  O   . HOH H 3 .   ? -11.214 5.231   20.897  1.00 85.78  ? 571 HOH A O   1 
HETATM 1397 O  O   . HOH H 3 .   ? 15.623  -4.781  1.409   1.00 59.01  ? 572 HOH A O   1 
HETATM 1398 O  O   . HOH H 3 .   ? -3.483  15.350  12.775  1.00 66.47  ? 573 HOH A O   1 
HETATM 1399 O  O   . HOH H 3 .   ? 1.240   13.645  28.455  1.00 70.62  ? 574 HOH A O   1 
HETATM 1400 O  O   . HOH H 3 .   ? -11.333 1.909   -17.513 1.00 67.53  ? 575 HOH A O   1 
HETATM 1401 O  O   . HOH H 3 .   ? -5.048  -8.991  -15.948 1.00 51.24  ? 576 HOH A O   1 
HETATM 1402 O  O   . HOH H 3 .   ? -3.102  15.040  17.559  1.00 102.86 ? 577 HOH A O   1 
HETATM 1403 O  O   . HOH H 3 .   ? 7.567   13.157  12.361  1.00 62.43  ? 578 HOH A O   1 
HETATM 1404 O  O   . HOH H 3 .   ? -8.043  -12.008 -9.289  1.00 67.75  ? 579 HOH A O   1 
HETATM 1405 O  O   . HOH H 3 .   ? 0.178   4.688   -27.709 1.00 75.66  ? 580 HOH A O   1 
HETATM 1406 O  O   . HOH H 3 .   ? 1.303   5.410   -22.392 1.00 59.35  ? 581 HOH A O   1 
HETATM 1407 O  O   . HOH H 3 .   ? 3.062   -11.505 -11.585 1.00 46.45  ? 582 HOH A O   1 
HETATM 1408 O  O   . HOH H 3 .   ? -1.456  10.183  -20.557 1.00 72.70  ? 583 HOH A O   1 
HETATM 1409 O  O   . HOH H 3 .   ? -10.835 5.993   -4.753  1.00 51.86  ? 584 HOH A O   1 
HETATM 1410 O  O   . HOH H 3 .   ? 8.427   -17.687 -6.483  1.00 56.92  ? 585 HOH A O   1 
HETATM 1411 O  O   . HOH H 3 .   ? -6.373  -4.089  5.721   1.00 74.27  ? 586 HOH A O   1 
HETATM 1412 O  O   . HOH H 3 .   ? -6.671  14.986  -4.223  1.00 43.85  ? 587 HOH A O   1 
HETATM 1413 O  O   . HOH H 3 .   ? -11.984 17.191  2.715   1.00 62.21  ? 588 HOH A O   1 
HETATM 1414 O  O   . HOH H 3 .   ? 8.111   13.584  -10.550 1.00 68.29  ? 589 HOH A O   1 
HETATM 1415 O  O   . HOH H 3 .   ? 13.706  -6.483  0.273   1.00 44.75  ? 590 HOH A O   1 
HETATM 1416 O  O   . HOH H 3 .   ? 7.251   3.573   11.143  1.00 60.12  ? 591 HOH A O   1 
HETATM 1417 O  O   . HOH H 3 .   ? 4.978   6.794   12.348  1.00 109.22 ? 592 HOH A O   1 
HETATM 1418 O  O   . HOH H 3 .   ? 9.984   -0.769  -21.283 1.00 71.61  ? 593 HOH A O   1 
HETATM 1419 O  O   . HOH H 3 .   ? 10.282  -21.273 -2.263  1.00 60.81  ? 594 HOH A O   1 
HETATM 1420 O  O   . HOH H 3 .   ? 9.300   -23.229 5.325   1.00 95.97  ? 595 HOH A O   1 
HETATM 1421 O  O   . HOH H 3 .   ? 6.409   -14.798 11.434  1.00 42.84  ? 596 HOH A O   1 
HETATM 1422 O  O   . HOH H 3 .   ? -5.473  11.869  8.506   1.00 44.83  ? 597 HOH A O   1 
HETATM 1423 O  O   . HOH H 3 .   ? 13.690  -1.128  2.346   1.00 71.51  ? 598 HOH A O   1 
HETATM 1424 O  O   . HOH H 3 .   ? 12.572  1.930   4.689   1.00 51.02  ? 599 HOH A O   1 
HETATM 1425 O  O   . HOH H 3 .   ? 2.416   15.184  13.797  1.00 65.88  ? 600 HOH A O   1 
HETATM 1426 O  O   . HOH H 3 .   ? -2.931  -18.717 -27.508 1.00 57.64  ? 601 HOH A O   1 
HETATM 1427 O  O   . HOH H 3 .   ? -1.039  -8.476  -16.408 1.00 97.29  ? 602 HOH A O   1 
HETATM 1428 O  O   . HOH H 3 .   ? -5.064  4.242   -18.564 1.00 47.67  ? 603 HOH A O   1 
HETATM 1429 O  O   . HOH H 3 .   ? -0.703  -9.859  -9.428  1.00 31.75  ? 604 HOH A O   1 
HETATM 1430 O  O   . HOH H 3 .   ? -20.204 4.649   13.567  1.00 77.20  ? 605 HOH A O   1 
HETATM 1431 O  O   . HOH H 3 .   ? -3.467  -3.470  11.543  1.00 79.48  ? 606 HOH A O   1 
HETATM 1432 O  O   . HOH H 3 .   ? 2.440   -4.600  5.517   1.00 61.34  ? 607 HOH A O   1 
HETATM 1433 O  O   . HOH H 3 .   ? 5.641   -13.472 9.560   1.00 34.02  ? 608 HOH A O   1 
HETATM 1434 O  O   . HOH H 3 .   ? -10.506 8.583   10.911  1.00 96.95  ? 609 HOH A O   1 
HETATM 1435 O  O   . HOH H 3 .   ? -1.848  9.366   7.647   1.00 76.10  ? 610 HOH A O   1 
HETATM 1436 O  O   . HOH H 3 .   ? 5.646   9.484   1.542   1.00 97.57  ? 611 HOH A O   1 
HETATM 1437 O  O   . HOH H 3 .   ? 10.833  0.316   2.979   1.00 64.57  ? 612 HOH A O   1 
HETATM 1438 O  O   . HOH H 3 .   ? 4.459   -0.222  11.234  1.00 55.89  ? 613 HOH A O   1 
HETATM 1439 O  O   . HOH H 3 .   ? 10.209  0.607   11.880  1.00 83.99  ? 614 HOH A O   1 
HETATM 1440 O  O   . HOH H 3 .   ? 0.346   -7.938  -25.858 1.00 74.68  ? 615 HOH A O   1 
HETATM 1441 O  O   . HOH H 3 .   ? -2.351  -12.028 -14.437 1.00 33.61  ? 616 HOH A O   1 
HETATM 1442 O  O   . HOH H 3 .   ? -10.142 -5.007  -9.709  1.00 61.76  ? 617 HOH A O   1 
HETATM 1443 O  O   . HOH H 3 .   ? -13.816 8.678   -0.025  1.00 36.48  ? 618 HOH A O   1 
HETATM 1444 O  O   . HOH H 3 .   ? -21.101 6.394   16.536  1.00 138.50 ? 619 HOH A O   1 
HETATM 1445 O  O   . HOH H 3 .   ? 10.259  -2.746  -5.023  1.00 61.41  ? 620 HOH A O   1 
HETATM 1446 O  O   . HOH H 3 .   ? 8.742   -13.723 11.070  1.00 48.41  ? 621 HOH A O   1 
HETATM 1447 O  O   . HOH H 3 .   ? 0.109   3.288   15.960  1.00 59.61  ? 622 HOH A O   1 
HETATM 1448 O  O   . HOH H 3 .   ? -1.536  18.581  15.741  1.00 64.80  ? 623 HOH A O   1 
HETATM 1449 O  O   . HOH H 3 .   ? -0.401  -13.826 -25.044 1.00 42.29  ? 624 HOH A O   1 
HETATM 1450 O  O   . HOH H 3 .   ? 1.400   -8.875  -30.271 1.00 68.17  ? 625 HOH A O   1 
HETATM 1451 O  O   . HOH H 3 .   ? -9.124  -8.481  -16.184 1.00 85.15  ? 626 HOH A O   1 
HETATM 1452 O  O   . HOH H 3 .   ? -8.005  -10.839 -14.557 1.00 130.08 ? 627 HOH A O   1 
HETATM 1453 O  O   . HOH H 3 .   ? 2.776   -14.416 -24.591 1.00 52.36  ? 628 HOH A O   1 
HETATM 1454 O  O   . HOH H 3 .   ? -14.052 -4.576  -11.117 1.00 69.93  ? 629 HOH A O   1 
HETATM 1455 O  O   . HOH H 3 .   ? -13.748 1.527   -12.698 1.00 105.30 ? 630 HOH A O   1 
HETATM 1456 O  O   . HOH H 3 .   ? -10.912 0.387   -11.828 1.00 47.95  ? 631 HOH A O   1 
HETATM 1457 O  O   . HOH H 3 .   ? -5.180  2.389   -2.689  1.00 42.94  ? 632 HOH A O   1 
HETATM 1458 O  O   . HOH H 3 .   ? 4.141   -7.145  -4.950  1.00 86.87  ? 633 HOH A O   1 
HETATM 1459 O  O   . HOH H 3 .   ? -16.822 6.453   7.970   1.00 53.58  ? 634 HOH A O   1 
HETATM 1460 O  O   . HOH H 3 .   ? 13.097  -24.825 -0.267  1.00 78.64  ? 635 HOH A O   1 
HETATM 1461 O  O   . HOH H 3 .   ? -11.327 14.503  -1.717  1.00 68.20  ? 636 HOH A O   1 
HETATM 1462 O  O   . HOH H 3 .   ? 13.459  -27.588 5.121   1.00 104.07 ? 637 HOH A O   1 
HETATM 1463 O  O   . HOH H 3 .   ? 12.084  -25.648 6.232   1.00 125.02 ? 638 HOH A O   1 
HETATM 1464 O  O   . HOH H 3 .   ? 11.398  -5.541  -5.208  1.00 81.88  ? 639 HOH A O   1 
HETATM 1465 O  O   . HOH H 3 .   ? 5.495   13.537  -11.799 1.00 74.94  ? 640 HOH A O   1 
HETATM 1466 O  O   . HOH H 3 .   ? 13.985  -25.611 9.281   1.00 73.75  ? 641 HOH A O   1 
HETATM 1467 O  O   . HOH H 3 .   ? 3.376   13.057  0.903   1.00 39.73  ? 642 HOH A O   1 
HETATM 1468 O  O   . HOH H 3 .   ? -0.252  14.654  6.936   1.00 99.26  ? 643 HOH A O   1 
HETATM 1469 O  O   . HOH H 3 .   ? 8.298   6.762   9.344   1.00 51.14  ? 644 HOH A O   1 
HETATM 1470 O  O   . HOH H 3 .   ? 10.893  12.227  9.505   1.00 101.55 ? 645 HOH A O   1 
HETATM 1471 O  O   . HOH H 3 .   ? -14.839 -8.551  1.090   1.00 84.28  ? 646 HOH A O   1 
HETATM 1472 O  O   . HOH H 3 .   ? -11.669 -4.770  -6.772  1.00 120.74 ? 647 HOH A O   1 
HETATM 1473 O  O   . HOH H 3 .   ? -13.080 -10.665 0.943   1.00 94.00  ? 648 HOH A O   1 
HETATM 1474 O  O   . HOH H 3 .   ? 9.326   -1.022  -27.484 1.00 64.98  ? 649 HOH A O   1 
HETATM 1475 O  O   . HOH H 3 .   ? -6.054  5.671   -3.254  1.00 81.27  ? 650 HOH A O   1 
HETATM 1476 O  O   . HOH H 3 .   ? 6.992   -17.572 0.161   1.00 61.85  ? 651 HOH A O   1 
HETATM 1477 O  O   . HOH H 3 .   ? -10.914 11.657  3.176   1.00 65.43  ? 652 HOH A O   1 
HETATM 1478 O  O   . HOH H 3 .   ? -16.827 9.851   12.200  1.00 79.54  ? 653 HOH A O   1 
HETATM 1479 O  O   . HOH H 3 .   ? -0.515  -8.455  10.380  1.00 55.06  ? 654 HOH A O   1 
HETATM 1480 O  O   . HOH H 3 .   ? 15.114  -23.141 6.839   1.00 61.04  ? 655 HOH A O   1 
HETATM 1481 O  O   . HOH H 3 .   ? 15.451  -7.655  -1.600  1.00 39.05  ? 656 HOH A O   1 
HETATM 1482 O  O   . HOH H 3 .   ? -12.344 13.170  18.103  1.00 67.99  ? 657 HOH A O   1 
HETATM 1483 O  O   . HOH H 3 .   ? -7.222  15.245  13.518  1.00 73.36  ? 658 HOH A O   1 
# 
loop_
_pdbx_poly_seq_scheme.asym_id 
_pdbx_poly_seq_scheme.entity_id 
_pdbx_poly_seq_scheme.seq_id 
_pdbx_poly_seq_scheme.mon_id 
_pdbx_poly_seq_scheme.ndb_seq_num 
_pdbx_poly_seq_scheme.pdb_seq_num 
_pdbx_poly_seq_scheme.auth_seq_num 
_pdbx_poly_seq_scheme.pdb_mon_id 
_pdbx_poly_seq_scheme.auth_mon_id 
_pdbx_poly_seq_scheme.pdb_strand_id 
_pdbx_poly_seq_scheme.pdb_ins_code 
_pdbx_poly_seq_scheme.hetero 
A 1 1   ALA 1   102 102 ALA ALA A . n 
A 1 2   GLU 2   103 103 GLU GLU A . n 
A 1 3   ASP 3   104 104 ASP ASP A . n 
A 1 4   GLY 4   105 105 GLY GLY A . n 
A 1 5   PRO 5   106 106 PRO PRO A . n 
A 1 6   GLN 6   107 107 GLN GLN A . n 
A 1 7   LYS 7   108 108 LYS LYS A . n 
A 1 8   GLN 8   109 109 GLN GLN A . n 
A 1 9   GLN 9   110 110 GLN GLN A . n 
A 1 10  LEU 10  111 111 LEU LEU A . n 
A 1 11  GLU 11  112 112 GLU GLU A . n 
A 1 12  MET 12  113 113 MET MET A . n 
A 1 13  PRO 13  114 114 PRO PRO A . n 
A 1 14  LEU 14  115 115 LEU LEU A . n 
A 1 15  VAL 15  116 116 VAL VAL A . n 
A 1 16  LEU 16  117 117 LEU LEU A . n 
A 1 17  ASP 17  118 118 ASP ASP A . n 
A 1 18  GLN 18  119 119 GLN GLN A . n 
A 1 19  ASP 19  120 120 ASP ASP A . n 
A 1 20  LEU 20  121 121 LEU LEU A . n 
A 1 21  THR 21  122 122 THR THR A . n 
A 1 22  GLN 22  123 123 GLN GLN A . n 
A 1 23  GLN 23  124 124 GLN GLN A . n 
A 1 24  MET 24  125 125 MET MET A . n 
A 1 25  ARG 25  126 126 ARG ARG A . n 
A 1 26  LEU 26  127 127 LEU LEU A . n 
A 1 27  ARG 27  128 128 ARG ARG A . n 
A 1 28  VAL 28  129 129 VAL VAL A . n 
A 1 29  GLU 29  130 130 GLU GLU A . n 
A 1 30  SER 30  131 131 SER SER A . n 
A 1 31  LEU 31  132 132 LEU LEU A . n 
A 1 32  LYS 32  133 133 LYS LYS A . n 
A 1 33  GLN 33  134 134 GLN GLN A . n 
A 1 34  ARG 34  135 135 ARG ARG A . n 
A 1 35  GLY 35  136 136 GLY GLY A . n 
A 1 36  GLU 36  137 137 GLU GLU A . n 
A 1 37  LYS 37  138 138 LYS LYS A . n 
A 1 38  LYS 38  139 139 LYS LYS A . n 
A 1 39  GLN 39  140 140 GLN GLN A . n 
A 1 40  ASP 40  141 141 ASP ASP A . n 
A 1 41  GLY 41  142 142 GLY GLY A . n 
A 1 42  GLU 42  143 143 GLU GLU A . n 
A 1 43  LYS 43  144 144 LYS LYS A . n 
A 1 44  LEU 44  145 145 LEU LEU A . n 
A 1 45  ILE 45  146 146 ILE ILE A . n 
A 1 46  ARG 46  147 147 ARG ARG A . n 
A 1 47  PRO 47  148 148 PRO PRO A . n 
A 1 48  ALA 48  149 149 ALA ALA A . n 
A 1 49  GLU 49  150 150 GLU GLU A . n 
A 1 50  SER 50  151 151 SER SER A . n 
A 1 51  VAL 51  152 152 VAL VAL A . n 
A 1 52  TYR 52  153 153 TYR TYR A . n 
A 1 53  ARG 53  154 154 ARG ARG A . n 
A 1 54  LEU 54  155 155 LEU LEU A . n 
A 1 55  ASP 55  156 156 ASP ASP A . n 
A 1 56  PHE 56  157 157 PHE PHE A . n 
A 1 57  ILE 57  158 158 ILE ILE A . n 
A 1 58  GLN 58  159 159 GLN GLN A . n 
A 1 59  GLN 59  160 160 GLN GLN A . n 
A 1 60  GLN 60  161 161 GLN GLN A . n 
A 1 61  LYS 61  162 162 LYS LYS A . n 
A 1 62  LEU 62  163 163 LEU LEU A . n 
A 1 63  GLN 63  164 164 GLN GLN A . n 
A 1 64  PHE 64  165 165 PHE PHE A . n 
A 1 65  ASP 65  166 166 ASP ASP A . n 
A 1 66  HIS 66  167 167 HIS HIS A . n 
A 1 67  TRP 67  168 168 TRP TRP A . n 
A 1 68  ASN 68  169 169 ASN ASN A . n 
A 1 69  VAL 69  170 170 VAL VAL A . n 
A 1 70  VAL 70  171 171 VAL VAL A . n 
A 1 71  LEU 71  172 172 LEU LEU A . n 
A 1 72  ASP 72  173 173 ASP ASP A . n 
A 1 73  LYS 73  174 174 LYS LYS A . n 
A 1 74  PRO 74  175 175 PRO PRO A . n 
A 1 75  GLY 75  176 176 GLY GLY A . n 
A 1 76  LYS 76  177 177 LYS LYS A . n 
A 1 77  VAL 77  178 178 VAL VAL A . n 
A 1 78  THR 78  179 179 THR THR A . n 
A 1 79  ILE 79  180 180 ILE ILE A . n 
A 1 80  THR 80  181 181 THR THR A . n 
A 1 81  GLY 81  182 182 GLY GLY A . n 
A 1 82  THR 82  183 183 THR THR A . n 
A 1 83  SER 83  184 184 SER SER A . n 
A 1 84  GLN 84  185 185 GLN GLN A . n 
A 1 85  ASN 85  186 186 ASN ASN A . n 
A 1 86  TRP 86  187 187 TRP TRP A . n 
A 1 87  THR 87  188 188 THR THR A . n 
A 1 88  PRO 88  189 189 PRO PRO A . n 
A 1 89  ASP 89  190 190 ASP ASP A . n 
A 1 90  LEU 90  191 191 LEU LEU A . n 
A 1 91  THR 91  192 192 THR THR A . n 
A 1 92  ASN 92  193 193 ASN ASN A . n 
A 1 93  LEU 93  194 194 LEU LEU A . n 
A 1 94  MET 94  195 195 MET MET A . n 
A 1 95  THR 95  196 196 THR THR A . n 
A 1 96  ARG 96  197 197 ARG ARG A . n 
A 1 97  GLN 97  198 198 GLN GLN A . n 
A 1 98  LEU 98  199 199 LEU LEU A . n 
A 1 99  LEU 99  200 200 LEU LEU A . n 
A 1 100 ASP 100 201 201 ASP ASP A . n 
A 1 101 PRO 101 202 202 PRO CPR A . n 
A 1 102 ALA 102 203 203 ALA ALA A . n 
A 1 103 ALA 103 204 204 ALA ALA A . n 
A 1 104 ILE 104 205 205 ILE ILE A . n 
A 1 105 PHE 105 206 206 PHE PHE A . n 
A 1 106 TRP 106 207 207 TRP TRP A . n 
A 1 107 ARG 107 208 208 ARG ARG A . n 
A 1 108 LYS 108 209 209 LYS LYS A . n 
A 1 109 GLU 109 210 210 GLU GLU A . n 
A 1 110 ASP 110 211 211 ASP ASP A . n 
A 1 111 SER 111 212 212 SER SER A . n 
A 1 112 ASP 112 213 213 ASP ASP A . n 
A 1 113 ALA 113 214 214 ALA ALA A . n 
A 1 114 MET 114 215 215 MET MET A . n 
A 1 115 ASP 115 216 216 ASP ASP A . n 
A 1 116 TRP 116 217 217 TRP TRP A . n 
A 1 117 ASN 117 218 218 ASN ASN A . n 
A 1 118 GLU 118 219 219 GLU GLU A . n 
A 1 119 ALA 119 220 220 ALA ALA A . n 
A 1 120 ASP 120 221 221 ASP ASP A . n 
A 1 121 ALA 121 222 222 ALA ALA A . n 
A 1 122 LEU 122 223 223 LEU LEU A . n 
A 1 123 GLU 123 224 224 GLU GLU A . n 
A 1 124 PHE 124 225 225 PHE PHE A . n 
A 1 125 GLY 125 226 226 GLY GLY A . n 
A 1 126 GLU 126 227 227 GLU GLU A . n 
A 1 127 ARG 127 228 228 ARG ARG A . n 
A 1 128 LEU 128 229 229 LEU LEU A . n 
A 1 129 SER 129 230 230 SER SER A . n 
A 1 130 ASP 130 231 231 ASP ASP A . n 
A 1 131 LEU 131 232 232 LEU LEU A . n 
A 1 132 ALA 132 233 233 ALA ALA A . n 
A 1 133 LYS 133 234 234 LYS LYS A . n 
A 1 134 ILE 134 235 235 ILE ILE A . n 
A 1 135 ARG 135 236 236 ARG ARG A . n 
A 1 136 LYS 136 237 237 LYS LYS A . n 
A 1 137 VAL 137 238 238 VAL VAL A . n 
A 1 138 MET 138 239 239 MET MET A . n 
A 1 139 TYR 139 240 240 TYR TYR A . n 
A 1 140 PHE 140 241 241 PHE PHE A . n 
A 1 141 LEU 141 242 242 LEU LEU A . n 
A 1 142 ILE 142 243 243 ILE ILE A . n 
A 1 143 THR 143 244 244 THR THR A . n 
A 1 144 PHE 144 245 245 PHE PHE A . n 
A 1 145 GLY 145 246 246 GLY GLY A . n 
A 1 146 GLU 146 247 247 GLU GLU A . n 
A 1 147 GLY 147 248 248 GLY GLY A . n 
A 1 148 VAL 148 249 249 VAL VAL A . n 
A 1 149 GLU 149 250 250 GLU GLU A . n 
A 1 150 PRO 150 251 251 PRO PRO A . n 
A 1 151 ALA 151 252 252 ALA ALA A . n 
A 1 152 ASN 152 253 253 ASN ASN A . n 
A 1 153 LEU 153 254 254 LEU LEU A . n 
A 1 154 LYS 154 255 255 LYS LYS A . n 
A 1 155 ALA 155 256 256 ALA ALA A . n 
A 1 156 SER 156 257 257 SER SER A . n 
A 1 157 VAL 157 258 258 VAL VAL A . n 
A 1 158 VAL 158 259 259 VAL VAL A . n 
A 1 159 PHE 159 260 260 PHE PHE A . n 
A 1 160 ASN 160 261 261 ASN ASN A . n 
A 1 161 GLN 161 262 262 GLN GLN A . n 
A 1 162 LEU 162 263 263 LEU LEU A . n 
# 
loop_
_pdbx_nonpoly_scheme.asym_id 
_pdbx_nonpoly_scheme.entity_id 
_pdbx_nonpoly_scheme.mon_id 
_pdbx_nonpoly_scheme.ndb_seq_num 
_pdbx_nonpoly_scheme.pdb_seq_num 
_pdbx_nonpoly_scheme.auth_seq_num 
_pdbx_nonpoly_scheme.pdb_mon_id 
_pdbx_nonpoly_scheme.auth_mon_id 
_pdbx_nonpoly_scheme.pdb_strand_id 
_pdbx_nonpoly_scheme.pdb_ins_code 
B 2 ZN  1   301 301 ZN  ZN2 A . 
C 2 ZN  1   302 302 ZN  ZN2 A . 
D 2 ZN  1   303 303 ZN  ZN2 A . 
E 2 ZN  1   304 304 ZN  ZN2 A . 
F 2 ZN  1   305 305 ZN  ZN2 A . 
G 2 ZN  1   306 306 ZN  ZN2 A . 
H 3 HOH 1   501 501 HOH HOH A . 
H 3 HOH 2   502 502 HOH HOH A . 
H 3 HOH 3   503 503 HOH HOH A . 
H 3 HOH 4   504 504 HOH HOH A . 
H 3 HOH 5   505 505 HOH HOH A . 
H 3 HOH 6   506 506 HOH HOH A . 
H 3 HOH 7   507 507 HOH HOH A . 
H 3 HOH 8   508 508 HOH HOH A . 
H 3 HOH 9   509 509 HOH HOH A . 
H 3 HOH 10  510 510 HOH HOH A . 
H 3 HOH 11  511 511 HOH HOH A . 
H 3 HOH 12  512 512 HOH HOH A . 
H 3 HOH 13  513 513 HOH HOH A . 
H 3 HOH 14  514 514 HOH HOH A . 
H 3 HOH 15  515 515 HOH HOH A . 
H 3 HOH 16  516 516 HOH HOH A . 
H 3 HOH 17  517 517 HOH HOH A . 
H 3 HOH 18  518 518 HOH HOH A . 
H 3 HOH 19  519 519 HOH HOH A . 
H 3 HOH 20  520 520 HOH HOH A . 
H 3 HOH 21  521 521 HOH HOH A . 
H 3 HOH 22  522 522 HOH HOH A . 
H 3 HOH 23  523 523 HOH HOH A . 
H 3 HOH 24  524 524 HOH HOH A . 
H 3 HOH 25  525 525 HOH HOH A . 
H 3 HOH 26  526 526 HOH HOH A . 
H 3 HOH 27  527 527 HOH HOH A . 
H 3 HOH 28  528 528 HOH HOH A . 
H 3 HOH 29  529 529 HOH HOH A . 
H 3 HOH 30  530 530 HOH HOH A . 
H 3 HOH 31  531 531 HOH HOH A . 
H 3 HOH 32  532 532 HOH HOH A . 
H 3 HOH 33  533 533 HOH HOH A . 
H 3 HOH 34  534 534 HOH HOH A . 
H 3 HOH 35  535 535 HOH HOH A . 
H 3 HOH 36  536 536 HOH HOH A . 
H 3 HOH 37  537 537 HOH HOH A . 
H 3 HOH 38  538 538 HOH HOH A . 
H 3 HOH 39  539 539 HOH HOH A . 
H 3 HOH 40  540 540 HOH HOH A . 
H 3 HOH 41  541 541 HOH HOH A . 
H 3 HOH 42  542 542 HOH HOH A . 
H 3 HOH 43  543 543 HOH HOH A . 
H 3 HOH 44  544 544 HOH HOH A . 
H 3 HOH 45  545 545 HOH HOH A . 
H 3 HOH 46  546 546 HOH HOH A . 
H 3 HOH 47  547 547 HOH HOH A . 
H 3 HOH 48  548 548 HOH HOH A . 
H 3 HOH 49  549 549 HOH HOH A . 
H 3 HOH 50  550 550 HOH HOH A . 
H 3 HOH 51  551 551 HOH HOH A . 
H 3 HOH 52  552 552 HOH HOH A . 
H 3 HOH 53  553 553 HOH HOH A . 
H 3 HOH 54  554 554 HOH HOH A . 
H 3 HOH 55  555 555 HOH HOH A . 
H 3 HOH 56  556 556 HOH HOH A . 
H 3 HOH 57  557 557 HOH HOH A . 
H 3 HOH 58  558 558 HOH HOH A . 
H 3 HOH 59  559 559 HOH HOH A . 
H 3 HOH 60  560 560 HOH HOH A . 
H 3 HOH 61  561 561 HOH HOH A . 
H 3 HOH 62  562 562 HOH HOH A . 
H 3 HOH 63  563 563 HOH HOH A . 
H 3 HOH 64  564 564 HOH HOH A . 
H 3 HOH 65  565 565 HOH HOH A . 
H 3 HOH 66  566 566 HOH HOH A . 
H 3 HOH 67  567 567 HOH HOH A . 
H 3 HOH 68  568 568 HOH HOH A . 
H 3 HOH 69  569 569 HOH HOH A . 
H 3 HOH 70  570 570 HOH HOH A . 
H 3 HOH 71  571 571 HOH HOH A . 
H 3 HOH 72  572 572 HOH HOH A . 
H 3 HOH 73  573 573 HOH HOH A . 
H 3 HOH 74  574 574 HOH HOH A . 
H 3 HOH 75  575 575 HOH HOH A . 
H 3 HOH 76  576 576 HOH HOH A . 
H 3 HOH 77  577 577 HOH HOH A . 
H 3 HOH 78  578 578 HOH HOH A . 
H 3 HOH 79  579 579 HOH HOH A . 
H 3 HOH 80  580 580 HOH HOH A . 
H 3 HOH 81  581 581 HOH HOH A . 
H 3 HOH 82  582 582 HOH HOH A . 
H 3 HOH 83  583 583 HOH HOH A . 
H 3 HOH 84  584 584 HOH HOH A . 
H 3 HOH 85  585 585 HOH HOH A . 
H 3 HOH 86  586 586 HOH HOH A . 
H 3 HOH 87  587 587 HOH HOH A . 
H 3 HOH 88  588 588 HOH HOH A . 
H 3 HOH 89  589 589 HOH HOH A . 
H 3 HOH 90  590 590 HOH HOH A . 
H 3 HOH 91  591 591 HOH HOH A . 
H 3 HOH 92  592 592 HOH HOH A . 
H 3 HOH 93  593 593 HOH HOH A . 
H 3 HOH 94  594 594 HOH HOH A . 
H 3 HOH 95  595 595 HOH HOH A . 
H 3 HOH 96  596 596 HOH HOH A . 
H 3 HOH 97  597 597 HOH HOH A . 
H 3 HOH 98  598 598 HOH HOH A . 
H 3 HOH 99  599 599 HOH HOH A . 
H 3 HOH 100 600 600 HOH HOH A . 
H 3 HOH 101 601 601 HOH HOH A . 
H 3 HOH 102 602 602 HOH HOH A . 
H 3 HOH 103 603 603 HOH HOH A . 
H 3 HOH 104 604 604 HOH HOH A . 
H 3 HOH 105 605 605 HOH HOH A . 
H 3 HOH 106 606 606 HOH HOH A . 
H 3 HOH 107 607 607 HOH HOH A . 
H 3 HOH 108 608 608 HOH HOH A . 
H 3 HOH 109 609 609 HOH HOH A . 
H 3 HOH 110 610 610 HOH HOH A . 
H 3 HOH 111 611 611 HOH HOH A . 
H 3 HOH 112 612 612 HOH HOH A . 
H 3 HOH 113 613 613 HOH HOH A . 
H 3 HOH 114 614 614 HOH HOH A . 
H 3 HOH 115 615 615 HOH HOH A . 
H 3 HOH 116 616 616 HOH HOH A . 
H 3 HOH 117 617 617 HOH HOH A . 
H 3 HOH 118 618 618 HOH HOH A . 
H 3 HOH 119 619 619 HOH HOH A . 
H 3 HOH 120 620 620 HOH HOH A . 
H 3 HOH 121 621 621 HOH HOH A . 
H 3 HOH 122 622 622 HOH HOH A . 
H 3 HOH 123 623 623 HOH HOH A . 
H 3 HOH 124 624 624 HOH HOH A . 
H 3 HOH 125 625 625 HOH HOH A . 
H 3 HOH 126 626 626 HOH HOH A . 
H 3 HOH 127 627 627 HOH HOH A . 
H 3 HOH 128 628 628 HOH HOH A . 
H 3 HOH 129 629 629 HOH HOH A . 
H 3 HOH 130 630 630 HOH HOH A . 
H 3 HOH 131 631 631 HOH HOH A . 
H 3 HOH 132 632 632 HOH HOH A . 
H 3 HOH 133 633 633 HOH HOH A . 
H 3 HOH 134 634 634 HOH HOH A . 
H 3 HOH 135 635 635 HOH HOH A . 
H 3 HOH 136 636 636 HOH HOH A . 
H 3 HOH 137 637 637 HOH HOH A . 
H 3 HOH 138 638 638 HOH HOH A . 
H 3 HOH 139 639 639 HOH HOH A . 
H 3 HOH 140 640 640 HOH HOH A . 
H 3 HOH 141 641 641 HOH HOH A . 
H 3 HOH 142 642 642 HOH HOH A . 
H 3 HOH 143 643 643 HOH HOH A . 
H 3 HOH 144 644 644 HOH HOH A . 
H 3 HOH 145 645 645 HOH HOH A . 
H 3 HOH 146 646 646 HOH HOH A . 
H 3 HOH 147 647 647 HOH HOH A . 
H 3 HOH 148 648 648 HOH HOH A . 
H 3 HOH 149 649 649 HOH HOH A . 
H 3 HOH 150 650 650 HOH HOH A . 
H 3 HOH 151 651 651 HOH HOH A . 
H 3 HOH 152 652 652 HOH HOH A . 
H 3 HOH 153 653 653 HOH HOH A . 
H 3 HOH 154 654 654 HOH HOH A . 
H 3 HOH 155 655 655 HOH HOH A . 
H 3 HOH 156 656 656 HOH HOH A . 
H 3 HOH 157 657 657 HOH HOH A . 
H 3 HOH 158 658 658 HOH HOH A . 
# 
loop_
_pdbx_struct_assembly.id 
_pdbx_struct_assembly.details 
_pdbx_struct_assembly.method_details 
_pdbx_struct_assembly.oligomeric_details 
_pdbx_struct_assembly.oligomeric_count 
1 author_defined_assembly   ?        monomeric 1 
2 software_defined_assembly PISA,PQS dimeric   2 
3 software_defined_assembly PISA     dimeric   2 
# 
loop_
_pdbx_struct_assembly_gen.assembly_id 
_pdbx_struct_assembly_gen.oper_expression 
_pdbx_struct_assembly_gen.asym_id_list 
1 1   A,B,C,D,E,F,G,H 
2 1,2 A,B,C,D,E,F,G,H 
3 1,3 A,B,C,D,E,F,G,H 
# 
loop_
_pdbx_struct_assembly_prop.biol_id 
_pdbx_struct_assembly_prop.type 
_pdbx_struct_assembly_prop.value 
_pdbx_struct_assembly_prop.details 
2 'ABSA (A^2)' 2640  ? 
2 MORE         -305  ? 
2 'SSA (A^2)'  17520 ? 
3 'ABSA (A^2)' 1300  ? 
3 MORE         -305  ? 
3 'SSA (A^2)'  19060 ? 
# 
loop_
_pdbx_struct_oper_list.id 
_pdbx_struct_oper_list.type 
_pdbx_struct_oper_list.name 
_pdbx_struct_oper_list.symmetry_operation 
_pdbx_struct_oper_list.matrix[1][1] 
_pdbx_struct_oper_list.matrix[1][2] 
_pdbx_struct_oper_list.matrix[1][3] 
_pdbx_struct_oper_list.vector[1] 
_pdbx_struct_oper_list.matrix[2][1] 
_pdbx_struct_oper_list.matrix[2][2] 
_pdbx_struct_oper_list.matrix[2][3] 
_pdbx_struct_oper_list.vector[2] 
_pdbx_struct_oper_list.matrix[3][1] 
_pdbx_struct_oper_list.matrix[3][2] 
_pdbx_struct_oper_list.matrix[3][3] 
_pdbx_struct_oper_list.vector[3] 
1 'identity operation'         1_555 x,y,z         1.0000000000  0.0000000000 0.0000000000 0.0000000000   0.0000000000 1.0000000000  0.0000000000 0.0000000000   0.0000000000 0.0000000000 1.0000000000  0.0000000000   
2 'crystal symmetry operation' 4_555 y,x,-z        0.7314738070  0.1667711952 0.6611606750 9.8130224146   0.1667711952 -0.9839370186 0.0636813306 -27.2091338782 0.6611606750 0.0636813306 -0.7475367884 -18.8354994074 
3 'crystal symmetry operation' 5_554 x-y,-y,-z-1/3 -0.9143574675 0.2868257067 0.2857996423 -45.2586482438 0.2868257067 -0.0393910169 0.9571725872 -4.7608238514  0.2857996423 0.9571725872 -0.0462515156 18.3400926439 
# 
_pdbx_struct_special_symmetry.id              1 
_pdbx_struct_special_symmetry.PDB_model_num   1 
_pdbx_struct_special_symmetry.auth_asym_id    A 
_pdbx_struct_special_symmetry.auth_comp_id    ZN 
_pdbx_struct_special_symmetry.auth_seq_id     303 
_pdbx_struct_special_symmetry.PDB_ins_code    ? 
_pdbx_struct_special_symmetry.label_asym_id   D 
_pdbx_struct_special_symmetry.label_comp_id   ZN 
_pdbx_struct_special_symmetry.label_seq_id    . 
# 
loop_
_pdbx_struct_conn_angle.id 
_pdbx_struct_conn_angle.ptnr1_label_atom_id 
_pdbx_struct_conn_angle.ptnr1_label_alt_id 
_pdbx_struct_conn_angle.ptnr1_label_asym_id 
_pdbx_struct_conn_angle.ptnr1_label_comp_id 
_pdbx_struct_conn_angle.ptnr1_label_seq_id 
_pdbx_struct_conn_angle.ptnr1_auth_atom_id 
_pdbx_struct_conn_angle.ptnr1_auth_asym_id 
_pdbx_struct_conn_angle.ptnr1_auth_comp_id 
_pdbx_struct_conn_angle.ptnr1_auth_seq_id 
_pdbx_struct_conn_angle.ptnr1_PDB_ins_code 
_pdbx_struct_conn_angle.ptnr1_symmetry 
_pdbx_struct_conn_angle.ptnr2_label_atom_id 
_pdbx_struct_conn_angle.ptnr2_label_alt_id 
_pdbx_struct_conn_angle.ptnr2_label_asym_id 
_pdbx_struct_conn_angle.ptnr2_label_comp_id 
_pdbx_struct_conn_angle.ptnr2_label_seq_id 
_pdbx_struct_conn_angle.ptnr2_auth_atom_id 
_pdbx_struct_conn_angle.ptnr2_auth_asym_id 
_pdbx_struct_conn_angle.ptnr2_auth_comp_id 
_pdbx_struct_conn_angle.ptnr2_auth_seq_id 
_pdbx_struct_conn_angle.ptnr2_PDB_ins_code 
_pdbx_struct_conn_angle.ptnr2_symmetry 
_pdbx_struct_conn_angle.ptnr3_label_atom_id 
_pdbx_struct_conn_angle.ptnr3_label_alt_id 
_pdbx_struct_conn_angle.ptnr3_label_asym_id 
_pdbx_struct_conn_angle.ptnr3_label_comp_id 
_pdbx_struct_conn_angle.ptnr3_label_seq_id 
_pdbx_struct_conn_angle.ptnr3_auth_atom_id 
_pdbx_struct_conn_angle.ptnr3_auth_asym_id 
_pdbx_struct_conn_angle.ptnr3_auth_comp_id 
_pdbx_struct_conn_angle.ptnr3_auth_seq_id 
_pdbx_struct_conn_angle.ptnr3_PDB_ins_code 
_pdbx_struct_conn_angle.ptnr3_symmetry 
_pdbx_struct_conn_angle.value 
_pdbx_struct_conn_angle.value_esd 
1  OE2 ? A GLU 2   ? A GLU 103 ? 4_555 ZN ? C ZN . ? A ZN 302 ? 1_555 OD1 ? A ASP 120 ? A ASP 221 ? 1_555 146.0 ? 
2  OE2 ? A GLU 2   ? A GLU 103 ? 4_555 ZN ? C ZN . ? A ZN 302 ? 1_555 OD2 ? A ASP 120 ? A ASP 221 ? 1_555 94.6  ? 
3  OD1 ? A ASP 120 ? A ASP 221 ? 1_555 ZN ? C ZN . ? A ZN 302 ? 1_555 OD2 ? A ASP 120 ? A ASP 221 ? 1_555 51.7  ? 
4  OE2 ? A GLU 2   ? A GLU 103 ? 4_555 ZN ? C ZN . ? A ZN 302 ? 1_555 O   ? H HOH .   ? A HOH 502 ? 4_555 104.9 ? 
5  OD1 ? A ASP 120 ? A ASP 221 ? 1_555 ZN ? C ZN . ? A ZN 302 ? 1_555 O   ? H HOH .   ? A HOH 502 ? 4_555 89.4  ? 
6  OD2 ? A ASP 120 ? A ASP 221 ? 1_555 ZN ? C ZN . ? A ZN 302 ? 1_555 O   ? H HOH .   ? A HOH 502 ? 4_555 117.3 ? 
7  OE2 ? A GLU 2   ? A GLU 103 ? 4_555 ZN ? C ZN . ? A ZN 302 ? 1_555 O   ? H HOH .   ? A HOH 624 ? 4_555 76.9  ? 
8  OD1 ? A ASP 120 ? A ASP 221 ? 1_555 ZN ? C ZN . ? A ZN 302 ? 1_555 O   ? H HOH .   ? A HOH 624 ? 4_555 107.1 ? 
9  OD2 ? A ASP 120 ? A ASP 221 ? 1_555 ZN ? C ZN . ? A ZN 302 ? 1_555 O   ? H HOH .   ? A HOH 624 ? 4_555 94.5  ? 
10 O   ? H HOH .   ? A HOH 502 ? 4_555 ZN ? C ZN . ? A ZN 302 ? 1_555 O   ? H HOH .   ? A HOH 624 ? 4_555 147.5 ? 
11 OD1 ? A ASP 3   ? A ASP 104 ? 1_555 ZN ? E ZN . ? A ZN 304 ? 1_555 NZ  ? A LYS 7   ? A LYS 108 ? 1_555 86.7  ? 
12 OD1 ? A ASP 3   ? A ASP 104 ? 1_555 ZN ? E ZN . ? A ZN 304 ? 1_555 OD1 ? A ASP 65  ? A ASP 166 ? 1_555 154.2 ? 
13 NZ  ? A LYS 7   ? A LYS 108 ? 1_555 ZN ? E ZN . ? A ZN 304 ? 1_555 OD1 ? A ASP 65  ? A ASP 166 ? 1_555 69.5  ? 
14 OD1 ? A ASP 3   ? A ASP 104 ? 1_555 ZN ? E ZN . ? A ZN 304 ? 1_555 OE1 ? A GLU 118 ? A GLU 219 ? 4_555 96.6  ? 
15 NZ  ? A LYS 7   ? A LYS 108 ? 1_555 ZN ? E ZN . ? A ZN 304 ? 1_555 OE1 ? A GLU 118 ? A GLU 219 ? 4_555 173.8 ? 
16 OD1 ? A ASP 65  ? A ASP 166 ? 1_555 ZN ? E ZN . ? A ZN 304 ? 1_555 OE1 ? A GLU 118 ? A GLU 219 ? 4_555 106.1 ? 
17 OD1 ? A ASP 3   ? A ASP 104 ? 1_555 ZN ? E ZN . ? A ZN 304 ? 1_555 O   ? H HOH .   ? A HOH 515 ? 1_555 95.9  ? 
18 NZ  ? A LYS 7   ? A LYS 108 ? 1_555 ZN ? E ZN . ? A ZN 304 ? 1_555 O   ? H HOH .   ? A HOH 515 ? 1_555 56.4  ? 
19 OD1 ? A ASP 65  ? A ASP 166 ? 1_555 ZN ? E ZN . ? A ZN 304 ? 1_555 O   ? H HOH .   ? A HOH 515 ? 1_555 79.6  ? 
20 OE1 ? A GLU 118 ? A GLU 219 ? 4_555 ZN ? E ZN . ? A ZN 304 ? 1_555 O   ? H HOH .   ? A HOH 515 ? 1_555 128.0 ? 
21 OD1 ? A ASP 3   ? A ASP 104 ? 1_555 ZN ? E ZN . ? A ZN 304 ? 1_555 O   ? H HOH .   ? A HOH 533 ? 4_555 98.4  ? 
22 NZ  ? A LYS 7   ? A LYS 108 ? 1_555 ZN ? E ZN . ? A ZN 304 ? 1_555 O   ? H HOH .   ? A HOH 533 ? 4_555 92.6  ? 
23 OD1 ? A ASP 65  ? A ASP 166 ? 1_555 ZN ? E ZN . ? A ZN 304 ? 1_555 O   ? H HOH .   ? A HOH 533 ? 4_555 73.7  ? 
24 OE1 ? A GLU 118 ? A GLU 219 ? 4_555 ZN ? E ZN . ? A ZN 304 ? 1_555 O   ? H HOH .   ? A HOH 533 ? 4_555 81.7  ? 
25 O   ? H HOH .   ? A HOH 515 ? 1_555 ZN ? E ZN . ? A ZN 304 ? 1_555 O   ? H HOH .   ? A HOH 533 ? 4_555 145.0 ? 
26 OD1 ? A ASP 17  ? A ASP 118 ? 1_555 ZN ? G ZN . ? A ZN 306 ? 1_555 OD2 ? A ASP 17  ? A ASP 118 ? 1_555 48.6  ? 
27 OD1 ? A ASP 17  ? A ASP 118 ? 1_555 ZN ? G ZN . ? A ZN 306 ? 1_555 OD2 ? A ASP 19  ? A ASP 120 ? 1_555 86.0  ? 
28 OD2 ? A ASP 17  ? A ASP 118 ? 1_555 ZN ? G ZN . ? A ZN 306 ? 1_555 OD2 ? A ASP 19  ? A ASP 120 ? 1_555 134.4 ? 
29 OD1 ? A ASP 17  ? A ASP 118 ? 1_555 ZN ? G ZN . ? A ZN 306 ? 1_555 OE1 ? A GLU 146 ? A GLU 247 ? 2_655 74.6  ? 
30 OD2 ? A ASP 17  ? A ASP 118 ? 1_555 ZN ? G ZN . ? A ZN 306 ? 1_555 OE1 ? A GLU 146 ? A GLU 247 ? 2_655 94.5  ? 
31 OD2 ? A ASP 19  ? A ASP 120 ? 1_555 ZN ? G ZN . ? A ZN 306 ? 1_555 OE1 ? A GLU 146 ? A GLU 247 ? 2_655 74.6  ? 
32 OD1 ? A ASP 17  ? A ASP 118 ? 1_555 ZN ? G ZN . ? A ZN 306 ? 1_555 OE2 ? A GLU 146 ? A GLU 247 ? 2_655 100.3 ? 
33 OD2 ? A ASP 17  ? A ASP 118 ? 1_555 ZN ? G ZN . ? A ZN 306 ? 1_555 OE2 ? A GLU 146 ? A GLU 247 ? 2_655 82.5  ? 
34 OD2 ? A ASP 19  ? A ASP 120 ? 1_555 ZN ? G ZN . ? A ZN 306 ? 1_555 OE2 ? A GLU 146 ? A GLU 247 ? 2_655 115.5 ? 
35 OE1 ? A GLU 146 ? A GLU 247 ? 2_655 ZN ? G ZN . ? A ZN 306 ? 1_555 OE2 ? A GLU 146 ? A GLU 247 ? 2_655 47.4  ? 
36 OD1 ? A ASP 17  ? A ASP 118 ? 1_555 ZN ? G ZN . ? A ZN 306 ? 1_555 O   ? H HOH .   ? A HOH 528 ? 1_555 135.8 ? 
37 OD2 ? A ASP 17  ? A ASP 118 ? 1_555 ZN ? G ZN . ? A ZN 306 ? 1_555 O   ? H HOH .   ? A HOH 528 ? 1_555 111.5 ? 
38 OD2 ? A ASP 19  ? A ASP 120 ? 1_555 ZN ? G ZN . ? A ZN 306 ? 1_555 O   ? H HOH .   ? A HOH 528 ? 1_555 97.3  ? 
39 OE1 ? A GLU 146 ? A GLU 247 ? 2_655 ZN ? G ZN . ? A ZN 306 ? 1_555 O   ? H HOH .   ? A HOH 528 ? 1_555 148.7 ? 
40 OE2 ? A GLU 146 ? A GLU 247 ? 2_655 ZN ? G ZN . ? A ZN 306 ? 1_555 O   ? H HOH .   ? A HOH 528 ? 1_555 117.1 ? 
41 OD1 ? A ASP 17  ? A ASP 118 ? 1_555 ZN ? G ZN . ? A ZN 306 ? 1_555 O   ? H HOH .   ? A HOH 642 ? 1_555 124.6 ? 
42 OD2 ? A ASP 17  ? A ASP 118 ? 1_555 ZN ? G ZN . ? A ZN 306 ? 1_555 O   ? H HOH .   ? A HOH 642 ? 1_555 77.3  ? 
43 OD2 ? A ASP 19  ? A ASP 120 ? 1_555 ZN ? G ZN . ? A ZN 306 ? 1_555 O   ? H HOH .   ? A HOH 642 ? 1_555 148.0 ? 
44 OE1 ? A GLU 146 ? A GLU 247 ? 2_655 ZN ? G ZN . ? A ZN 306 ? 1_555 O   ? H HOH .   ? A HOH 642 ? 1_555 102.7 ? 
45 OE2 ? A GLU 146 ? A GLU 247 ? 2_655 ZN ? G ZN . ? A ZN 306 ? 1_555 O   ? H HOH .   ? A HOH 642 ? 1_555 55.3  ? 
46 O   ? H HOH .   ? A HOH 528 ? 1_555 ZN ? G ZN . ? A ZN 306 ? 1_555 O   ? H HOH .   ? A HOH 642 ? 1_555 68.2  ? 
47 OD1 ? A ASP 40  ? A ASP 141 ? 1_555 ZN ? D ZN . ? A ZN 303 ? 1_555 OD1 ? A ASP 40  ? A ASP 141 ? 5_554 151.5 ? 
48 OD1 ? A ASP 40  ? A ASP 141 ? 1_555 ZN ? D ZN . ? A ZN 303 ? 1_555 O   ? H HOH .   ? A HOH 619 ? 1_555 63.0  ? 
49 OD1 ? A ASP 40  ? A ASP 141 ? 5_554 ZN ? D ZN . ? A ZN 303 ? 1_555 O   ? H HOH .   ? A HOH 619 ? 1_555 92.1  ? 
50 OD1 ? A ASP 40  ? A ASP 141 ? 1_555 ZN ? D ZN . ? A ZN 303 ? 1_555 O   ? H HOH .   ? A HOH 619 ? 5_554 95.0  ? 
51 OD1 ? A ASP 40  ? A ASP 141 ? 5_554 ZN ? D ZN . ? A ZN 303 ? 1_555 O   ? H HOH .   ? A HOH 619 ? 5_554 59.9  ? 
52 O   ? H HOH .   ? A HOH 619 ? 1_555 ZN ? D ZN . ? A ZN 303 ? 1_555 O   ? H HOH .   ? A HOH 619 ? 5_554 64.9  ? 
53 OD2 ? A ASP 65  ? A ASP 166 ? 1_555 ZN ? F ZN . ? A ZN 305 ? 1_555 OD1 ? A ASP 115 ? A ASP 216 ? 4_555 102.4 ? 
54 OD2 ? A ASP 65  ? A ASP 166 ? 1_555 ZN ? F ZN . ? A ZN 305 ? 1_555 OE2 ? A GLU 118 ? A GLU 219 ? 4_555 117.7 ? 
55 OD1 ? A ASP 115 ? A ASP 216 ? 4_555 ZN ? F ZN . ? A ZN 305 ? 1_555 OE2 ? A GLU 118 ? A GLU 219 ? 4_555 106.6 ? 
56 OD2 ? A ASP 65  ? A ASP 166 ? 1_555 ZN ? F ZN . ? A ZN 305 ? 1_555 O   ? H HOH .   ? A HOH 515 ? 1_555 86.5  ? 
57 OD1 ? A ASP 115 ? A ASP 216 ? 4_555 ZN ? F ZN . ? A ZN 305 ? 1_555 O   ? H HOH .   ? A HOH 515 ? 1_555 105.5 ? 
58 OE2 ? A GLU 118 ? A GLU 219 ? 4_555 ZN ? F ZN . ? A ZN 305 ? 1_555 O   ? H HOH .   ? A HOH 515 ? 1_555 133.6 ? 
# 
loop_
_pdbx_audit_revision_history.ordinal 
_pdbx_audit_revision_history.data_content_type 
_pdbx_audit_revision_history.major_revision 
_pdbx_audit_revision_history.minor_revision 
_pdbx_audit_revision_history.revision_date 
1 'Structure model' 1 0 2001-08-22 
2 'Structure model' 1 1 2008-04-27 
3 'Structure model' 1 2 2011-07-13 
4 'Structure model' 1 3 2017-10-11 
5 'Structure model' 1 4 2023-08-16 
# 
_pdbx_audit_revision_details.ordinal             1 
_pdbx_audit_revision_details.revision_ordinal    1 
_pdbx_audit_revision_details.data_content_type   'Structure model' 
_pdbx_audit_revision_details.provider            repository 
_pdbx_audit_revision_details.type                'Initial release' 
_pdbx_audit_revision_details.description         ? 
_pdbx_audit_revision_details.details             ? 
# 
loop_
_pdbx_audit_revision_group.ordinal 
_pdbx_audit_revision_group.revision_ordinal 
_pdbx_audit_revision_group.data_content_type 
_pdbx_audit_revision_group.group 
1 2 'Structure model' 'Version format compliance' 
2 3 'Structure model' 'Derived calculations'      
3 3 'Structure model' 'Version format compliance' 
4 4 'Structure model' 'Data collection'           
5 5 'Structure model' 'Data collection'           
6 5 'Structure model' 'Database references'       
7 5 'Structure model' 'Derived calculations'      
8 5 'Structure model' 'Refinement description'    
# 
loop_
_pdbx_audit_revision_category.ordinal 
_pdbx_audit_revision_category.revision_ordinal 
_pdbx_audit_revision_category.data_content_type 
_pdbx_audit_revision_category.category 
1 4 'Structure model' reflns_shell                  
2 5 'Structure model' chem_comp_atom                
3 5 'Structure model' chem_comp_bond                
4 5 'Structure model' database_2                    
5 5 'Structure model' pdbx_initial_refinement_model 
6 5 'Structure model' pdbx_struct_conn_angle        
7 5 'Structure model' struct_conn                   
8 5 'Structure model' struct_site                   
# 
loop_
_pdbx_audit_revision_item.ordinal 
_pdbx_audit_revision_item.revision_ordinal 
_pdbx_audit_revision_item.data_content_type 
_pdbx_audit_revision_item.item 
1  4 'Structure model' '_reflns_shell.number_unique_all'             
2  4 'Structure model' '_reflns_shell.percent_possible_all'          
3  5 'Structure model' '_database_2.pdbx_DOI'                        
4  5 'Structure model' '_database_2.pdbx_database_accession'         
5  5 'Structure model' '_pdbx_struct_conn_angle.ptnr1_auth_comp_id'  
6  5 'Structure model' '_pdbx_struct_conn_angle.ptnr1_auth_seq_id'   
7  5 'Structure model' '_pdbx_struct_conn_angle.ptnr1_label_asym_id' 
8  5 'Structure model' '_pdbx_struct_conn_angle.ptnr1_label_atom_id' 
9  5 'Structure model' '_pdbx_struct_conn_angle.ptnr1_label_comp_id' 
10 5 'Structure model' '_pdbx_struct_conn_angle.ptnr1_label_seq_id'  
11 5 'Structure model' '_pdbx_struct_conn_angle.ptnr1_symmetry'      
12 5 'Structure model' '_pdbx_struct_conn_angle.ptnr2_auth_seq_id'   
13 5 'Structure model' '_pdbx_struct_conn_angle.ptnr2_label_asym_id' 
14 5 'Structure model' '_pdbx_struct_conn_angle.ptnr3_auth_comp_id'  
15 5 'Structure model' '_pdbx_struct_conn_angle.ptnr3_auth_seq_id'   
16 5 'Structure model' '_pdbx_struct_conn_angle.ptnr3_label_asym_id' 
17 5 'Structure model' '_pdbx_struct_conn_angle.ptnr3_label_atom_id' 
18 5 'Structure model' '_pdbx_struct_conn_angle.ptnr3_label_comp_id' 
19 5 'Structure model' '_pdbx_struct_conn_angle.ptnr3_label_seq_id'  
20 5 'Structure model' '_pdbx_struct_conn_angle.ptnr3_symmetry'      
21 5 'Structure model' '_pdbx_struct_conn_angle.value'               
22 5 'Structure model' '_struct_conn.pdbx_dist_value'                
23 5 'Structure model' '_struct_conn.ptnr1_auth_comp_id'             
24 5 'Structure model' '_struct_conn.ptnr1_auth_seq_id'              
25 5 'Structure model' '_struct_conn.ptnr1_label_asym_id'            
26 5 'Structure model' '_struct_conn.ptnr1_label_atom_id'            
27 5 'Structure model' '_struct_conn.ptnr1_label_comp_id'            
28 5 'Structure model' '_struct_conn.ptnr1_label_seq_id'             
29 5 'Structure model' '_struct_conn.ptnr1_symmetry'                 
30 5 'Structure model' '_struct_conn.ptnr2_auth_comp_id'             
31 5 'Structure model' '_struct_conn.ptnr2_auth_seq_id'              
32 5 'Structure model' '_struct_conn.ptnr2_label_asym_id'            
33 5 'Structure model' '_struct_conn.ptnr2_label_atom_id'            
34 5 'Structure model' '_struct_conn.ptnr2_label_comp_id'            
35 5 'Structure model' '_struct_conn.ptnr2_label_seq_id'             
36 5 'Structure model' '_struct_conn.ptnr2_symmetry'                 
37 5 'Structure model' '_struct_site.pdbx_auth_asym_id'              
38 5 'Structure model' '_struct_site.pdbx_auth_comp_id'              
39 5 'Structure model' '_struct_site.pdbx_auth_seq_id'               
# 
loop_
_software.name 
_software.classification 
_software.version 
_software.citation_id 
_software.pdbx_ordinal 
AMoRE     phasing          .     ? 1 
X-PLOR    refinement       3.851 ? 2 
DENZO     'data reduction' .     ? 3 
SCALEPACK 'data scaling'   .     ? 4 
# 
_pdbx_validate_rmsd_bond.id                        1 
_pdbx_validate_rmsd_bond.PDB_model_num             1 
_pdbx_validate_rmsd_bond.auth_atom_id_1            CZ 
_pdbx_validate_rmsd_bond.auth_asym_id_1            A 
_pdbx_validate_rmsd_bond.auth_comp_id_1            ARG 
_pdbx_validate_rmsd_bond.auth_seq_id_1             135 
_pdbx_validate_rmsd_bond.PDB_ins_code_1            ? 
_pdbx_validate_rmsd_bond.label_alt_id_1            ? 
_pdbx_validate_rmsd_bond.auth_atom_id_2            NH1 
_pdbx_validate_rmsd_bond.auth_asym_id_2            A 
_pdbx_validate_rmsd_bond.auth_comp_id_2            ARG 
_pdbx_validate_rmsd_bond.auth_seq_id_2             135 
_pdbx_validate_rmsd_bond.PDB_ins_code_2            ? 
_pdbx_validate_rmsd_bond.label_alt_id_2            ? 
_pdbx_validate_rmsd_bond.bond_value                1.453 
_pdbx_validate_rmsd_bond.bond_target_value         1.326 
_pdbx_validate_rmsd_bond.bond_deviation            0.127 
_pdbx_validate_rmsd_bond.bond_standard_deviation   0.013 
_pdbx_validate_rmsd_bond.linker_flag               N 
# 
loop_
_pdbx_validate_rmsd_angle.id 
_pdbx_validate_rmsd_angle.PDB_model_num 
_pdbx_validate_rmsd_angle.auth_atom_id_1 
_pdbx_validate_rmsd_angle.auth_asym_id_1 
_pdbx_validate_rmsd_angle.auth_comp_id_1 
_pdbx_validate_rmsd_angle.auth_seq_id_1 
_pdbx_validate_rmsd_angle.PDB_ins_code_1 
_pdbx_validate_rmsd_angle.label_alt_id_1 
_pdbx_validate_rmsd_angle.auth_atom_id_2 
_pdbx_validate_rmsd_angle.auth_asym_id_2 
_pdbx_validate_rmsd_angle.auth_comp_id_2 
_pdbx_validate_rmsd_angle.auth_seq_id_2 
_pdbx_validate_rmsd_angle.PDB_ins_code_2 
_pdbx_validate_rmsd_angle.label_alt_id_2 
_pdbx_validate_rmsd_angle.auth_atom_id_3 
_pdbx_validate_rmsd_angle.auth_asym_id_3 
_pdbx_validate_rmsd_angle.auth_comp_id_3 
_pdbx_validate_rmsd_angle.auth_seq_id_3 
_pdbx_validate_rmsd_angle.PDB_ins_code_3 
_pdbx_validate_rmsd_angle.label_alt_id_3 
_pdbx_validate_rmsd_angle.angle_value 
_pdbx_validate_rmsd_angle.angle_target_value 
_pdbx_validate_rmsd_angle.angle_deviation 
_pdbx_validate_rmsd_angle.angle_standard_deviation 
_pdbx_validate_rmsd_angle.linker_flag 
1 1 NE A ARG 135 ? ? CZ A ARG 135 ? ? NH1 A ARG 135 ? ? 115.38 120.30 -4.92 0.50 N 
2 1 NE A ARG 135 ? ? CZ A ARG 135 ? ? NH2 A ARG 135 ? ? 127.79 120.30 7.49  0.50 N 
3 1 CD A LYS 162 ? ? CE A LYS 162 ? ? NZ  A LYS 162 ? ? 128.80 111.70 17.10 2.30 N 
4 1 NE A ARG 208 ? ? CZ A ARG 208 ? ? NH1 A ARG 208 ? ? 115.91 120.30 -4.39 0.50 N 
5 1 NE A ARG 208 ? ? CZ A ARG 208 ? ? NH2 A ARG 208 ? ? 125.00 120.30 4.70  0.50 N 
# 
loop_
_pdbx_validate_torsion.id 
_pdbx_validate_torsion.PDB_model_num 
_pdbx_validate_torsion.auth_comp_id 
_pdbx_validate_torsion.auth_asym_id 
_pdbx_validate_torsion.auth_seq_id 
_pdbx_validate_torsion.PDB_ins_code 
_pdbx_validate_torsion.label_alt_id 
_pdbx_validate_torsion.phi 
_pdbx_validate_torsion.psi 
1 1 GLN A 140 ? ? -58.56  174.09 
2 1 HIS A 167 ? ? -174.86 148.47 
# 
_pdbx_validate_planes.id              1 
_pdbx_validate_planes.PDB_model_num   1 
_pdbx_validate_planes.auth_comp_id    GLN 
_pdbx_validate_planes.auth_asym_id    A 
_pdbx_validate_planes.auth_seq_id     109 
_pdbx_validate_planes.PDB_ins_code    ? 
_pdbx_validate_planes.label_alt_id    ? 
_pdbx_validate_planes.rmsd            0.074 
_pdbx_validate_planes.type            'SIDE CHAIN' 
# 
loop_
_chem_comp_atom.comp_id 
_chem_comp_atom.atom_id 
_chem_comp_atom.type_symbol 
_chem_comp_atom.pdbx_aromatic_flag 
_chem_comp_atom.pdbx_stereo_config 
_chem_comp_atom.pdbx_ordinal 
ALA N    N  N N 1   
ALA CA   C  N S 2   
ALA C    C  N N 3   
ALA O    O  N N 4   
ALA CB   C  N N 5   
ALA OXT  O  N N 6   
ALA H    H  N N 7   
ALA H2   H  N N 8   
ALA HA   H  N N 9   
ALA HB1  H  N N 10  
ALA HB2  H  N N 11  
ALA HB3  H  N N 12  
ALA HXT  H  N N 13  
ARG N    N  N N 14  
ARG CA   C  N S 15  
ARG C    C  N N 16  
ARG O    O  N N 17  
ARG CB   C  N N 18  
ARG CG   C  N N 19  
ARG CD   C  N N 20  
ARG NE   N  N N 21  
ARG CZ   C  N N 22  
ARG NH1  N  N N 23  
ARG NH2  N  N N 24  
ARG OXT  O  N N 25  
ARG H    H  N N 26  
ARG H2   H  N N 27  
ARG HA   H  N N 28  
ARG HB2  H  N N 29  
ARG HB3  H  N N 30  
ARG HG2  H  N N 31  
ARG HG3  H  N N 32  
ARG HD2  H  N N 33  
ARG HD3  H  N N 34  
ARG HE   H  N N 35  
ARG HH11 H  N N 36  
ARG HH12 H  N N 37  
ARG HH21 H  N N 38  
ARG HH22 H  N N 39  
ARG HXT  H  N N 40  
ASN N    N  N N 41  
ASN CA   C  N S 42  
ASN C    C  N N 43  
ASN O    O  N N 44  
ASN CB   C  N N 45  
ASN CG   C  N N 46  
ASN OD1  O  N N 47  
ASN ND2  N  N N 48  
ASN OXT  O  N N 49  
ASN H    H  N N 50  
ASN H2   H  N N 51  
ASN HA   H  N N 52  
ASN HB2  H  N N 53  
ASN HB3  H  N N 54  
ASN HD21 H  N N 55  
ASN HD22 H  N N 56  
ASN HXT  H  N N 57  
ASP N    N  N N 58  
ASP CA   C  N S 59  
ASP C    C  N N 60  
ASP O    O  N N 61  
ASP CB   C  N N 62  
ASP CG   C  N N 63  
ASP OD1  O  N N 64  
ASP OD2  O  N N 65  
ASP OXT  O  N N 66  
ASP H    H  N N 67  
ASP H2   H  N N 68  
ASP HA   H  N N 69  
ASP HB2  H  N N 70  
ASP HB3  H  N N 71  
ASP HD2  H  N N 72  
ASP HXT  H  N N 73  
GLN N    N  N N 74  
GLN CA   C  N S 75  
GLN C    C  N N 76  
GLN O    O  N N 77  
GLN CB   C  N N 78  
GLN CG   C  N N 79  
GLN CD   C  N N 80  
GLN OE1  O  N N 81  
GLN NE2  N  N N 82  
GLN OXT  O  N N 83  
GLN H    H  N N 84  
GLN H2   H  N N 85  
GLN HA   H  N N 86  
GLN HB2  H  N N 87  
GLN HB3  H  N N 88  
GLN HG2  H  N N 89  
GLN HG3  H  N N 90  
GLN HE21 H  N N 91  
GLN HE22 H  N N 92  
GLN HXT  H  N N 93  
GLU N    N  N N 94  
GLU CA   C  N S 95  
GLU C    C  N N 96  
GLU O    O  N N 97  
GLU CB   C  N N 98  
GLU CG   C  N N 99  
GLU CD   C  N N 100 
GLU OE1  O  N N 101 
GLU OE2  O  N N 102 
GLU OXT  O  N N 103 
GLU H    H  N N 104 
GLU H2   H  N N 105 
GLU HA   H  N N 106 
GLU HB2  H  N N 107 
GLU HB3  H  N N 108 
GLU HG2  H  N N 109 
GLU HG3  H  N N 110 
GLU HE2  H  N N 111 
GLU HXT  H  N N 112 
GLY N    N  N N 113 
GLY CA   C  N N 114 
GLY C    C  N N 115 
GLY O    O  N N 116 
GLY OXT  O  N N 117 
GLY H    H  N N 118 
GLY H2   H  N N 119 
GLY HA2  H  N N 120 
GLY HA3  H  N N 121 
GLY HXT  H  N N 122 
HIS N    N  N N 123 
HIS CA   C  N S 124 
HIS C    C  N N 125 
HIS O    O  N N 126 
HIS CB   C  N N 127 
HIS CG   C  Y N 128 
HIS ND1  N  Y N 129 
HIS CD2  C  Y N 130 
HIS CE1  C  Y N 131 
HIS NE2  N  Y N 132 
HIS OXT  O  N N 133 
HIS H    H  N N 134 
HIS H2   H  N N 135 
HIS HA   H  N N 136 
HIS HB2  H  N N 137 
HIS HB3  H  N N 138 
HIS HD1  H  N N 139 
HIS HD2  H  N N 140 
HIS HE1  H  N N 141 
HIS HE2  H  N N 142 
HIS HXT  H  N N 143 
HOH O    O  N N 144 
HOH H1   H  N N 145 
HOH H2   H  N N 146 
ILE N    N  N N 147 
ILE CA   C  N S 148 
ILE C    C  N N 149 
ILE O    O  N N 150 
ILE CB   C  N S 151 
ILE CG1  C  N N 152 
ILE CG2  C  N N 153 
ILE CD1  C  N N 154 
ILE OXT  O  N N 155 
ILE H    H  N N 156 
ILE H2   H  N N 157 
ILE HA   H  N N 158 
ILE HB   H  N N 159 
ILE HG12 H  N N 160 
ILE HG13 H  N N 161 
ILE HG21 H  N N 162 
ILE HG22 H  N N 163 
ILE HG23 H  N N 164 
ILE HD11 H  N N 165 
ILE HD12 H  N N 166 
ILE HD13 H  N N 167 
ILE HXT  H  N N 168 
LEU N    N  N N 169 
LEU CA   C  N S 170 
LEU C    C  N N 171 
LEU O    O  N N 172 
LEU CB   C  N N 173 
LEU CG   C  N N 174 
LEU CD1  C  N N 175 
LEU CD2  C  N N 176 
LEU OXT  O  N N 177 
LEU H    H  N N 178 
LEU H2   H  N N 179 
LEU HA   H  N N 180 
LEU HB2  H  N N 181 
LEU HB3  H  N N 182 
LEU HG   H  N N 183 
LEU HD11 H  N N 184 
LEU HD12 H  N N 185 
LEU HD13 H  N N 186 
LEU HD21 H  N N 187 
LEU HD22 H  N N 188 
LEU HD23 H  N N 189 
LEU HXT  H  N N 190 
LYS N    N  N N 191 
LYS CA   C  N S 192 
LYS C    C  N N 193 
LYS O    O  N N 194 
LYS CB   C  N N 195 
LYS CG   C  N N 196 
LYS CD   C  N N 197 
LYS CE   C  N N 198 
LYS NZ   N  N N 199 
LYS OXT  O  N N 200 
LYS H    H  N N 201 
LYS H2   H  N N 202 
LYS HA   H  N N 203 
LYS HB2  H  N N 204 
LYS HB3  H  N N 205 
LYS HG2  H  N N 206 
LYS HG3  H  N N 207 
LYS HD2  H  N N 208 
LYS HD3  H  N N 209 
LYS HE2  H  N N 210 
LYS HE3  H  N N 211 
LYS HZ1  H  N N 212 
LYS HZ2  H  N N 213 
LYS HZ3  H  N N 214 
LYS HXT  H  N N 215 
MET N    N  N N 216 
MET CA   C  N S 217 
MET C    C  N N 218 
MET O    O  N N 219 
MET CB   C  N N 220 
MET CG   C  N N 221 
MET SD   S  N N 222 
MET CE   C  N N 223 
MET OXT  O  N N 224 
MET H    H  N N 225 
MET H2   H  N N 226 
MET HA   H  N N 227 
MET HB2  H  N N 228 
MET HB3  H  N N 229 
MET HG2  H  N N 230 
MET HG3  H  N N 231 
MET HE1  H  N N 232 
MET HE2  H  N N 233 
MET HE3  H  N N 234 
MET HXT  H  N N 235 
PHE N    N  N N 236 
PHE CA   C  N S 237 
PHE C    C  N N 238 
PHE O    O  N N 239 
PHE CB   C  N N 240 
PHE CG   C  Y N 241 
PHE CD1  C  Y N 242 
PHE CD2  C  Y N 243 
PHE CE1  C  Y N 244 
PHE CE2  C  Y N 245 
PHE CZ   C  Y N 246 
PHE OXT  O  N N 247 
PHE H    H  N N 248 
PHE H2   H  N N 249 
PHE HA   H  N N 250 
PHE HB2  H  N N 251 
PHE HB3  H  N N 252 
PHE HD1  H  N N 253 
PHE HD2  H  N N 254 
PHE HE1  H  N N 255 
PHE HE2  H  N N 256 
PHE HZ   H  N N 257 
PHE HXT  H  N N 258 
PRO N    N  N N 259 
PRO CA   C  N S 260 
PRO C    C  N N 261 
PRO O    O  N N 262 
PRO CB   C  N N 263 
PRO CG   C  N N 264 
PRO CD   C  N N 265 
PRO OXT  O  N N 266 
PRO H    H  N N 267 
PRO HA   H  N N 268 
PRO HB2  H  N N 269 
PRO HB3  H  N N 270 
PRO HG2  H  N N 271 
PRO HG3  H  N N 272 
PRO HD2  H  N N 273 
PRO HD3  H  N N 274 
PRO HXT  H  N N 275 
SER N    N  N N 276 
SER CA   C  N S 277 
SER C    C  N N 278 
SER O    O  N N 279 
SER CB   C  N N 280 
SER OG   O  N N 281 
SER OXT  O  N N 282 
SER H    H  N N 283 
SER H2   H  N N 284 
SER HA   H  N N 285 
SER HB2  H  N N 286 
SER HB3  H  N N 287 
SER HG   H  N N 288 
SER HXT  H  N N 289 
THR N    N  N N 290 
THR CA   C  N S 291 
THR C    C  N N 292 
THR O    O  N N 293 
THR CB   C  N R 294 
THR OG1  O  N N 295 
THR CG2  C  N N 296 
THR OXT  O  N N 297 
THR H    H  N N 298 
THR H2   H  N N 299 
THR HA   H  N N 300 
THR HB   H  N N 301 
THR HG1  H  N N 302 
THR HG21 H  N N 303 
THR HG22 H  N N 304 
THR HG23 H  N N 305 
THR HXT  H  N N 306 
TRP N    N  N N 307 
TRP CA   C  N S 308 
TRP C    C  N N 309 
TRP O    O  N N 310 
TRP CB   C  N N 311 
TRP CG   C  Y N 312 
TRP CD1  C  Y N 313 
TRP CD2  C  Y N 314 
TRP NE1  N  Y N 315 
TRP CE2  C  Y N 316 
TRP CE3  C  Y N 317 
TRP CZ2  C  Y N 318 
TRP CZ3  C  Y N 319 
TRP CH2  C  Y N 320 
TRP OXT  O  N N 321 
TRP H    H  N N 322 
TRP H2   H  N N 323 
TRP HA   H  N N 324 
TRP HB2  H  N N 325 
TRP HB3  H  N N 326 
TRP HD1  H  N N 327 
TRP HE1  H  N N 328 
TRP HE3  H  N N 329 
TRP HZ2  H  N N 330 
TRP HZ3  H  N N 331 
TRP HH2  H  N N 332 
TRP HXT  H  N N 333 
TYR N    N  N N 334 
TYR CA   C  N S 335 
TYR C    C  N N 336 
TYR O    O  N N 337 
TYR CB   C  N N 338 
TYR CG   C  Y N 339 
TYR CD1  C  Y N 340 
TYR CD2  C  Y N 341 
TYR CE1  C  Y N 342 
TYR CE2  C  Y N 343 
TYR CZ   C  Y N 344 
TYR OH   O  N N 345 
TYR OXT  O  N N 346 
TYR H    H  N N 347 
TYR H2   H  N N 348 
TYR HA   H  N N 349 
TYR HB2  H  N N 350 
TYR HB3  H  N N 351 
TYR HD1  H  N N 352 
TYR HD2  H  N N 353 
TYR HE1  H  N N 354 
TYR HE2  H  N N 355 
TYR HH   H  N N 356 
TYR HXT  H  N N 357 
VAL N    N  N N 358 
VAL CA   C  N S 359 
VAL C    C  N N 360 
VAL O    O  N N 361 
VAL CB   C  N N 362 
VAL CG1  C  N N 363 
VAL CG2  C  N N 364 
VAL OXT  O  N N 365 
VAL H    H  N N 366 
VAL H2   H  N N 367 
VAL HA   H  N N 368 
VAL HB   H  N N 369 
VAL HG11 H  N N 370 
VAL HG12 H  N N 371 
VAL HG13 H  N N 372 
VAL HG21 H  N N 373 
VAL HG22 H  N N 374 
VAL HG23 H  N N 375 
VAL HXT  H  N N 376 
ZN  ZN   ZN N N 377 
# 
loop_
_chem_comp_bond.comp_id 
_chem_comp_bond.atom_id_1 
_chem_comp_bond.atom_id_2 
_chem_comp_bond.value_order 
_chem_comp_bond.pdbx_aromatic_flag 
_chem_comp_bond.pdbx_stereo_config 
_chem_comp_bond.pdbx_ordinal 
ALA N   CA   sing N N 1   
ALA N   H    sing N N 2   
ALA N   H2   sing N N 3   
ALA CA  C    sing N N 4   
ALA CA  CB   sing N N 5   
ALA CA  HA   sing N N 6   
ALA C   O    doub N N 7   
ALA C   OXT  sing N N 8   
ALA CB  HB1  sing N N 9   
ALA CB  HB2  sing N N 10  
ALA CB  HB3  sing N N 11  
ALA OXT HXT  sing N N 12  
ARG N   CA   sing N N 13  
ARG N   H    sing N N 14  
ARG N   H2   sing N N 15  
ARG CA  C    sing N N 16  
ARG CA  CB   sing N N 17  
ARG CA  HA   sing N N 18  
ARG C   O    doub N N 19  
ARG C   OXT  sing N N 20  
ARG CB  CG   sing N N 21  
ARG CB  HB2  sing N N 22  
ARG CB  HB3  sing N N 23  
ARG CG  CD   sing N N 24  
ARG CG  HG2  sing N N 25  
ARG CG  HG3  sing N N 26  
ARG CD  NE   sing N N 27  
ARG CD  HD2  sing N N 28  
ARG CD  HD3  sing N N 29  
ARG NE  CZ   sing N N 30  
ARG NE  HE   sing N N 31  
ARG CZ  NH1  sing N N 32  
ARG CZ  NH2  doub N N 33  
ARG NH1 HH11 sing N N 34  
ARG NH1 HH12 sing N N 35  
ARG NH2 HH21 sing N N 36  
ARG NH2 HH22 sing N N 37  
ARG OXT HXT  sing N N 38  
ASN N   CA   sing N N 39  
ASN N   H    sing N N 40  
ASN N   H2   sing N N 41  
ASN CA  C    sing N N 42  
ASN CA  CB   sing N N 43  
ASN CA  HA   sing N N 44  
ASN C   O    doub N N 45  
ASN C   OXT  sing N N 46  
ASN CB  CG   sing N N 47  
ASN CB  HB2  sing N N 48  
ASN CB  HB3  sing N N 49  
ASN CG  OD1  doub N N 50  
ASN CG  ND2  sing N N 51  
ASN ND2 HD21 sing N N 52  
ASN ND2 HD22 sing N N 53  
ASN OXT HXT  sing N N 54  
ASP N   CA   sing N N 55  
ASP N   H    sing N N 56  
ASP N   H2   sing N N 57  
ASP CA  C    sing N N 58  
ASP CA  CB   sing N N 59  
ASP CA  HA   sing N N 60  
ASP C   O    doub N N 61  
ASP C   OXT  sing N N 62  
ASP CB  CG   sing N N 63  
ASP CB  HB2  sing N N 64  
ASP CB  HB3  sing N N 65  
ASP CG  OD1  doub N N 66  
ASP CG  OD2  sing N N 67  
ASP OD2 HD2  sing N N 68  
ASP OXT HXT  sing N N 69  
GLN N   CA   sing N N 70  
GLN N   H    sing N N 71  
GLN N   H2   sing N N 72  
GLN CA  C    sing N N 73  
GLN CA  CB   sing N N 74  
GLN CA  HA   sing N N 75  
GLN C   O    doub N N 76  
GLN C   OXT  sing N N 77  
GLN CB  CG   sing N N 78  
GLN CB  HB2  sing N N 79  
GLN CB  HB3  sing N N 80  
GLN CG  CD   sing N N 81  
GLN CG  HG2  sing N N 82  
GLN CG  HG3  sing N N 83  
GLN CD  OE1  doub N N 84  
GLN CD  NE2  sing N N 85  
GLN NE2 HE21 sing N N 86  
GLN NE2 HE22 sing N N 87  
GLN OXT HXT  sing N N 88  
GLU N   CA   sing N N 89  
GLU N   H    sing N N 90  
GLU N   H2   sing N N 91  
GLU CA  C    sing N N 92  
GLU CA  CB   sing N N 93  
GLU CA  HA   sing N N 94  
GLU C   O    doub N N 95  
GLU C   OXT  sing N N 96  
GLU CB  CG   sing N N 97  
GLU CB  HB2  sing N N 98  
GLU CB  HB3  sing N N 99  
GLU CG  CD   sing N N 100 
GLU CG  HG2  sing N N 101 
GLU CG  HG3  sing N N 102 
GLU CD  OE1  doub N N 103 
GLU CD  OE2  sing N N 104 
GLU OE2 HE2  sing N N 105 
GLU OXT HXT  sing N N 106 
GLY N   CA   sing N N 107 
GLY N   H    sing N N 108 
GLY N   H2   sing N N 109 
GLY CA  C    sing N N 110 
GLY CA  HA2  sing N N 111 
GLY CA  HA3  sing N N 112 
GLY C   O    doub N N 113 
GLY C   OXT  sing N N 114 
GLY OXT HXT  sing N N 115 
HIS N   CA   sing N N 116 
HIS N   H    sing N N 117 
HIS N   H2   sing N N 118 
HIS CA  C    sing N N 119 
HIS CA  CB   sing N N 120 
HIS CA  HA   sing N N 121 
HIS C   O    doub N N 122 
HIS C   OXT  sing N N 123 
HIS CB  CG   sing N N 124 
HIS CB  HB2  sing N N 125 
HIS CB  HB3  sing N N 126 
HIS CG  ND1  sing Y N 127 
HIS CG  CD2  doub Y N 128 
HIS ND1 CE1  doub Y N 129 
HIS ND1 HD1  sing N N 130 
HIS CD2 NE2  sing Y N 131 
HIS CD2 HD2  sing N N 132 
HIS CE1 NE2  sing Y N 133 
HIS CE1 HE1  sing N N 134 
HIS NE2 HE2  sing N N 135 
HIS OXT HXT  sing N N 136 
HOH O   H1   sing N N 137 
HOH O   H2   sing N N 138 
ILE N   CA   sing N N 139 
ILE N   H    sing N N 140 
ILE N   H2   sing N N 141 
ILE CA  C    sing N N 142 
ILE CA  CB   sing N N 143 
ILE CA  HA   sing N N 144 
ILE C   O    doub N N 145 
ILE C   OXT  sing N N 146 
ILE CB  CG1  sing N N 147 
ILE CB  CG2  sing N N 148 
ILE CB  HB   sing N N 149 
ILE CG1 CD1  sing N N 150 
ILE CG1 HG12 sing N N 151 
ILE CG1 HG13 sing N N 152 
ILE CG2 HG21 sing N N 153 
ILE CG2 HG22 sing N N 154 
ILE CG2 HG23 sing N N 155 
ILE CD1 HD11 sing N N 156 
ILE CD1 HD12 sing N N 157 
ILE CD1 HD13 sing N N 158 
ILE OXT HXT  sing N N 159 
LEU N   CA   sing N N 160 
LEU N   H    sing N N 161 
LEU N   H2   sing N N 162 
LEU CA  C    sing N N 163 
LEU CA  CB   sing N N 164 
LEU CA  HA   sing N N 165 
LEU C   O    doub N N 166 
LEU C   OXT  sing N N 167 
LEU CB  CG   sing N N 168 
LEU CB  HB2  sing N N 169 
LEU CB  HB3  sing N N 170 
LEU CG  CD1  sing N N 171 
LEU CG  CD2  sing N N 172 
LEU CG  HG   sing N N 173 
LEU CD1 HD11 sing N N 174 
LEU CD1 HD12 sing N N 175 
LEU CD1 HD13 sing N N 176 
LEU CD2 HD21 sing N N 177 
LEU CD2 HD22 sing N N 178 
LEU CD2 HD23 sing N N 179 
LEU OXT HXT  sing N N 180 
LYS N   CA   sing N N 181 
LYS N   H    sing N N 182 
LYS N   H2   sing N N 183 
LYS CA  C    sing N N 184 
LYS CA  CB   sing N N 185 
LYS CA  HA   sing N N 186 
LYS C   O    doub N N 187 
LYS C   OXT  sing N N 188 
LYS CB  CG   sing N N 189 
LYS CB  HB2  sing N N 190 
LYS CB  HB3  sing N N 191 
LYS CG  CD   sing N N 192 
LYS CG  HG2  sing N N 193 
LYS CG  HG3  sing N N 194 
LYS CD  CE   sing N N 195 
LYS CD  HD2  sing N N 196 
LYS CD  HD3  sing N N 197 
LYS CE  NZ   sing N N 198 
LYS CE  HE2  sing N N 199 
LYS CE  HE3  sing N N 200 
LYS NZ  HZ1  sing N N 201 
LYS NZ  HZ2  sing N N 202 
LYS NZ  HZ3  sing N N 203 
LYS OXT HXT  sing N N 204 
MET N   CA   sing N N 205 
MET N   H    sing N N 206 
MET N   H2   sing N N 207 
MET CA  C    sing N N 208 
MET CA  CB   sing N N 209 
MET CA  HA   sing N N 210 
MET C   O    doub N N 211 
MET C   OXT  sing N N 212 
MET CB  CG   sing N N 213 
MET CB  HB2  sing N N 214 
MET CB  HB3  sing N N 215 
MET CG  SD   sing N N 216 
MET CG  HG2  sing N N 217 
MET CG  HG3  sing N N 218 
MET SD  CE   sing N N 219 
MET CE  HE1  sing N N 220 
MET CE  HE2  sing N N 221 
MET CE  HE3  sing N N 222 
MET OXT HXT  sing N N 223 
PHE N   CA   sing N N 224 
PHE N   H    sing N N 225 
PHE N   H2   sing N N 226 
PHE CA  C    sing N N 227 
PHE CA  CB   sing N N 228 
PHE CA  HA   sing N N 229 
PHE C   O    doub N N 230 
PHE C   OXT  sing N N 231 
PHE CB  CG   sing N N 232 
PHE CB  HB2  sing N N 233 
PHE CB  HB3  sing N N 234 
PHE CG  CD1  doub Y N 235 
PHE CG  CD2  sing Y N 236 
PHE CD1 CE1  sing Y N 237 
PHE CD1 HD1  sing N N 238 
PHE CD2 CE2  doub Y N 239 
PHE CD2 HD2  sing N N 240 
PHE CE1 CZ   doub Y N 241 
PHE CE1 HE1  sing N N 242 
PHE CE2 CZ   sing Y N 243 
PHE CE2 HE2  sing N N 244 
PHE CZ  HZ   sing N N 245 
PHE OXT HXT  sing N N 246 
PRO N   CA   sing N N 247 
PRO N   CD   sing N N 248 
PRO N   H    sing N N 249 
PRO CA  C    sing N N 250 
PRO CA  CB   sing N N 251 
PRO CA  HA   sing N N 252 
PRO C   O    doub N N 253 
PRO C   OXT  sing N N 254 
PRO CB  CG   sing N N 255 
PRO CB  HB2  sing N N 256 
PRO CB  HB3  sing N N 257 
PRO CG  CD   sing N N 258 
PRO CG  HG2  sing N N 259 
PRO CG  HG3  sing N N 260 
PRO CD  HD2  sing N N 261 
PRO CD  HD3  sing N N 262 
PRO OXT HXT  sing N N 263 
SER N   CA   sing N N 264 
SER N   H    sing N N 265 
SER N   H2   sing N N 266 
SER CA  C    sing N N 267 
SER CA  CB   sing N N 268 
SER CA  HA   sing N N 269 
SER C   O    doub N N 270 
SER C   OXT  sing N N 271 
SER CB  OG   sing N N 272 
SER CB  HB2  sing N N 273 
SER CB  HB3  sing N N 274 
SER OG  HG   sing N N 275 
SER OXT HXT  sing N N 276 
THR N   CA   sing N N 277 
THR N   H    sing N N 278 
THR N   H2   sing N N 279 
THR CA  C    sing N N 280 
THR CA  CB   sing N N 281 
THR CA  HA   sing N N 282 
THR C   O    doub N N 283 
THR C   OXT  sing N N 284 
THR CB  OG1  sing N N 285 
THR CB  CG2  sing N N 286 
THR CB  HB   sing N N 287 
THR OG1 HG1  sing N N 288 
THR CG2 HG21 sing N N 289 
THR CG2 HG22 sing N N 290 
THR CG2 HG23 sing N N 291 
THR OXT HXT  sing N N 292 
TRP N   CA   sing N N 293 
TRP N   H    sing N N 294 
TRP N   H2   sing N N 295 
TRP CA  C    sing N N 296 
TRP CA  CB   sing N N 297 
TRP CA  HA   sing N N 298 
TRP C   O    doub N N 299 
TRP C   OXT  sing N N 300 
TRP CB  CG   sing N N 301 
TRP CB  HB2  sing N N 302 
TRP CB  HB3  sing N N 303 
TRP CG  CD1  doub Y N 304 
TRP CG  CD2  sing Y N 305 
TRP CD1 NE1  sing Y N 306 
TRP CD1 HD1  sing N N 307 
TRP CD2 CE2  doub Y N 308 
TRP CD2 CE3  sing Y N 309 
TRP NE1 CE2  sing Y N 310 
TRP NE1 HE1  sing N N 311 
TRP CE2 CZ2  sing Y N 312 
TRP CE3 CZ3  doub Y N 313 
TRP CE3 HE3  sing N N 314 
TRP CZ2 CH2  doub Y N 315 
TRP CZ2 HZ2  sing N N 316 
TRP CZ3 CH2  sing Y N 317 
TRP CZ3 HZ3  sing N N 318 
TRP CH2 HH2  sing N N 319 
TRP OXT HXT  sing N N 320 
TYR N   CA   sing N N 321 
TYR N   H    sing N N 322 
TYR N   H2   sing N N 323 
TYR CA  C    sing N N 324 
TYR CA  CB   sing N N 325 
TYR CA  HA   sing N N 326 
TYR C   O    doub N N 327 
TYR C   OXT  sing N N 328 
TYR CB  CG   sing N N 329 
TYR CB  HB2  sing N N 330 
TYR CB  HB3  sing N N 331 
TYR CG  CD1  doub Y N 332 
TYR CG  CD2  sing Y N 333 
TYR CD1 CE1  sing Y N 334 
TYR CD1 HD1  sing N N 335 
TYR CD2 CE2  doub Y N 336 
TYR CD2 HD2  sing N N 337 
TYR CE1 CZ   doub Y N 338 
TYR CE1 HE1  sing N N 339 
TYR CE2 CZ   sing Y N 340 
TYR CE2 HE2  sing N N 341 
TYR CZ  OH   sing N N 342 
TYR OH  HH   sing N N 343 
TYR OXT HXT  sing N N 344 
VAL N   CA   sing N N 345 
VAL N   H    sing N N 346 
VAL N   H2   sing N N 347 
VAL CA  C    sing N N 348 
VAL CA  CB   sing N N 349 
VAL CA  HA   sing N N 350 
VAL C   O    doub N N 351 
VAL C   OXT  sing N N 352 
VAL CB  CG1  sing N N 353 
VAL CB  CG2  sing N N 354 
VAL CB  HB   sing N N 355 
VAL CG1 HG11 sing N N 356 
VAL CG1 HG12 sing N N 357 
VAL CG1 HG13 sing N N 358 
VAL CG2 HG21 sing N N 359 
VAL CG2 HG22 sing N N 360 
VAL CG2 HG23 sing N N 361 
VAL OXT HXT  sing N N 362 
# 
loop_
_pdbx_entity_nonpoly.entity_id 
_pdbx_entity_nonpoly.name 
_pdbx_entity_nonpoly.comp_id 
2 'ZINC ION' ZN  
3 water      HOH 
# 
_pdbx_initial_refinement_model.id               1 
_pdbx_initial_refinement_model.entity_id_list   ? 
_pdbx_initial_refinement_model.type             'experimental model' 
_pdbx_initial_refinement_model.source_name      PDB 
_pdbx_initial_refinement_model.accession_code   1F35 
_pdbx_initial_refinement_model.details          'PDB ENTRY 1F35' 
# 
